data_9U8C
#
_entry.id   9U8C
#
_cell.length_a   88.228
_cell.length_b   102.161
_cell.length_c   414.396
_cell.angle_alpha   90.000
_cell.angle_beta   90.000
_cell.angle_gamma   90.000
#
_symmetry.space_group_name_H-M   'P 21 21 21'
#
loop_
_entity.id
_entity.type
_entity.pdbx_description
1 polymer 'Epidermal growth factor receptor'
2 non-polymer ~{N}-[5-[[6-[(3~{R})-3-[3,5-bis(fluoranyl)phenyl]-1,2-oxazolidin-2-yl]pyrimidin-4-yl]amino]-2-[4-(4-cyclopropylpiperazin-1-yl)piperidin-1-yl]-4-methoxy-phenyl]propanamide
#
_entity_poly.entity_id   1
_entity_poly.type   'polypeptide(L)'
_entity_poly.pdbx_seq_one_letter_code
;GAMDPEFMGEAPNQALLRILKETEFKKIKVLGSGAFGTVYKGLWIPEGEKVKIPVAIKELREATSPKANKEILDEAYVMA
SVDNPGNPHVCRLLGICLTSTVQLITQLMPFGCLLDYVREHKDNIGSQYLLNWCVQIAKGMNYLEDRRLVHRDLAARNVL
VKTPQHVKITDFGLAKLLGAEEKEYHAEGGKVPIKWMALESILHRIYTHQSDVWSYGVTVWELMTFGSKPYDGIPASEIS
SILEKGERLPQPPICTIDVYMIMVKCWMIDADSRPKFRELIIEFSKMARDPQRYLVIQGDERMHLPSPTDSNFYRALMDE
EDMDDVVDADEYLIPQQG
;
_entity_poly.pdbx_strand_id   A,B,C,D,E
#
loop_
_chem_comp.id
_chem_comp.type
_chem_comp.name
_chem_comp.formula
A1L8T non-polymer ~{N}-[5-[[6-[(3~{R})-3-[3,5-bis(fluoranyl)phenyl]-1,2-oxazolidin-2-yl]pyrimidin-4-yl]amino]-2-[4-(4-cyclopropylpiperazin-1-yl)piperidin-1-yl]-4-methoxy-phenyl]propanamide 'C35 H44 F2 N8 O3'
#
# COMPACT_ATOMS: atom_id res chain seq x y z
N GLY A 9 45.10 11.51 -34.65
CA GLY A 9 45.44 11.47 -33.24
C GLY A 9 45.86 10.09 -32.77
N GLU A 10 45.05 9.46 -31.92
CA GLU A 10 45.37 8.12 -31.44
C GLU A 10 44.72 6.99 -32.24
N ALA A 11 44.22 5.97 -31.55
CA ALA A 11 43.77 4.69 -32.10
C ALA A 11 42.33 4.40 -31.68
N PRO A 12 41.53 3.80 -32.55
CA PRO A 12 40.17 3.40 -32.14
C PRO A 12 40.24 2.28 -31.12
N ASN A 13 39.58 2.49 -29.96
CA ASN A 13 39.51 1.44 -28.96
C ASN A 13 38.46 0.42 -29.33
N GLN A 14 37.34 0.89 -29.91
CA GLN A 14 36.23 0.07 -30.36
C GLN A 14 35.78 -0.95 -29.32
N ALA A 15 36.17 -0.77 -28.07
CA ALA A 15 35.60 -1.58 -27.00
C ALA A 15 34.09 -1.44 -27.09
N LEU A 16 33.38 -2.56 -27.00
CA LEU A 16 31.96 -2.56 -27.25
C LEU A 16 31.17 -2.65 -25.95
N LEU A 17 29.93 -2.19 -26.01
CA LEU A 17 29.00 -2.31 -24.90
C LEU A 17 27.75 -2.99 -25.43
N ARG A 18 27.39 -4.12 -24.82
CA ARG A 18 26.19 -4.84 -25.19
C ARG A 18 24.98 -4.18 -24.58
N ILE A 19 23.84 -4.33 -25.24
CA ILE A 19 22.56 -3.83 -24.75
C ILE A 19 21.64 -5.02 -24.59
N LEU A 20 20.89 -5.03 -23.49
CA LEU A 20 20.11 -6.18 -23.09
C LEU A 20 18.75 -5.67 -22.67
N LYS A 21 17.78 -6.56 -22.61
CA LYS A 21 16.44 -6.17 -22.24
C LYS A 21 16.20 -6.51 -20.78
N GLU A 22 15.50 -5.61 -20.08
CA GLU A 22 15.03 -5.81 -18.71
C GLU A 22 14.52 -7.23 -18.47
N THR A 23 14.21 -7.96 -19.55
CA THR A 23 13.77 -9.34 -19.45
C THR A 23 14.89 -10.37 -19.60
N GLU A 24 16.13 -9.95 -19.85
CA GLU A 24 17.22 -10.92 -19.87
C GLU A 24 17.83 -11.13 -18.50
N PHE A 25 17.64 -10.18 -17.59
CA PHE A 25 18.18 -10.24 -16.23
C PHE A 25 17.10 -9.84 -15.24
N LYS A 26 16.78 -10.73 -14.29
CA LYS A 26 15.91 -10.35 -13.20
C LYS A 26 16.76 -9.97 -11.99
N LYS A 27 16.08 -9.59 -10.91
CA LYS A 27 16.71 -9.05 -9.71
C LYS A 27 16.46 -10.00 -8.54
N ILE A 28 17.52 -10.68 -8.06
CA ILE A 28 17.44 -11.59 -6.92
C ILE A 28 17.45 -10.86 -5.57
N LYS A 29 18.64 -10.60 -5.01
CA LYS A 29 18.78 -10.09 -3.65
C LYS A 29 19.44 -8.70 -3.65
N VAL A 30 19.04 -7.88 -2.69
CA VAL A 30 19.56 -6.51 -2.56
C VAL A 30 20.89 -6.55 -1.82
N LEU A 31 21.97 -6.38 -2.56
CA LEU A 31 23.31 -6.36 -1.97
C LEU A 31 23.55 -5.04 -1.25
N GLY A 32 24.28 -4.12 -1.90
CA GLY A 32 24.46 -2.80 -1.35
C GLY A 32 23.38 -1.87 -1.87
N SER A 33 23.38 -0.65 -1.35
CA SER A 33 22.37 0.34 -1.71
C SER A 33 22.76 1.67 -1.06
N GLY A 34 21.85 2.63 -1.15
CA GLY A 34 21.98 3.91 -0.46
C GLY A 34 22.47 5.13 -1.21
N ALA A 35 21.89 6.28 -0.85
CA ALA A 35 22.22 7.58 -1.41
C ALA A 35 22.25 7.56 -2.92
N PHE A 36 23.34 7.08 -3.48
CA PHE A 36 23.48 7.02 -4.93
C PHE A 36 22.64 5.89 -5.49
N GLY A 37 23.20 5.15 -6.44
CA GLY A 37 22.51 4.01 -7.00
C GLY A 37 22.57 2.80 -6.09
N THR A 38 21.47 2.04 -6.10
CA THR A 38 21.42 0.81 -5.34
C THR A 38 21.82 -0.34 -6.25
N VAL A 39 22.17 -1.47 -5.64
CA VAL A 39 22.74 -2.59 -6.39
C VAL A 39 22.10 -3.88 -5.90
N TYR A 40 21.91 -4.83 -6.82
CA TYR A 40 21.26 -6.09 -6.52
C TYR A 40 22.12 -7.21 -7.10
N LYS A 41 21.82 -8.44 -6.66
CA LYS A 41 22.39 -9.66 -7.20
C LYS A 41 21.34 -10.33 -8.07
N GLY A 42 21.78 -11.13 -9.03
CA GLY A 42 20.81 -11.81 -9.86
C GLY A 42 21.47 -12.78 -10.83
N LEU A 43 20.63 -13.44 -11.60
CA LEU A 43 21.07 -14.28 -12.70
C LEU A 43 20.81 -13.57 -14.02
N TRP A 44 21.50 -14.02 -15.06
CA TRP A 44 21.34 -13.43 -16.38
C TRP A 44 21.48 -14.52 -17.43
N ILE A 45 20.50 -14.62 -18.30
CA ILE A 45 20.50 -15.55 -19.42
C ILE A 45 20.72 -14.72 -20.68
N PRO A 46 21.76 -15.01 -21.47
CA PRO A 46 21.97 -14.21 -22.68
C PRO A 46 20.92 -14.51 -23.73
N GLU A 47 20.99 -13.80 -24.86
CA GLU A 47 20.07 -14.07 -25.96
C GLU A 47 20.11 -15.54 -26.34
N GLY A 48 18.95 -16.09 -26.66
CA GLY A 48 18.85 -17.51 -26.87
C GLY A 48 18.81 -18.31 -25.59
N GLU A 49 19.85 -19.09 -25.33
CA GLU A 49 19.89 -19.93 -24.13
C GLU A 49 21.31 -20.26 -23.69
N LYS A 50 21.76 -21.47 -24.03
CA LYS A 50 23.03 -22.03 -23.58
C LYS A 50 23.01 -22.29 -22.08
N VAL A 51 23.42 -21.32 -21.26
CA VAL A 51 23.64 -21.48 -19.83
C VAL A 51 23.25 -20.20 -19.09
N LYS A 52 23.08 -20.31 -17.78
CA LYS A 52 22.62 -19.23 -16.92
C LYS A 52 23.75 -18.83 -15.97
N ILE A 53 23.99 -17.53 -15.84
CA ILE A 53 25.16 -17.00 -15.14
C ILE A 53 24.77 -15.98 -14.08
N PRO A 54 25.47 -15.93 -12.95
CA PRO A 54 25.15 -14.93 -11.91
C PRO A 54 25.75 -13.57 -12.20
N VAL A 55 25.08 -12.54 -11.70
CA VAL A 55 25.37 -11.16 -12.10
C VAL A 55 24.90 -10.20 -11.02
N ALA A 56 25.57 -9.05 -10.94
CA ALA A 56 25.14 -7.92 -10.11
C ALA A 56 24.63 -6.78 -10.98
N ILE A 57 23.56 -6.11 -10.52
CA ILE A 57 22.88 -5.07 -11.30
C ILE A 57 22.77 -3.79 -10.48
N LYS A 58 23.06 -2.65 -11.12
CA LYS A 58 22.98 -1.32 -10.51
C LYS A 58 21.91 -0.50 -11.22
N GLU A 59 20.82 -0.18 -10.52
CA GLU A 59 19.75 0.65 -11.06
C GLU A 59 19.59 1.92 -10.21
N LEU A 60 19.45 3.06 -10.89
CA LEU A 60 19.47 4.35 -10.20
C LEU A 60 18.23 4.58 -9.34
N ARG A 61 17.07 4.05 -9.74
CA ARG A 61 15.79 4.26 -9.04
C ARG A 61 15.42 5.74 -8.98
N THR A 64 14.79 10.31 -14.99
CA THR A 64 14.25 10.80 -13.73
C THR A 64 14.80 12.19 -13.38
N SER A 65 16.08 12.42 -13.68
CA SER A 65 16.74 13.67 -13.31
C SER A 65 17.91 13.91 -14.26
N PRO A 66 18.04 15.11 -14.81
CA PRO A 66 19.18 15.37 -15.71
C PRO A 66 20.53 15.32 -15.00
N LYS A 67 20.61 15.79 -13.75
CA LYS A 67 21.85 15.66 -13.00
C LYS A 67 22.17 14.21 -12.67
N ALA A 68 21.14 13.43 -12.29
CA ALA A 68 21.34 12.02 -11.95
C ALA A 68 21.73 11.19 -13.16
N ASN A 69 20.99 11.34 -14.26
CA ASN A 69 21.21 10.50 -15.43
C ASN A 69 22.52 10.84 -16.14
N LYS A 70 22.93 12.11 -16.14
CA LYS A 70 24.18 12.47 -16.81
C LYS A 70 25.40 11.82 -16.18
N GLU A 71 25.39 11.63 -14.86
CA GLU A 71 26.59 11.09 -14.21
C GLU A 71 26.69 9.57 -14.36
N ILE A 72 25.58 8.85 -14.20
CA ILE A 72 25.61 7.40 -14.31
C ILE A 72 26.02 7.00 -15.72
N LEU A 73 25.78 7.89 -16.69
CA LEU A 73 26.23 7.66 -18.06
C LEU A 73 27.74 7.57 -18.12
N ASP A 74 28.42 8.60 -17.61
CA ASP A 74 29.87 8.59 -17.62
C ASP A 74 30.44 7.47 -16.77
N GLU A 75 29.72 7.06 -15.72
CA GLU A 75 30.16 5.92 -14.91
C GLU A 75 30.29 4.66 -15.74
N ALA A 76 29.30 4.38 -16.60
CA ALA A 76 29.36 3.20 -17.44
C ALA A 76 30.23 3.41 -18.67
N TYR A 77 30.31 4.65 -19.16
CA TYR A 77 31.15 4.96 -20.31
C TYR A 77 32.58 4.53 -20.06
N VAL A 78 33.18 5.02 -18.96
CA VAL A 78 34.56 4.68 -18.63
C VAL A 78 34.74 3.18 -18.51
N MET A 79 33.78 2.49 -17.90
CA MET A 79 33.94 1.05 -17.65
C MET A 79 34.13 0.27 -18.95
N ALA A 80 33.54 0.73 -20.05
CA ALA A 80 33.71 0.07 -21.34
C ALA A 80 34.87 0.64 -22.14
N SER A 81 35.15 1.92 -22.00
CA SER A 81 36.24 2.52 -22.75
C SER A 81 37.58 1.89 -22.38
N VAL A 82 37.69 1.36 -21.16
CA VAL A 82 38.88 0.66 -20.74
C VAL A 82 38.67 -0.86 -20.79
N ASP A 83 37.75 -1.33 -21.62
CA ASP A 83 37.59 -2.77 -21.79
C ASP A 83 38.64 -3.33 -22.74
N ASN A 84 39.11 -2.50 -23.70
CA ASN A 84 40.27 -2.63 -24.59
C ASN A 84 40.79 -4.08 -24.64
N PRO A 85 42.08 -4.34 -24.40
CA PRO A 85 42.43 -5.66 -23.85
C PRO A 85 41.71 -5.99 -22.56
N GLY A 86 41.69 -5.06 -21.60
CA GLY A 86 41.03 -5.32 -20.33
C GLY A 86 41.90 -6.08 -19.34
N ASN A 87 41.88 -5.64 -18.08
CA ASN A 87 42.70 -6.21 -17.03
C ASN A 87 41.91 -7.20 -16.18
N PRO A 88 42.56 -8.26 -15.69
CA PRO A 88 41.91 -9.15 -14.72
C PRO A 88 41.79 -8.56 -13.33
N HIS A 89 42.47 -7.45 -13.03
CA HIS A 89 42.29 -6.74 -11.78
C HIS A 89 41.43 -5.49 -11.93
N VAL A 90 40.75 -5.37 -13.08
CA VAL A 90 39.85 -4.25 -13.34
C VAL A 90 38.53 -4.87 -13.80
N CYS A 91 37.46 -4.59 -13.06
CA CYS A 91 36.17 -5.22 -13.32
C CYS A 91 35.62 -4.73 -14.65
N ARG A 92 35.34 -5.67 -15.54
CA ARG A 92 34.87 -5.32 -16.87
C ARG A 92 33.37 -5.09 -16.85
N LEU A 93 32.90 -4.26 -17.79
CA LEU A 93 31.48 -3.96 -17.89
C LEU A 93 30.80 -5.07 -18.68
N LEU A 94 29.85 -5.74 -18.06
CA LEU A 94 29.15 -6.81 -18.75
C LEU A 94 28.22 -6.22 -19.81
N GLY A 95 27.15 -5.58 -19.37
CA GLY A 95 26.20 -5.02 -20.30
C GLY A 95 25.43 -3.88 -19.66
N ILE A 96 24.37 -3.46 -20.36
CA ILE A 96 23.55 -2.35 -19.90
C ILE A 96 22.16 -2.47 -20.52
N CYS A 97 21.15 -2.16 -19.72
CA CYS A 97 19.76 -2.10 -20.15
C CYS A 97 19.19 -0.70 -19.88
N LEU A 98 18.42 -0.19 -20.83
CA LEU A 98 17.83 1.15 -20.75
C LEU A 98 16.35 1.06 -20.38
N THR A 99 16.07 1.07 -19.09
CA THR A 99 14.72 1.23 -18.58
C THR A 99 14.59 2.70 -18.20
N SER A 100 13.40 3.10 -17.73
CA SER A 100 13.24 4.42 -17.12
C SER A 100 14.45 4.68 -16.23
N THR A 101 14.52 3.95 -15.13
CA THR A 101 15.72 3.82 -14.32
C THR A 101 16.75 2.98 -15.08
N VAL A 102 17.83 3.62 -15.51
CA VAL A 102 18.88 2.90 -16.24
C VAL A 102 19.59 1.92 -15.32
N GLN A 103 19.91 0.73 -15.86
CA GLN A 103 20.43 -0.38 -15.08
C GLN A 103 21.77 -0.85 -15.63
N LEU A 104 22.76 -1.01 -14.74
CA LEU A 104 24.11 -1.43 -15.09
C LEU A 104 24.42 -2.82 -14.58
N ILE A 105 25.08 -3.61 -15.43
CA ILE A 105 25.32 -5.03 -15.23
C ILE A 105 26.82 -5.32 -15.27
N THR A 106 27.33 -5.99 -14.24
CA THR A 106 28.73 -6.40 -14.17
C THR A 106 28.77 -7.88 -13.75
N GLN A 107 29.95 -8.48 -13.75
CA GLN A 107 30.08 -9.83 -13.21
C GLN A 107 29.86 -9.76 -11.71
N LEU A 108 29.37 -10.87 -11.14
CA LEU A 108 29.12 -10.90 -9.71
C LEU A 108 30.34 -11.50 -9.04
N MET A 109 30.77 -10.87 -7.95
CA MET A 109 31.94 -11.30 -7.22
C MET A 109 31.45 -11.97 -5.96
N PRO A 110 31.54 -13.30 -5.86
CA PRO A 110 30.75 -14.02 -4.83
C PRO A 110 31.18 -13.74 -3.41
N PHE A 111 32.43 -13.37 -3.16
CA PHE A 111 32.94 -13.23 -1.80
C PHE A 111 32.90 -11.79 -1.30
N GLY A 112 32.15 -10.93 -1.96
CA GLY A 112 31.98 -9.57 -1.51
C GLY A 112 33.13 -8.62 -1.80
N CYS A 113 33.51 -7.85 -0.79
CA CYS A 113 34.54 -6.85 -0.96
C CYS A 113 35.62 -7.03 0.11
N LEU A 114 36.78 -6.42 -0.13
CA LEU A 114 37.91 -6.71 0.74
C LEU A 114 37.65 -6.29 2.18
N LEU A 115 37.06 -5.10 2.39
CA LEU A 115 36.74 -4.68 3.75
C LEU A 115 35.78 -5.64 4.42
N ASP A 116 34.69 -5.99 3.74
CA ASP A 116 33.76 -6.93 4.34
C ASP A 116 34.30 -8.35 4.36
N TYR A 117 35.41 -8.63 3.67
CA TYR A 117 36.08 -9.91 3.75
C TYR A 117 37.23 -9.91 4.76
N VAL A 118 38.02 -8.84 4.78
CA VAL A 118 39.15 -8.77 5.72
C VAL A 118 38.66 -8.68 7.16
N ARG A 119 37.60 -7.90 7.39
CA ARG A 119 37.04 -7.80 8.73
C ARG A 119 36.47 -9.13 9.21
N GLU A 120 36.15 -10.04 8.29
CA GLU A 120 35.54 -11.33 8.64
C GLU A 120 36.60 -12.32 9.09
N HIS A 121 37.71 -12.34 8.38
CA HIS A 121 38.90 -13.08 8.80
C HIS A 121 39.95 -12.04 9.16
N LYS A 122 39.70 -11.24 10.18
CA LYS A 122 40.66 -10.23 10.60
C LYS A 122 42.03 -10.86 10.80
N ASP A 123 42.10 -11.81 11.72
CA ASP A 123 43.26 -12.68 11.85
C ASP A 123 43.08 -13.84 10.88
N ASN A 124 44.04 -14.75 10.84
CA ASN A 124 43.95 -15.95 10.00
C ASN A 124 44.01 -15.62 8.50
N ILE A 125 44.65 -14.50 8.16
CA ILE A 125 44.90 -14.15 6.77
C ILE A 125 46.39 -14.36 6.54
N GLY A 126 46.73 -14.78 5.33
CA GLY A 126 48.09 -15.21 5.08
C GLY A 126 49.02 -14.05 4.79
N SER A 127 50.28 -14.22 5.21
CA SER A 127 51.29 -13.21 4.92
C SER A 127 51.43 -13.00 3.42
N GLN A 128 51.18 -14.05 2.64
CA GLN A 128 51.20 -13.92 1.18
C GLN A 128 49.96 -13.20 0.69
N TYR A 129 48.79 -13.67 1.11
CA TYR A 129 47.53 -13.13 0.62
C TYR A 129 47.51 -11.62 0.73
N LEU A 130 47.92 -11.10 1.89
CA LEU A 130 47.98 -9.64 2.07
C LEU A 130 48.95 -9.00 1.08
N LEU A 131 50.11 -9.62 0.86
CA LEU A 131 51.09 -9.05 -0.07
C LEU A 131 50.64 -9.18 -1.51
N ASN A 132 50.04 -10.31 -1.88
CA ASN A 132 49.54 -10.49 -3.24
C ASN A 132 48.54 -9.40 -3.62
N TRP A 133 47.56 -9.16 -2.75
CA TRP A 133 46.53 -8.16 -3.02
C TRP A 133 47.14 -6.80 -3.34
N CYS A 134 48.21 -6.44 -2.62
CA CYS A 134 48.92 -5.22 -2.97
C CYS A 134 49.44 -5.29 -4.40
N VAL A 135 50.07 -6.42 -4.75
CA VAL A 135 50.54 -6.61 -6.13
C VAL A 135 49.36 -6.51 -7.08
N GLN A 136 48.25 -7.16 -6.73
CA GLN A 136 47.09 -7.18 -7.63
C GLN A 136 46.51 -5.79 -7.82
N ILE A 137 46.12 -5.14 -6.71
CA ILE A 137 45.54 -3.81 -6.78
C ILE A 137 46.45 -2.85 -7.53
N ALA A 138 47.76 -2.95 -7.30
CA ALA A 138 48.72 -2.10 -8.00
C ALA A 138 48.75 -2.40 -9.50
N LYS A 139 48.81 -3.68 -9.86
CA LYS A 139 48.82 -4.07 -11.26
C LYS A 139 47.61 -3.52 -12.01
N GLY A 140 46.42 -3.63 -11.41
CA GLY A 140 45.23 -3.11 -12.05
C GLY A 140 45.29 -1.60 -12.23
N MET A 141 45.68 -0.89 -11.17
CA MET A 141 45.79 0.57 -11.24
C MET A 141 46.82 1.01 -12.28
N ASN A 142 47.84 0.18 -12.54
CA ASN A 142 48.77 0.50 -13.62
C ASN A 142 48.08 0.53 -14.97
N TYR A 143 47.17 -0.42 -15.21
CA TYR A 143 46.38 -0.40 -16.44
C TYR A 143 45.55 0.87 -16.53
N LEU A 144 44.90 1.24 -15.41
CA LEU A 144 44.11 2.46 -15.36
C LEU A 144 45.00 3.68 -15.59
N GLU A 145 46.17 3.70 -14.96
CA GLU A 145 47.14 4.77 -15.20
C GLU A 145 47.57 4.80 -16.65
N ASP A 146 47.70 3.63 -17.29
CA ASP A 146 48.14 3.60 -18.68
C ASP A 146 47.06 4.07 -19.63
N ARG A 147 45.79 3.83 -19.30
CA ARG A 147 44.69 4.32 -20.11
C ARG A 147 44.28 5.74 -19.70
N ARG A 148 45.20 6.47 -19.07
CA ARG A 148 45.01 7.87 -18.72
C ARG A 148 43.73 8.11 -17.90
N LEU A 149 43.45 7.20 -16.97
CA LEU A 149 42.24 7.26 -16.15
C LEU A 149 42.63 7.38 -14.69
N VAL A 150 42.02 8.31 -13.98
CA VAL A 150 42.15 8.36 -12.53
C VAL A 150 40.86 7.81 -11.93
N HIS A 151 40.95 7.29 -10.70
CA HIS A 151 39.83 6.63 -10.07
C HIS A 151 39.31 7.41 -8.87
N ARG A 152 40.17 8.18 -8.21
CA ARG A 152 39.81 9.07 -7.12
C ARG A 152 39.27 8.28 -5.93
N ASP A 153 38.24 7.46 -6.15
CA ASP A 153 37.63 6.69 -5.06
C ASP A 153 38.20 5.27 -5.05
N LEU A 154 39.45 5.16 -4.59
CA LEU A 154 40.08 3.86 -4.38
C LEU A 154 40.14 3.59 -2.89
N ALA A 155 39.53 2.49 -2.46
CA ALA A 155 39.52 2.09 -1.07
C ALA A 155 39.25 0.59 -1.00
N ALA A 156 39.34 0.05 0.22
CA ALA A 156 39.04 -1.37 0.38
C ALA A 156 37.56 -1.65 0.15
N ARG A 157 36.69 -0.67 0.46
CA ARG A 157 35.27 -0.81 0.15
C ARG A 157 35.06 -1.08 -1.33
N ASN A 158 35.86 -0.46 -2.18
CA ASN A 158 35.73 -0.57 -3.62
C ASN A 158 36.66 -1.61 -4.24
N VAL A 159 37.08 -2.62 -3.48
CA VAL A 159 37.85 -3.73 -4.03
C VAL A 159 37.11 -5.02 -3.70
N LEU A 160 36.84 -5.82 -4.73
CA LEU A 160 36.04 -7.02 -4.62
C LEU A 160 36.92 -8.24 -4.78
N VAL A 161 36.40 -9.40 -4.37
CA VAL A 161 37.17 -10.64 -4.32
C VAL A 161 36.42 -11.72 -5.10
N LYS A 162 36.91 -12.03 -6.31
CA LYS A 162 36.37 -13.15 -7.07
C LYS A 162 36.69 -14.47 -6.39
N THR A 163 37.96 -14.68 -6.07
CA THR A 163 38.43 -15.79 -5.28
C THR A 163 39.23 -15.20 -4.14
N PRO A 164 39.49 -15.98 -3.08
CA PRO A 164 40.30 -15.44 -1.97
C PRO A 164 41.67 -14.98 -2.43
N GLN A 165 42.12 -15.38 -3.62
CA GLN A 165 43.41 -14.99 -4.19
C GLN A 165 43.22 -14.15 -5.45
N HIS A 166 42.08 -13.48 -5.56
CA HIS A 166 41.77 -12.68 -6.75
C HIS A 166 40.94 -11.47 -6.32
N VAL A 167 41.50 -10.27 -6.52
CA VAL A 167 40.80 -9.04 -6.22
C VAL A 167 40.70 -8.22 -7.50
N LYS A 168 39.73 -7.31 -7.53
CA LYS A 168 39.49 -6.43 -8.67
C LYS A 168 39.06 -5.07 -8.15
N ILE A 169 39.07 -4.09 -9.04
CA ILE A 169 38.66 -2.72 -8.72
C ILE A 169 37.35 -2.44 -9.43
N THR A 170 36.47 -1.67 -8.80
CA THR A 170 35.17 -1.36 -9.40
C THR A 170 34.70 -0.02 -8.85
N ASP A 171 33.43 0.30 -9.08
CA ASP A 171 32.80 1.58 -8.69
C ASP A 171 33.57 2.77 -9.26
N PHE A 172 33.61 2.83 -10.59
CA PHE A 172 34.21 3.95 -11.30
C PHE A 172 33.29 5.17 -11.21
N GLY A 173 32.40 5.19 -10.21
CA GLY A 173 31.38 6.23 -10.15
C GLY A 173 31.93 7.64 -10.25
N LEU A 174 33.03 7.89 -9.54
CA LEU A 174 33.63 9.20 -9.52
C LEU A 174 34.82 9.31 -10.48
N ALA A 175 34.98 8.35 -11.39
CA ALA A 175 36.11 8.34 -12.31
C ALA A 175 36.04 9.53 -13.28
N LYS A 176 37.14 9.70 -14.02
CA LYS A 176 37.28 10.76 -15.00
C LYS A 176 38.50 10.44 -15.85
N LEU A 177 38.37 10.57 -17.17
CA LEU A 177 39.43 10.19 -18.10
C LEU A 177 40.28 11.40 -18.43
N LEU A 178 41.56 11.33 -18.06
CA LEU A 178 42.47 12.43 -18.34
C LEU A 178 42.99 12.28 -19.77
N GLY A 179 42.73 13.28 -20.60
CA GLY A 179 43.14 13.25 -21.98
C GLY A 179 44.60 13.64 -22.15
N ALA A 180 44.98 13.79 -23.41
CA ALA A 180 46.29 14.29 -23.76
C ALA A 180 46.49 15.67 -23.12
N GLU A 181 47.75 15.99 -22.82
CA GLU A 181 48.14 17.19 -22.08
C GLU A 181 47.61 17.14 -20.64
N GLU A 182 46.60 17.98 -20.33
CA GLU A 182 45.99 18.17 -19.02
C GLU A 182 46.31 17.09 -17.98
N LYS A 183 47.34 17.33 -17.16
CA LYS A 183 47.79 16.35 -16.17
C LYS A 183 47.07 16.46 -14.83
N GLU A 184 45.86 17.03 -14.80
CA GLU A 184 45.08 17.16 -13.57
C GLU A 184 43.62 17.38 -13.96
N TYR A 185 42.74 17.34 -12.95
CA TYR A 185 41.32 17.55 -13.19
C TYR A 185 40.68 18.22 -11.99
N HIS A 186 39.55 18.89 -12.23
CA HIS A 186 38.73 19.53 -11.21
C HIS A 186 37.29 19.17 -11.49
N ALA A 187 36.47 19.10 -10.44
CA ALA A 187 35.09 18.68 -10.69
C ALA A 187 34.18 19.21 -9.58
N GLU A 188 33.13 18.44 -9.27
CA GLU A 188 32.16 18.81 -8.25
C GLU A 188 32.88 19.16 -6.95
N GLY A 189 32.64 20.36 -6.46
CA GLY A 189 33.17 20.77 -5.17
C GLY A 189 32.48 20.08 -4.01
N GLY A 190 32.37 18.76 -4.09
CA GLY A 190 31.68 17.98 -3.08
C GLY A 190 31.41 16.57 -3.57
N LYS A 191 30.76 15.79 -2.70
CA LYS A 191 30.43 14.37 -2.94
C LYS A 191 31.71 13.53 -3.07
N VAL A 192 32.58 13.66 -2.07
CA VAL A 192 33.93 13.09 -2.10
C VAL A 192 34.26 12.31 -0.83
N PRO A 193 35.03 11.23 -0.92
CA PRO A 193 35.55 10.54 0.28
C PRO A 193 36.81 11.20 0.81
N ILE A 194 36.65 11.96 1.90
CA ILE A 194 37.73 12.83 2.37
C ILE A 194 38.89 12.03 2.98
N LYS A 195 38.60 10.94 3.69
CA LYS A 195 39.64 10.22 4.40
C LYS A 195 40.67 9.62 3.46
N TRP A 196 40.21 9.01 2.36
CA TRP A 196 41.08 8.41 1.37
C TRP A 196 41.62 9.43 0.37
N MET A 197 41.62 10.71 0.70
CA MET A 197 41.94 11.76 -0.27
C MET A 197 43.25 12.45 0.08
N ALA A 198 43.90 12.99 -0.95
CA ALA A 198 45.19 13.66 -0.83
C ALA A 198 45.00 15.14 -0.52
N LEU A 199 45.96 15.71 0.22
CA LEU A 199 45.87 17.12 0.57
C LEU A 199 45.96 18.02 -0.64
N GLU A 200 46.70 17.60 -1.67
CA GLU A 200 46.68 18.33 -2.94
C GLU A 200 45.27 18.45 -3.49
N SER A 201 44.42 17.46 -3.22
CA SER A 201 43.06 17.42 -3.73
C SER A 201 42.05 18.03 -2.75
N ILE A 202 42.19 17.71 -1.46
CA ILE A 202 41.29 18.25 -0.45
C ILE A 202 41.33 19.77 -0.46
N LEU A 203 42.50 20.34 -0.74
CA LEU A 203 42.72 21.78 -0.62
C LEU A 203 42.53 22.52 -1.94
N HIS A 204 42.87 21.92 -3.07
CA HIS A 204 42.82 22.62 -4.35
C HIS A 204 41.93 21.95 -5.36
N ARG A 205 41.24 20.87 -4.99
CA ARG A 205 40.29 20.19 -5.89
C ARG A 205 40.99 19.74 -7.16
N ILE A 206 42.29 19.48 -7.08
CA ILE A 206 43.06 19.01 -8.22
C ILE A 206 43.27 17.51 -8.03
N TYR A 207 43.31 16.78 -9.13
CA TYR A 207 43.43 15.34 -9.08
C TYR A 207 44.43 14.90 -10.13
N THR A 208 45.54 14.35 -9.69
CA THR A 208 46.57 13.82 -10.56
C THR A 208 46.49 12.30 -10.43
N HIS A 209 47.29 11.61 -11.24
CA HIS A 209 47.44 10.18 -11.01
C HIS A 209 48.05 9.94 -9.64
N GLN A 210 48.83 10.90 -9.16
CA GLN A 210 49.47 10.81 -7.86
C GLN A 210 48.50 11.01 -6.71
N SER A 211 47.33 11.63 -6.98
CA SER A 211 46.30 11.67 -5.95
C SER A 211 45.76 10.29 -5.64
N ASP A 212 45.74 9.40 -6.64
CA ASP A 212 45.30 8.02 -6.42
C ASP A 212 46.36 7.20 -5.68
N VAL A 213 47.64 7.52 -5.89
CA VAL A 213 48.71 6.87 -5.13
C VAL A 213 48.44 7.02 -3.64
N TRP A 214 48.03 8.22 -3.23
CA TRP A 214 47.64 8.47 -1.84
C TRP A 214 46.59 7.47 -1.37
N SER A 215 45.55 7.25 -2.19
CA SER A 215 44.51 6.30 -1.82
C SER A 215 45.06 4.89 -1.65
N TYR A 216 45.96 4.47 -2.54
CA TYR A 216 46.59 3.16 -2.43
C TYR A 216 47.17 2.93 -1.04
N GLY A 217 47.91 3.93 -0.53
CA GLY A 217 48.47 3.81 0.81
C GLY A 217 47.41 3.58 1.86
N VAL A 218 46.33 4.37 1.79
CA VAL A 218 45.22 4.19 2.73
C VAL A 218 44.57 2.83 2.55
N THR A 219 44.47 2.36 1.29
CA THR A 219 43.82 1.06 1.04
C THR A 219 44.60 -0.10 1.64
N VAL A 220 45.89 -0.20 1.31
CA VAL A 220 46.72 -1.25 1.90
C VAL A 220 46.69 -1.14 3.43
N TRP A 221 46.79 0.09 3.94
CA TRP A 221 46.67 0.33 5.37
C TRP A 221 45.42 -0.33 5.93
N GLU A 222 44.30 -0.21 5.22
CA GLU A 222 43.06 -0.88 5.64
C GLU A 222 43.26 -2.39 5.73
N LEU A 223 43.88 -2.98 4.70
CA LEU A 223 44.11 -4.42 4.70
C LEU A 223 45.02 -4.84 5.84
N MET A 224 46.15 -4.15 6.03
CA MET A 224 47.07 -4.55 7.09
C MET A 224 46.48 -4.34 8.47
N THR A 225 45.73 -3.26 8.67
CA THR A 225 45.04 -3.02 9.92
C THR A 225 43.80 -3.90 10.08
N PHE A 226 43.59 -4.81 9.13
CA PHE A 226 42.47 -5.75 9.14
C PHE A 226 41.14 -4.98 9.14
N GLY A 227 40.96 -4.18 8.10
CA GLY A 227 39.70 -3.47 7.96
C GLY A 227 39.40 -2.45 9.03
N SER A 228 40.39 -1.69 9.46
CA SER A 228 40.11 -0.65 10.44
C SER A 228 39.83 0.66 9.72
N LYS A 229 39.13 1.57 10.42
CA LYS A 229 38.65 2.79 9.79
C LYS A 229 39.71 3.87 9.90
N PRO A 230 40.19 4.41 8.77
CA PRO A 230 41.21 5.47 8.84
C PRO A 230 40.65 6.69 9.56
N TYR A 231 41.49 7.26 10.44
CA TYR A 231 41.13 8.44 11.22
C TYR A 231 39.77 8.27 11.90
N ASP A 232 39.63 7.15 12.63
CA ASP A 232 38.40 6.88 13.36
C ASP A 232 38.13 7.99 14.37
N GLY A 233 36.94 8.57 14.29
CA GLY A 233 36.57 9.64 15.17
C GLY A 233 37.08 10.99 14.75
N ILE A 234 38.16 11.02 13.95
CA ILE A 234 38.71 12.26 13.43
C ILE A 234 37.65 12.84 12.50
N PRO A 235 37.11 14.02 12.81
CA PRO A 235 36.06 14.60 11.96
C PRO A 235 36.60 15.02 10.60
N ALA A 236 35.81 14.75 9.56
CA ALA A 236 36.20 15.01 8.19
C ALA A 236 36.64 16.46 8.00
N SER A 237 36.08 17.37 8.81
CA SER A 237 36.36 18.79 8.73
C SER A 237 37.83 19.13 9.01
N GLU A 238 38.60 18.19 9.57
CA GLU A 238 39.94 18.48 10.04
C GLU A 238 41.06 17.76 9.30
N ILE A 239 40.75 16.82 8.40
CA ILE A 239 41.81 16.11 7.67
C ILE A 239 42.73 17.10 6.95
N SER A 240 42.19 18.22 6.48
CA SER A 240 43.04 19.27 5.92
C SER A 240 44.10 19.74 6.92
N SER A 241 43.73 19.92 8.18
CA SER A 241 44.68 20.42 9.17
C SER A 241 45.60 19.31 9.66
N ILE A 242 45.01 18.19 10.09
CA ILE A 242 45.80 17.08 10.63
C ILE A 242 46.81 16.57 9.62
N LEU A 243 46.50 16.64 8.33
CA LEU A 243 47.44 16.20 7.30
C LEU A 243 48.58 17.21 7.16
N GLU A 244 48.24 18.49 7.03
CA GLU A 244 49.26 19.53 6.94
C GLU A 244 50.08 19.62 8.21
N LYS A 245 49.49 19.29 9.36
CA LYS A 245 50.23 19.27 10.61
C LYS A 245 51.28 18.17 10.66
N GLY A 246 51.10 17.10 9.88
CA GLY A 246 52.11 16.05 9.84
C GLY A 246 51.56 14.66 10.10
N GLU A 247 50.49 14.56 10.89
CA GLU A 247 49.97 13.25 11.25
C GLU A 247 49.59 12.44 10.02
N ARG A 248 49.84 11.14 10.09
CA ARG A 248 49.41 10.21 9.07
C ARG A 248 48.93 8.95 9.78
N LEU A 249 48.36 8.03 9.01
CA LEU A 249 47.95 6.77 9.60
C LEU A 249 49.16 6.09 10.24
N PRO A 250 49.05 5.59 11.47
CA PRO A 250 50.21 5.00 12.14
C PRO A 250 50.60 3.67 11.51
N GLN A 251 51.75 3.16 11.93
CA GLN A 251 52.27 1.93 11.35
C GLN A 251 51.39 0.75 11.73
N PRO A 252 50.92 -0.04 10.75
CA PRO A 252 50.16 -1.24 11.09
C PRO A 252 51.00 -2.20 11.90
N PRO A 253 50.38 -2.98 12.78
CA PRO A 253 51.18 -3.86 13.66
C PRO A 253 52.03 -4.86 12.91
N ILE A 254 51.45 -5.56 11.93
CA ILE A 254 52.18 -6.60 11.20
C ILE A 254 53.22 -6.06 10.24
N CYS A 255 53.25 -4.75 10.00
CA CYS A 255 54.11 -4.19 8.96
C CYS A 255 55.53 -3.96 9.49
N THR A 256 56.51 -4.20 8.62
CA THR A 256 57.90 -3.85 8.85
C THR A 256 58.12 -2.40 8.44
N ILE A 257 59.28 -1.83 8.83
CA ILE A 257 59.51 -0.45 8.39
C ILE A 257 59.47 -0.41 6.87
N ASP A 258 59.86 -1.51 6.23
CA ASP A 258 59.89 -1.55 4.78
C ASP A 258 58.51 -1.33 4.18
N VAL A 259 57.49 -2.00 4.73
CA VAL A 259 56.13 -1.85 4.19
C VAL A 259 55.54 -0.49 4.57
N TYR A 260 55.57 -0.15 5.87
CA TYR A 260 55.03 1.13 6.30
C TYR A 260 55.76 2.30 5.65
N MET A 261 57.05 2.13 5.33
CA MET A 261 57.80 3.17 4.63
C MET A 261 57.17 3.50 3.29
N ILE A 262 56.60 2.49 2.62
CA ILE A 262 55.91 2.73 1.36
C ILE A 262 54.65 3.54 1.61
N MET A 263 53.84 3.14 2.60
CA MET A 263 52.65 3.90 2.96
C MET A 263 52.99 5.34 3.27
N VAL A 264 54.11 5.57 3.96
CA VAL A 264 54.50 6.92 4.32
C VAL A 264 54.98 7.68 3.10
N LYS A 265 55.76 7.04 2.22
CA LYS A 265 56.19 7.70 0.99
C LYS A 265 55.00 8.09 0.12
N CYS A 266 53.91 7.30 0.12
CA CYS A 266 52.74 7.69 -0.65
C CYS A 266 52.05 8.90 -0.03
N TRP A 267 52.01 8.97 1.30
CA TRP A 267 51.32 10.04 1.99
C TRP A 267 52.17 11.29 2.15
N MET A 268 53.23 11.43 1.35
CA MET A 268 53.98 12.67 1.37
C MET A 268 53.15 13.76 0.70
N ILE A 269 53.39 15.00 1.10
CA ILE A 269 52.61 16.12 0.55
C ILE A 269 52.89 16.28 -0.93
N ASP A 270 54.17 16.42 -1.28
CA ASP A 270 54.52 16.55 -2.69
C ASP A 270 54.13 15.27 -3.42
N ALA A 271 53.06 15.34 -4.21
CA ALA A 271 52.62 14.21 -5.00
C ALA A 271 53.67 13.82 -6.02
N ASP A 272 54.63 14.70 -6.31
CA ASP A 272 55.66 14.42 -7.30
C ASP A 272 56.71 13.45 -6.78
N SER A 273 57.01 13.51 -5.47
CA SER A 273 57.91 12.56 -4.83
C SER A 273 57.19 11.30 -4.39
N ARG A 274 55.90 11.18 -4.67
CA ARG A 274 55.19 9.98 -4.31
C ARG A 274 55.56 8.88 -5.30
N PRO A 275 55.41 7.62 -4.91
CA PRO A 275 55.80 6.52 -5.82
C PRO A 275 54.83 6.32 -6.96
N LYS A 276 55.37 5.79 -8.06
CA LYS A 276 54.58 5.42 -9.23
C LYS A 276 54.12 3.97 -9.11
N PHE A 277 53.00 3.68 -9.79
CA PHE A 277 52.38 2.37 -9.67
C PHE A 277 53.28 1.25 -10.16
N ARG A 278 54.02 1.49 -11.25
CA ARG A 278 54.93 0.47 -11.77
C ARG A 278 55.89 -0.01 -10.70
N GLU A 279 56.48 0.92 -9.93
CA GLU A 279 57.37 0.55 -8.84
C GLU A 279 56.64 -0.26 -7.79
N LEU A 280 55.37 0.06 -7.52
CA LEU A 280 54.62 -0.63 -6.49
C LEU A 280 54.42 -2.09 -6.84
N ILE A 281 54.17 -2.40 -8.11
CA ILE A 281 54.07 -3.80 -8.53
C ILE A 281 55.38 -4.53 -8.25
N ILE A 282 56.50 -3.96 -8.71
CA ILE A 282 57.80 -4.63 -8.55
C ILE A 282 58.18 -4.71 -7.08
N GLU A 283 58.09 -3.58 -6.37
CA GLU A 283 58.44 -3.57 -4.96
C GLU A 283 57.60 -4.58 -4.17
N PHE A 284 56.29 -4.66 -4.48
CA PHE A 284 55.44 -5.62 -3.79
C PHE A 284 55.54 -7.03 -4.35
N SER A 285 55.84 -7.18 -5.64
CA SER A 285 56.04 -8.52 -6.20
C SER A 285 57.25 -9.20 -5.58
N LYS A 286 58.28 -8.44 -5.26
CA LYS A 286 59.44 -8.99 -4.55
C LYS A 286 59.06 -9.48 -3.16
N MET A 287 58.34 -8.66 -2.39
CA MET A 287 57.93 -9.06 -1.04
C MET A 287 57.06 -10.31 -1.06
N ALA A 288 56.32 -10.54 -2.14
CA ALA A 288 55.48 -11.73 -2.23
C ALA A 288 56.33 -13.00 -2.20
N ARG A 289 57.57 -12.93 -2.66
CA ARG A 289 58.44 -14.09 -2.70
C ARG A 289 58.96 -14.49 -1.33
N ASP A 290 58.83 -13.62 -0.32
CA ASP A 290 59.25 -13.93 1.04
C ASP A 290 58.33 -13.17 2.00
N PRO A 291 57.12 -13.68 2.22
CA PRO A 291 56.17 -12.93 3.06
C PRO A 291 56.57 -12.84 4.52
N GLN A 292 57.19 -13.89 5.05
CA GLN A 292 57.52 -13.95 6.46
C GLN A 292 58.62 -12.96 6.86
N ARG A 293 59.42 -12.49 5.91
CA ARG A 293 60.46 -11.51 6.20
C ARG A 293 59.96 -10.08 6.17
N TYR A 294 58.79 -9.82 5.58
CA TYR A 294 58.29 -8.47 5.41
C TYR A 294 56.96 -8.21 6.12
N LEU A 295 56.41 -9.22 6.78
CA LEU A 295 55.15 -9.08 7.50
C LEU A 295 55.26 -9.95 8.73
N VAL A 296 54.80 -9.45 9.88
CA VAL A 296 54.99 -10.17 11.14
C VAL A 296 53.64 -10.69 11.62
N ILE A 297 53.13 -11.70 10.92
CA ILE A 297 51.78 -12.19 11.21
C ILE A 297 51.82 -13.17 12.37
N GLN A 298 51.01 -12.91 13.39
CA GLN A 298 50.92 -13.78 14.56
C GLN A 298 50.53 -15.18 14.11
N GLY A 299 51.52 -16.00 13.80
CA GLY A 299 51.26 -17.36 13.35
C GLY A 299 51.03 -17.47 11.87
N ASP A 300 51.97 -18.10 11.15
CA ASP A 300 51.76 -18.41 9.75
C ASP A 300 51.20 -19.82 9.63
N GLU A 301 51.77 -20.63 8.73
CA GLU A 301 51.22 -21.94 8.42
C GLU A 301 49.75 -21.80 8.02
N ARG A 302 49.50 -21.42 6.77
CA ARG A 302 48.16 -21.11 6.27
C ARG A 302 47.18 -22.25 6.48
N MET A 303 47.37 -23.35 5.74
CA MET A 303 46.57 -24.55 5.88
C MET A 303 45.10 -24.30 5.62
N HIS A 304 44.24 -25.22 6.08
CA HIS A 304 42.82 -25.22 5.74
C HIS A 304 42.01 -24.39 6.74
N LEU A 305 40.70 -24.54 6.72
CA LEU A 305 39.80 -23.76 7.56
C LEU A 305 38.78 -24.65 8.27
N GLY B 9 18.16 -46.71 33.92
CA GLY B 9 17.93 -45.78 35.01
C GLY B 9 17.34 -44.46 34.54
N GLU B 10 18.15 -43.39 34.60
CA GLU B 10 17.72 -42.08 34.11
C GLU B 10 18.12 -41.93 32.65
N ALA B 11 19.35 -41.50 32.39
CA ALA B 11 19.78 -41.19 31.05
C ALA B 11 21.30 -40.98 31.08
N PRO B 12 22.05 -41.72 30.28
CA PRO B 12 23.49 -41.46 30.19
C PRO B 12 23.72 -40.18 29.41
N ASN B 13 24.45 -39.25 30.01
CA ASN B 13 24.84 -38.01 29.34
C ASN B 13 26.05 -38.20 28.43
N GLN B 14 26.07 -39.28 27.64
CA GLN B 14 27.18 -39.66 26.74
C GLN B 14 27.97 -38.51 26.13
N ALA B 15 27.42 -37.30 26.23
CA ALA B 15 28.12 -36.11 25.78
C ALA B 15 29.53 -36.09 26.35
N LEU B 16 30.49 -35.82 25.49
CA LEU B 16 31.89 -35.85 25.85
C LEU B 16 32.48 -34.45 25.84
N LEU B 17 33.58 -34.30 26.57
CA LEU B 17 34.38 -33.09 26.58
C LEU B 17 35.82 -33.47 26.26
N ARG B 18 36.38 -32.82 25.24
CA ARG B 18 37.76 -33.06 24.89
C ARG B 18 38.68 -32.30 25.84
N ILE B 19 39.88 -32.83 26.01
CA ILE B 19 40.90 -32.19 26.83
C ILE B 19 42.09 -31.91 25.93
N LEU B 20 42.80 -30.81 26.20
CA LEU B 20 43.82 -30.33 25.27
C LEU B 20 45.03 -29.83 26.03
N LYS B 21 46.14 -29.67 25.30
CA LYS B 21 47.39 -29.15 25.84
C LYS B 21 47.55 -27.70 25.41
N GLU B 22 48.14 -26.87 26.27
CA GLU B 22 48.40 -25.47 25.93
C GLU B 22 49.45 -25.32 24.84
N THR B 23 49.88 -26.43 24.24
CA THR B 23 50.82 -26.35 23.13
C THR B 23 50.19 -26.48 21.75
N GLU B 24 48.89 -26.77 21.66
CA GLU B 24 48.25 -26.86 20.36
C GLU B 24 47.69 -25.53 19.87
N PHE B 25 47.51 -24.55 20.76
CA PHE B 25 46.93 -23.26 20.43
C PHE B 25 47.77 -22.10 20.97
N LYS B 26 48.02 -21.12 20.10
CA LYS B 26 48.63 -19.86 20.50
C LYS B 26 47.54 -18.81 20.73
N LYS B 27 47.90 -17.74 21.42
CA LYS B 27 46.97 -16.64 21.73
C LYS B 27 47.40 -15.40 20.96
N ILE B 28 46.47 -14.81 20.21
CA ILE B 28 46.73 -13.64 19.38
C ILE B 28 46.20 -12.35 19.99
N LYS B 29 44.91 -12.30 20.30
CA LYS B 29 44.28 -11.05 20.71
C LYS B 29 43.77 -11.10 22.13
N VAL B 30 43.80 -9.95 22.79
CA VAL B 30 43.33 -9.84 24.16
C VAL B 30 41.82 -9.66 24.23
N LEU B 31 41.20 -9.06 23.20
CA LEU B 31 39.77 -8.77 23.26
C LEU B 31 39.41 -8.13 24.59
N GLY B 32 38.37 -8.66 25.25
CA GLY B 32 37.98 -8.17 26.55
C GLY B 32 38.92 -8.64 27.65
N SER B 33 38.68 -8.12 28.85
CA SER B 33 39.51 -8.44 30.01
C SER B 33 38.84 -7.90 31.27
N GLY B 34 39.50 -8.08 32.41
CA GLY B 34 38.99 -7.52 33.65
C GLY B 34 38.11 -8.49 34.43
N ALA B 35 37.46 -7.95 35.46
CA ALA B 35 36.53 -8.68 36.32
C ALA B 35 37.12 -10.00 36.81
N PHE B 36 36.51 -11.12 36.42
CA PHE B 36 36.95 -12.43 36.88
C PHE B 36 38.28 -12.79 36.23
N GLY B 37 38.23 -13.28 34.99
CA GLY B 37 39.42 -13.58 34.23
C GLY B 37 39.38 -12.88 32.89
N THR B 38 40.45 -13.06 32.13
CA THR B 38 40.51 -12.48 30.80
C THR B 38 40.15 -13.54 29.75
N VAL B 39 40.05 -13.09 28.51
CA VAL B 39 39.62 -13.93 27.39
C VAL B 39 40.47 -13.57 26.19
N TYR B 40 40.77 -14.55 25.34
CA TYR B 40 41.64 -14.29 24.20
C TYR B 40 41.07 -14.87 22.92
N LYS B 41 41.63 -14.41 21.81
CA LYS B 41 41.40 -14.98 20.50
C LYS B 41 42.66 -15.71 20.07
N GLY B 42 42.49 -16.75 19.27
CA GLY B 42 43.67 -17.46 18.79
C GLY B 42 43.27 -18.57 17.84
N LEU B 43 44.30 -19.24 17.33
CA LEU B 43 44.16 -20.43 16.49
C LEU B 43 44.45 -21.69 17.28
N TRP B 44 43.99 -22.82 16.76
CA TRP B 44 44.24 -24.10 17.40
C TRP B 44 44.45 -25.15 16.31
N ILE B 45 45.57 -25.86 16.39
CA ILE B 45 45.92 -26.91 15.43
C ILE B 45 45.80 -28.26 16.13
N PRO B 46 44.97 -29.19 15.62
CA PRO B 46 44.87 -30.52 16.21
C PRO B 46 46.10 -31.39 15.87
N LYS B 50 46.91 -31.31 10.38
CA LYS B 50 46.20 -30.60 9.31
C LYS B 50 45.12 -29.67 9.86
N VAL B 51 44.58 -28.86 8.94
CA VAL B 51 43.58 -27.80 9.13
C VAL B 51 43.91 -26.86 10.28
N LYS B 52 43.43 -25.63 10.17
CA LYS B 52 43.72 -24.61 11.17
C LYS B 52 42.42 -23.91 11.52
N ILE B 53 42.08 -23.87 12.80
CA ILE B 53 40.79 -23.32 13.19
C ILE B 53 41.03 -22.33 14.33
N PRO B 54 40.40 -21.16 14.27
CA PRO B 54 40.55 -20.17 15.33
C PRO B 54 39.54 -20.39 16.46
N VAL B 55 39.90 -19.86 17.63
CA VAL B 55 39.21 -20.19 18.86
C VAL B 55 39.31 -19.02 19.83
N ALA B 56 38.34 -18.96 20.74
CA ALA B 56 38.36 -18.03 21.85
C ALA B 56 38.74 -18.78 23.11
N ILE B 57 39.56 -18.15 23.95
CA ILE B 57 40.17 -18.78 25.11
C ILE B 57 39.82 -17.98 26.34
N LYS B 58 39.25 -18.64 27.35
CA LYS B 58 38.92 -17.99 28.61
C LYS B 58 39.67 -18.69 29.75
N GLU B 59 40.68 -18.03 30.29
CA GLU B 59 41.39 -18.53 31.46
C GLU B 59 41.37 -17.46 32.55
N LEU B 60 41.07 -17.88 33.77
CA LEU B 60 40.93 -16.93 34.86
C LEU B 60 42.30 -16.32 35.20
N ARG B 61 42.26 -15.26 36.02
CA ARG B 61 43.47 -14.55 36.39
C ARG B 61 44.44 -15.47 37.13
N GLU B 62 44.17 -15.75 38.41
CA GLU B 62 44.98 -16.66 39.21
C GLU B 62 44.10 -17.79 39.71
N ALA B 63 44.50 -19.03 39.40
CA ALA B 63 43.77 -20.22 39.82
C ALA B 63 44.23 -20.63 41.21
N THR B 64 43.87 -19.80 42.18
CA THR B 64 44.30 -19.97 43.55
C THR B 64 43.17 -20.29 44.53
N SER B 65 42.01 -19.69 44.34
CA SER B 65 40.95 -19.90 45.32
C SER B 65 40.27 -21.24 45.04
N PRO B 66 40.07 -22.08 46.05
CA PRO B 66 39.40 -23.37 45.80
C PRO B 66 37.99 -23.19 45.28
N LYS B 67 37.28 -22.17 45.78
CA LYS B 67 35.96 -21.84 45.24
C LYS B 67 36.07 -21.34 43.79
N ALA B 68 37.12 -20.57 43.50
CA ALA B 68 37.27 -20.03 42.14
C ALA B 68 37.47 -21.14 41.11
N ASN B 69 38.39 -22.07 41.39
CA ASN B 69 38.63 -23.16 40.45
C ASN B 69 37.49 -24.17 40.45
N LYS B 70 36.87 -24.40 41.60
CA LYS B 70 35.74 -25.33 41.65
C LYS B 70 34.58 -24.80 40.80
N GLU B 71 34.40 -23.48 40.72
CA GLU B 71 33.27 -22.92 40.00
C GLU B 71 33.50 -22.89 38.49
N ILE B 72 34.70 -22.48 38.04
CA ILE B 72 34.95 -22.40 36.60
C ILE B 72 34.95 -23.79 35.98
N LEU B 73 35.27 -24.81 36.76
CA LEU B 73 35.19 -26.18 36.26
C LEU B 73 33.74 -26.52 35.93
N ASP B 74 32.83 -26.29 36.88
CA ASP B 74 31.42 -26.59 36.65
C ASP B 74 30.84 -25.79 35.50
N GLU B 75 31.39 -24.60 35.23
CA GLU B 75 30.94 -23.81 34.07
C GLU B 75 31.08 -24.62 32.78
N ALA B 76 32.18 -25.33 32.63
CA ALA B 76 32.39 -26.15 31.44
C ALA B 76 31.61 -27.46 31.50
N TYR B 77 31.37 -28.00 32.70
CA TYR B 77 30.61 -29.25 32.82
C TYR B 77 29.24 -29.14 32.16
N VAL B 78 28.45 -28.17 32.59
CA VAL B 78 27.09 -28.02 32.04
C VAL B 78 27.14 -27.81 30.53
N MET B 79 28.10 -27.00 30.05
CA MET B 79 28.18 -26.70 28.63
C MET B 79 28.40 -27.95 27.79
N ALA B 80 29.06 -28.97 28.35
CA ALA B 80 29.28 -30.20 27.60
C ALA B 80 28.16 -31.20 27.75
N SER B 81 27.55 -31.29 28.94
CA SER B 81 26.44 -32.21 29.10
C SER B 81 25.23 -31.81 28.27
N VAL B 82 25.12 -30.54 27.91
CA VAL B 82 23.99 -30.07 27.12
C VAL B 82 24.37 -29.87 25.64
N ASP B 83 25.42 -30.56 25.16
CA ASP B 83 25.71 -30.51 23.74
C ASP B 83 25.54 -31.86 23.03
N ASN B 84 25.08 -32.90 23.73
CA ASN B 84 24.83 -34.17 23.07
C ASN B 84 23.79 -34.07 21.96
N PRO B 85 22.56 -33.54 22.18
CA PRO B 85 21.78 -33.07 21.03
C PRO B 85 22.46 -31.92 20.30
N GLY B 86 22.73 -30.83 21.02
CA GLY B 86 23.40 -29.67 20.45
C GLY B 86 22.50 -28.82 19.57
N ASN B 87 22.44 -27.51 19.84
CA ASN B 87 21.64 -26.60 19.05
C ASN B 87 22.53 -25.71 18.18
N PRO B 88 22.09 -25.34 16.98
CA PRO B 88 22.90 -24.42 16.16
C PRO B 88 22.88 -22.97 16.62
N HIS B 89 21.98 -22.56 17.51
CA HIS B 89 22.02 -21.20 18.07
C HIS B 89 22.56 -21.14 19.49
N VAL B 90 23.21 -22.20 19.97
CA VAL B 90 23.85 -22.18 21.28
C VAL B 90 25.26 -22.75 21.12
N CYS B 91 26.26 -21.96 21.49
CA CYS B 91 27.66 -22.30 21.22
C CYS B 91 28.13 -23.47 22.10
N ARG B 92 28.65 -24.50 21.45
CA ARG B 92 29.10 -25.74 22.07
C ARG B 92 30.53 -25.61 22.60
N LEU B 93 30.86 -26.49 23.55
CA LEU B 93 32.18 -26.51 24.18
C LEU B 93 33.16 -27.29 23.31
N LEU B 94 34.23 -26.61 22.88
CA LEU B 94 35.28 -27.24 22.10
C LEU B 94 36.15 -28.14 22.97
N GLY B 95 36.96 -27.53 23.82
CA GLY B 95 37.83 -28.32 24.67
C GLY B 95 38.23 -27.56 25.91
N ILE B 96 39.17 -28.13 26.64
CA ILE B 96 39.65 -27.56 27.89
C ILE B 96 41.06 -28.10 28.14
N CYS B 97 41.93 -27.24 28.66
CA CYS B 97 43.26 -27.64 29.07
C CYS B 97 43.43 -27.39 30.56
N LEU B 98 44.04 -28.33 31.27
CA LEU B 98 44.20 -28.23 32.71
C LEU B 98 45.61 -27.74 32.97
N THR B 99 45.75 -26.41 32.97
CA THR B 99 46.96 -25.72 33.34
C THR B 99 46.78 -25.23 34.78
N SER B 100 47.83 -24.63 35.34
CA SER B 100 47.71 -23.94 36.62
C SER B 100 46.45 -23.10 36.59
N THR B 101 46.49 -22.01 35.83
CA THR B 101 45.27 -21.30 35.45
C THR B 101 44.50 -22.14 34.44
N VAL B 102 43.29 -22.56 34.81
CA VAL B 102 42.46 -23.36 33.91
C VAL B 102 42.03 -22.52 32.72
N GLN B 103 42.04 -23.12 31.53
CA GLN B 103 41.79 -22.41 30.28
C GLN B 103 40.63 -23.08 29.55
N LEU B 104 39.67 -22.27 29.10
CA LEU B 104 38.49 -22.74 28.37
C LEU B 104 38.58 -22.28 26.93
N ILE B 105 38.30 -23.19 26.00
CA ILE B 105 38.46 -22.96 24.57
C ILE B 105 37.12 -23.20 23.88
N THR B 106 36.66 -22.22 23.11
CA THR B 106 35.42 -22.34 22.34
C THR B 106 35.70 -21.87 20.92
N GLN B 107 34.70 -22.01 20.05
CA GLN B 107 34.80 -21.40 18.73
C GLN B 107 34.63 -19.90 18.92
N LEU B 108 35.36 -19.10 18.15
CA LEU B 108 35.25 -17.64 18.26
C LEU B 108 34.39 -17.14 17.12
N MET B 109 33.59 -16.12 17.41
CA MET B 109 32.67 -15.58 16.43
C MET B 109 33.22 -14.26 15.90
N PRO B 110 33.65 -14.19 14.64
CA PRO B 110 34.50 -13.06 14.21
C PRO B 110 33.82 -11.72 14.26
N PHE B 111 32.49 -11.67 14.30
CA PHE B 111 31.78 -10.40 14.25
C PHE B 111 31.47 -9.88 15.64
N GLY B 112 32.14 -10.41 16.65
CA GLY B 112 31.97 -9.95 18.01
C GLY B 112 30.70 -10.44 18.65
N CYS B 113 29.99 -9.53 19.30
CA CYS B 113 28.77 -9.89 20.00
C CYS B 113 27.63 -9.01 19.51
N LEU B 114 26.40 -9.46 19.72
CA LEU B 114 25.27 -8.82 19.06
C LEU B 114 25.07 -7.40 19.57
N LEU B 115 25.20 -7.18 20.88
CA LEU B 115 25.11 -5.83 21.42
C LEU B 115 26.19 -4.95 20.84
N ASP B 116 27.42 -5.47 20.77
CA ASP B 116 28.51 -4.73 20.17
C ASP B 116 28.38 -4.61 18.66
N TYR B 117 27.47 -5.36 18.03
CA TYR B 117 27.24 -5.29 16.59
C TYR B 117 26.11 -4.33 16.23
N VAL B 118 25.00 -4.41 16.95
CA VAL B 118 23.86 -3.58 16.61
C VAL B 118 24.18 -2.10 16.82
N ARG B 119 24.90 -1.79 17.89
CA ARG B 119 25.25 -0.40 18.16
C ARG B 119 26.17 0.20 17.10
N GLU B 120 27.05 -0.60 16.48
CA GLU B 120 27.95 -0.03 15.50
C GLU B 120 27.32 0.05 14.12
N HIS B 121 26.46 -0.90 13.77
CA HIS B 121 25.73 -0.77 12.52
C HIS B 121 24.29 -0.39 12.77
N LYS B 122 24.08 0.70 13.52
CA LYS B 122 22.74 1.26 13.69
C LYS B 122 22.15 1.61 12.33
N ASP B 123 22.93 2.27 11.48
CA ASP B 123 22.52 2.43 10.10
C ASP B 123 22.89 1.16 9.34
N ASN B 124 22.36 1.04 8.12
CA ASN B 124 22.64 -0.08 7.23
C ASN B 124 22.26 -1.42 7.85
N ILE B 125 21.39 -1.45 8.84
CA ILE B 125 20.93 -2.71 9.43
C ILE B 125 19.48 -2.89 9.02
N GLY B 126 19.10 -4.15 8.78
CA GLY B 126 17.83 -4.46 8.17
C GLY B 126 16.67 -4.62 9.15
N SER B 127 15.49 -4.23 8.67
CA SER B 127 14.26 -4.50 9.41
C SER B 127 14.04 -6.00 9.56
N GLN B 128 14.57 -6.80 8.65
CA GLN B 128 14.42 -8.25 8.75
C GLN B 128 15.29 -8.84 9.85
N TYR B 129 16.61 -8.60 9.77
CA TYR B 129 17.55 -9.23 10.69
C TYR B 129 17.14 -9.04 12.15
N LEU B 130 16.63 -7.86 12.48
CA LEU B 130 16.22 -7.58 13.85
C LEU B 130 15.23 -8.62 14.35
N LEU B 131 14.24 -8.96 13.52
CA LEU B 131 13.30 -10.01 13.90
C LEU B 131 13.95 -11.38 13.80
N ASN B 132 14.82 -11.58 12.81
CA ASN B 132 15.49 -12.87 12.65
C ASN B 132 16.23 -13.27 13.92
N TRP B 133 17.11 -12.39 14.42
CA TRP B 133 17.84 -12.70 15.64
C TRP B 133 16.90 -13.00 16.80
N CYS B 134 15.78 -12.29 16.88
CA CYS B 134 14.79 -12.57 17.91
C CYS B 134 14.28 -14.00 17.82
N VAL B 135 13.95 -14.45 16.60
CA VAL B 135 13.52 -15.83 16.42
C VAL B 135 14.62 -16.80 16.83
N GLN B 136 15.87 -16.51 16.42
CA GLN B 136 16.97 -17.42 16.71
C GLN B 136 17.21 -17.54 18.21
N ILE B 137 17.45 -16.41 18.88
CA ILE B 137 17.68 -16.42 20.32
C ILE B 137 16.54 -17.14 21.04
N ALA B 138 15.29 -16.90 20.60
CA ALA B 138 14.16 -17.59 21.19
C ALA B 138 14.23 -19.09 20.90
N LYS B 139 14.47 -19.46 19.64
CA LYS B 139 14.63 -20.87 19.30
C LYS B 139 15.75 -21.50 20.12
N GLY B 140 16.88 -20.81 20.24
CA GLY B 140 17.98 -21.32 21.02
C GLY B 140 17.65 -21.42 22.51
N MET B 141 17.04 -20.38 23.07
CA MET B 141 16.68 -20.38 24.49
C MET B 141 15.79 -21.55 24.85
N ASN B 142 14.98 -22.03 23.90
CA ASN B 142 14.18 -23.22 24.17
C ASN B 142 15.06 -24.43 24.46
N TYR B 143 16.17 -24.57 23.73
CA TYR B 143 17.04 -25.71 23.96
C TYR B 143 17.58 -25.75 25.39
N LEU B 144 18.00 -24.59 25.91
CA LEU B 144 18.46 -24.55 27.29
C LEU B 144 17.34 -24.93 28.24
N GLU B 145 16.13 -24.43 27.97
CA GLU B 145 14.97 -24.82 28.75
C GLU B 145 14.69 -26.31 28.65
N ASP B 146 15.01 -26.92 27.51
CA ASP B 146 14.71 -28.34 27.32
C ASP B 146 15.64 -29.23 28.13
N ARG B 147 16.89 -28.83 28.33
CA ARG B 147 17.82 -29.59 29.14
C ARG B 147 17.78 -29.20 30.61
N ARG B 148 16.65 -28.66 31.07
CA ARG B 148 16.46 -28.26 32.46
C ARG B 148 17.58 -27.31 32.91
N LEU B 149 17.96 -26.40 32.03
CA LEU B 149 19.06 -25.48 32.27
C LEU B 149 18.56 -24.04 32.21
N VAL B 150 18.91 -23.24 33.20
CA VAL B 150 18.64 -21.82 33.22
C VAL B 150 19.92 -21.05 32.92
N HIS B 151 19.77 -19.76 32.58
CA HIS B 151 20.90 -18.96 32.17
C HIS B 151 21.26 -17.81 33.11
N ARG B 152 20.29 -17.25 33.84
CA ARG B 152 20.51 -16.15 34.78
C ARG B 152 21.02 -14.89 34.07
N ASP B 153 22.16 -14.96 33.40
CA ASP B 153 22.76 -13.79 32.73
C ASP B 153 22.51 -13.86 31.22
N LEU B 154 21.28 -13.56 30.80
CA LEU B 154 20.99 -13.42 29.39
C LEU B 154 20.83 -11.94 29.09
N ALA B 155 21.62 -11.45 28.15
CA ALA B 155 21.59 -10.06 27.77
C ALA B 155 22.13 -9.96 26.36
N ALA B 156 22.06 -8.75 25.80
CA ALA B 156 22.64 -8.53 24.48
C ALA B 156 24.15 -8.65 24.53
N ARG B 157 24.75 -8.29 25.67
CA ARG B 157 26.19 -8.40 25.85
C ARG B 157 26.67 -9.83 25.64
N ASN B 158 25.91 -10.80 26.13
CA ASN B 158 26.30 -12.20 26.10
C ASN B 158 25.67 -12.99 24.94
N VAL B 159 25.37 -12.34 23.82
CA VAL B 159 24.90 -13.03 22.63
C VAL B 159 25.86 -12.70 21.50
N LEU B 160 26.35 -13.74 20.81
CA LEU B 160 27.43 -13.63 19.84
C LEU B 160 26.94 -13.75 18.41
N VAL B 161 27.79 -13.36 17.48
CA VAL B 161 27.45 -13.28 16.05
C VAL B 161 28.44 -14.11 15.26
N LYS B 162 28.02 -15.30 14.83
CA LYS B 162 28.84 -16.13 13.94
C LYS B 162 28.89 -15.50 12.54
N THR B 163 27.72 -15.30 11.95
CA THR B 163 27.47 -14.58 10.71
C THR B 163 26.36 -13.59 10.97
N PRO B 164 26.20 -12.58 10.10
CA PRO B 164 25.14 -11.59 10.32
C PRO B 164 23.73 -12.17 10.38
N GLN B 165 23.50 -13.39 9.88
CA GLN B 165 22.18 -14.00 9.99
C GLN B 165 22.20 -15.28 10.82
N HIS B 166 23.17 -15.43 11.72
CA HIS B 166 23.28 -16.60 12.59
C HIS B 166 23.90 -16.17 13.91
N VAL B 167 23.15 -16.30 15.01
CA VAL B 167 23.63 -15.89 16.33
C VAL B 167 23.62 -17.09 17.27
N LYS B 168 24.37 -16.95 18.37
CA LYS B 168 24.50 -18.02 19.36
C LYS B 168 24.57 -17.40 20.77
N ILE B 169 24.51 -18.29 21.77
CA ILE B 169 24.59 -17.91 23.17
C ILE B 169 25.90 -18.42 23.78
N THR B 170 26.44 -17.65 24.72
CA THR B 170 27.67 -18.01 25.46
C THR B 170 27.67 -17.34 26.82
N ASP B 171 28.83 -17.33 27.47
CA ASP B 171 29.06 -16.79 28.81
C ASP B 171 28.11 -17.43 29.82
N PHE B 172 28.23 -18.75 29.94
CA PHE B 172 27.47 -19.52 30.91
C PHE B 172 28.01 -19.33 32.33
N GLY B 173 28.74 -18.24 32.57
CA GLY B 173 29.40 -18.07 33.85
C GLY B 173 28.45 -18.20 35.02
N LEU B 174 27.28 -17.60 34.92
CA LEU B 174 26.27 -17.65 35.98
C LEU B 174 25.21 -18.71 35.72
N ALA B 175 25.40 -19.59 34.75
CA ALA B 175 24.40 -20.60 34.49
C ALA B 175 24.30 -21.57 35.67
N LYS B 176 23.26 -22.38 35.65
CA LYS B 176 23.06 -23.38 36.69
C LYS B 176 22.01 -24.37 36.22
N LEU B 177 22.30 -25.66 36.38
CA LEU B 177 21.47 -26.72 35.85
C LEU B 177 20.54 -27.23 36.95
N LEU B 178 19.23 -27.05 36.75
CA LEU B 178 18.25 -27.55 37.69
C LEU B 178 18.02 -29.03 37.39
N GLY B 179 18.10 -29.87 38.41
CA GLY B 179 17.95 -31.28 38.21
C GLY B 179 16.49 -31.66 38.02
N ALA B 180 16.25 -32.97 37.96
CA ALA B 180 14.89 -33.46 37.80
C ALA B 180 13.99 -32.98 38.94
N GLU B 181 12.71 -32.75 38.61
CA GLU B 181 11.68 -32.24 39.51
C GLU B 181 11.91 -30.83 40.07
N GLU B 182 13.16 -30.47 40.37
CA GLU B 182 13.47 -29.17 40.95
C GLU B 182 12.95 -28.02 40.08
N LYS B 183 11.76 -27.51 40.40
CA LYS B 183 11.15 -26.49 39.55
C LYS B 183 11.61 -25.08 39.89
N GLU B 184 12.75 -24.94 40.55
CA GLU B 184 13.31 -23.62 40.82
C GLU B 184 14.74 -23.82 41.34
N TYR B 185 15.48 -22.72 41.43
CA TYR B 185 16.82 -22.75 42.01
C TYR B 185 17.10 -21.39 42.62
N HIS B 186 17.48 -21.37 43.89
CA HIS B 186 17.85 -20.14 44.58
C HIS B 186 19.32 -20.19 44.94
N ALA B 187 19.95 -19.02 45.02
CA ALA B 187 21.38 -18.94 45.25
C ALA B 187 21.72 -17.64 45.96
N GLU B 188 22.97 -17.58 46.44
CA GLU B 188 23.48 -16.43 47.16
C GLU B 188 24.52 -15.67 46.36
N GLY B 189 24.65 -15.97 45.06
CA GLY B 189 25.58 -15.26 44.20
C GLY B 189 25.44 -13.76 44.30
N GLY B 190 26.41 -13.11 44.95
CA GLY B 190 26.34 -11.70 45.26
C GLY B 190 26.24 -10.78 44.05
N LYS B 191 27.28 -10.76 43.22
CA LYS B 191 27.27 -9.96 42.00
C LYS B 191 26.39 -10.62 40.95
N VAL B 192 25.42 -9.87 40.43
CA VAL B 192 24.36 -10.36 39.56
C VAL B 192 23.95 -9.26 38.58
N PRO B 193 23.48 -9.62 37.37
CA PRO B 193 23.11 -8.59 36.37
C PRO B 193 21.73 -8.01 36.64
N ILE B 194 21.69 -6.95 37.46
CA ILE B 194 20.42 -6.49 38.04
C ILE B 194 19.54 -5.81 36.99
N LYS B 195 20.12 -4.98 36.12
CA LYS B 195 19.27 -4.23 35.19
C LYS B 195 18.55 -5.17 34.23
N TRP B 196 19.25 -6.20 33.73
CA TRP B 196 18.68 -7.19 32.82
C TRP B 196 17.96 -8.34 33.55
N MET B 197 17.61 -8.16 34.83
CA MET B 197 17.08 -9.24 35.64
C MET B 197 15.63 -8.97 36.04
N ALA B 198 14.91 -10.05 36.33
CA ALA B 198 13.49 -9.98 36.67
C ALA B 198 13.28 -9.72 38.16
N LEU B 199 12.21 -8.99 38.47
CA LEU B 199 11.91 -8.65 39.85
C LEU B 199 11.51 -9.86 40.69
N GLU B 200 10.89 -10.87 40.07
CA GLU B 200 10.60 -12.11 40.80
C GLU B 200 11.86 -12.70 41.42
N SER B 201 13.04 -12.38 40.87
CA SER B 201 14.33 -12.86 41.36
C SER B 201 15.02 -11.89 42.32
N ILE B 202 15.01 -10.59 42.03
CA ILE B 202 15.69 -9.61 42.88
C ILE B 202 15.19 -9.65 44.31
N LEU B 203 13.92 -9.99 44.52
CA LEU B 203 13.33 -9.89 45.85
C LEU B 203 13.55 -11.12 46.70
N HIS B 204 13.61 -12.31 46.08
CA HIS B 204 13.76 -13.55 46.83
C HIS B 204 14.95 -14.37 46.37
N ARG B 205 15.74 -13.88 45.41
CA ARG B 205 16.99 -14.51 44.96
C ARG B 205 16.78 -15.92 44.43
N ILE B 206 15.59 -16.22 43.89
CA ILE B 206 15.29 -17.50 43.26
C ILE B 206 15.23 -17.29 41.73
N TYR B 207 15.57 -18.35 40.99
CA TYR B 207 15.65 -18.30 39.53
C TYR B 207 14.93 -19.49 38.92
N THR B 208 13.87 -19.22 38.17
CA THR B 208 13.15 -20.25 37.42
C THR B 208 13.38 -20.04 35.93
N HIS B 209 12.83 -20.95 35.12
CA HIS B 209 12.89 -20.78 33.67
C HIS B 209 12.17 -19.54 33.19
N GLN B 210 11.10 -19.13 33.87
CA GLN B 210 10.40 -17.92 33.49
C GLN B 210 11.17 -16.66 33.87
N SER B 211 12.14 -16.79 34.78
CA SER B 211 13.02 -15.66 35.06
C SER B 211 13.89 -15.32 33.86
N ASP B 212 14.27 -16.33 33.07
CA ASP B 212 15.02 -16.08 31.85
C ASP B 212 14.15 -15.49 30.75
N VAL B 213 12.87 -15.83 30.74
CA VAL B 213 11.94 -15.24 29.78
C VAL B 213 12.00 -13.72 29.86
N TRP B 214 11.98 -13.19 31.09
CA TRP B 214 12.12 -11.76 31.30
C TRP B 214 13.39 -11.21 30.69
N SER B 215 14.53 -11.86 30.95
CA SER B 215 15.82 -11.37 30.45
C SER B 215 15.80 -11.26 28.93
N TYR B 216 15.19 -12.24 28.26
CA TYR B 216 15.05 -12.21 26.81
C TYR B 216 14.43 -10.88 26.36
N GLY B 217 13.39 -10.41 27.05
CA GLY B 217 12.74 -9.17 26.66
C GLY B 217 13.68 -7.97 26.63
N VAL B 218 14.47 -7.79 27.67
CA VAL B 218 15.41 -6.67 27.70
C VAL B 218 16.40 -6.77 26.55
N THR B 219 16.81 -7.99 26.20
CA THR B 219 17.70 -8.15 25.06
C THR B 219 17.02 -7.68 23.78
N VAL B 220 15.78 -8.14 23.55
CA VAL B 220 15.01 -7.64 22.42
C VAL B 220 14.94 -6.13 22.48
N TRP B 221 14.64 -5.59 23.66
CA TRP B 221 14.67 -4.15 23.84
C TRP B 221 16.00 -3.58 23.41
N GLU B 222 17.09 -4.20 23.85
CA GLU B 222 18.42 -3.78 23.42
C GLU B 222 18.57 -3.88 21.90
N LEU B 223 18.12 -5.00 21.32
CA LEU B 223 18.22 -5.15 19.87
C LEU B 223 17.37 -4.09 19.15
N MET B 224 16.10 -3.95 19.55
CA MET B 224 15.23 -2.98 18.90
C MET B 224 15.64 -1.54 19.18
N THR B 225 16.14 -1.27 20.38
CA THR B 225 16.61 0.09 20.70
C THR B 225 17.95 0.43 20.05
N PHE B 226 18.46 -0.45 19.20
CA PHE B 226 19.76 -0.28 18.55
C PHE B 226 20.88 -0.20 19.59
N GLY B 227 20.93 -1.20 20.48
CA GLY B 227 21.99 -1.25 21.47
C GLY B 227 22.01 -0.06 22.41
N SER B 228 21.24 -0.10 23.49
CA SER B 228 21.22 0.97 24.47
C SER B 228 21.11 0.37 25.86
N LYS B 229 21.41 1.18 26.85
CA LYS B 229 21.45 0.70 28.22
C LYS B 229 20.05 0.77 28.84
N PRO B 230 19.45 -0.35 29.21
CA PRO B 230 18.14 -0.30 29.88
C PRO B 230 18.23 0.41 31.23
N TYR B 231 17.24 1.26 31.51
CA TYR B 231 17.23 2.07 32.72
C TYR B 231 18.56 2.81 32.86
N ASP B 232 18.93 3.52 31.81
CA ASP B 232 20.19 4.27 31.78
C ASP B 232 20.26 5.26 32.94
N GLY B 233 21.34 5.18 33.70
CA GLY B 233 21.60 6.07 34.80
C GLY B 233 20.98 5.69 36.13
N ILE B 234 19.88 4.93 36.12
CA ILE B 234 19.27 4.48 37.38
C ILE B 234 20.21 3.46 38.01
N PRO B 235 20.77 3.71 39.19
CA PRO B 235 21.65 2.72 39.81
C PRO B 235 20.87 1.48 40.21
N ALA B 236 21.47 0.33 39.93
CA ALA B 236 20.81 -0.96 40.14
C ALA B 236 20.31 -1.12 41.58
N SER B 237 20.93 -0.43 42.53
CA SER B 237 20.54 -0.60 43.94
C SER B 237 19.09 -0.22 44.19
N GLU B 238 18.47 0.54 43.27
CA GLU B 238 17.09 0.99 43.44
C GLU B 238 16.15 0.50 42.35
N ILE B 239 16.66 -0.14 41.29
CA ILE B 239 15.82 -0.65 40.20
C ILE B 239 14.72 -1.55 40.74
N SER B 240 14.99 -2.28 41.84
CA SER B 240 13.94 -3.03 42.52
C SER B 240 12.75 -2.12 42.84
N SER B 241 13.01 -0.87 43.18
CA SER B 241 11.94 0.04 43.54
C SER B 241 11.16 0.51 42.31
N ILE B 242 11.86 0.96 41.27
CA ILE B 242 11.19 1.45 40.06
C ILE B 242 10.33 0.36 39.45
N LEU B 243 10.74 -0.90 39.60
CA LEU B 243 9.97 -2.02 39.06
C LEU B 243 8.71 -2.30 39.87
N GLU B 244 8.83 -2.31 41.20
CA GLU B 244 7.68 -2.58 42.04
C GLU B 244 6.57 -1.55 41.85
N LYS B 245 6.93 -0.30 41.53
CA LYS B 245 5.90 0.70 41.27
C LYS B 245 5.17 0.47 39.96
N GLY B 246 5.78 -0.20 38.99
CA GLY B 246 5.09 -0.46 37.74
C GLY B 246 5.82 -0.08 36.46
N GLU B 247 6.67 0.94 36.51
CA GLU B 247 7.34 1.41 35.31
C GLU B 247 8.18 0.31 34.68
N ARG B 248 8.27 0.36 33.36
CA ARG B 248 9.11 -0.52 32.59
C ARG B 248 9.80 0.30 31.52
N LEU B 249 10.72 -0.33 30.79
CA LEU B 249 11.42 0.34 29.71
C LEU B 249 10.42 0.92 28.71
N PRO B 250 10.64 2.16 28.24
CA PRO B 250 9.68 2.79 27.32
C PRO B 250 9.71 2.12 25.95
N GLN B 251 8.74 2.50 25.12
CA GLN B 251 8.61 1.87 23.80
C GLN B 251 9.76 2.29 22.89
N PRO B 252 10.46 1.34 22.26
CA PRO B 252 11.48 1.73 21.28
C PRO B 252 10.83 2.35 20.06
N PRO B 253 11.49 3.32 19.42
CA PRO B 253 10.86 4.02 18.30
C PRO B 253 10.51 3.13 17.12
N ILE B 254 11.44 2.26 16.71
CA ILE B 254 11.23 1.44 15.51
C ILE B 254 10.19 0.35 15.72
N CYS B 255 9.75 0.10 16.95
CA CYS B 255 8.84 -0.99 17.24
C CYS B 255 7.38 -0.57 17.08
N THR B 256 6.57 -1.49 16.59
CA THR B 256 5.13 -1.35 16.62
C THR B 256 4.58 -1.86 17.95
N ILE B 257 3.34 -1.49 18.23
CA ILE B 257 2.70 -1.97 19.45
C ILE B 257 2.60 -3.50 19.43
N ASP B 258 2.49 -4.09 18.24
CA ASP B 258 2.38 -5.54 18.15
C ASP B 258 3.61 -6.22 18.74
N VAL B 259 4.81 -5.72 18.41
CA VAL B 259 6.04 -6.29 18.96
C VAL B 259 6.19 -5.92 20.43
N TYR B 260 6.01 -4.63 20.75
CA TYR B 260 6.10 -4.17 22.13
C TYR B 260 5.10 -4.89 23.04
N MET B 261 3.96 -5.34 22.50
CA MET B 261 3.03 -6.13 23.30
C MET B 261 3.68 -7.40 23.83
N ILE B 262 4.51 -8.04 23.02
CA ILE B 262 5.26 -9.21 23.48
C ILE B 262 6.39 -8.80 24.43
N MET B 263 7.16 -7.76 24.06
CA MET B 263 8.29 -7.31 24.88
C MET B 263 7.86 -6.99 26.31
N VAL B 264 6.73 -6.31 26.47
CA VAL B 264 6.24 -5.94 27.79
C VAL B 264 5.60 -7.15 28.48
N LYS B 265 4.87 -7.98 27.73
CA LYS B 265 4.26 -9.17 28.31
C LYS B 265 5.28 -10.04 29.04
N CYS B 266 6.55 -9.99 28.63
CA CYS B 266 7.60 -10.73 29.32
C CYS B 266 7.84 -10.20 30.72
N TRP B 267 7.66 -8.89 30.92
CA TRP B 267 7.94 -8.20 32.17
C TRP B 267 6.79 -8.29 33.18
N MET B 268 5.92 -9.29 33.05
CA MET B 268 4.89 -9.57 34.05
C MET B 268 5.46 -10.20 35.32
N ILE B 269 4.81 -9.92 36.45
CA ILE B 269 5.21 -10.49 37.73
C ILE B 269 4.82 -11.97 37.82
N ASP B 270 3.55 -12.27 37.57
CA ASP B 270 3.02 -13.62 37.67
C ASP B 270 3.75 -14.59 36.74
N ALA B 271 4.48 -15.56 37.32
CA ALA B 271 5.21 -16.52 36.51
C ALA B 271 4.31 -17.31 35.58
N ASP B 272 3.01 -17.37 35.87
CA ASP B 272 2.07 -18.03 34.97
C ASP B 272 1.68 -17.13 33.81
N SER B 273 1.67 -15.81 34.03
CA SER B 273 1.34 -14.85 32.99
C SER B 273 2.50 -14.51 32.06
N ARG B 274 3.66 -15.12 32.28
CA ARG B 274 4.78 -14.90 31.39
C ARG B 274 4.65 -15.78 30.14
N PRO B 275 5.28 -15.40 29.04
CA PRO B 275 5.22 -16.24 27.84
C PRO B 275 6.14 -17.44 27.95
N LYS B 276 5.78 -18.50 27.24
CA LYS B 276 6.63 -19.67 27.15
C LYS B 276 7.54 -19.55 25.93
N PHE B 277 8.72 -20.15 26.03
CA PHE B 277 9.70 -20.00 24.96
C PHE B 277 9.23 -20.66 23.67
N ARG B 278 8.67 -21.87 23.77
CA ARG B 278 8.17 -22.56 22.58
C ARG B 278 7.13 -21.72 21.87
N GLU B 279 6.18 -21.15 22.63
CA GLU B 279 5.16 -20.29 22.07
C GLU B 279 5.79 -19.06 21.43
N LEU B 280 6.84 -18.53 22.07
CA LEU B 280 7.47 -17.30 21.66
C LEU B 280 8.20 -17.46 20.32
N ILE B 281 8.78 -18.64 20.07
CA ILE B 281 9.36 -18.91 18.75
C ILE B 281 8.29 -18.74 17.69
N ILE B 282 7.11 -19.32 17.93
CA ILE B 282 6.03 -19.29 16.94
C ILE B 282 5.57 -17.86 16.70
N GLU B 283 5.31 -17.11 17.78
CA GLU B 283 4.85 -15.74 17.64
C GLU B 283 5.83 -14.90 16.83
N PHE B 284 7.14 -15.11 17.02
CA PHE B 284 8.14 -14.40 16.23
C PHE B 284 8.30 -14.98 14.84
N SER B 285 8.04 -16.28 14.68
CA SER B 285 8.06 -16.90 13.36
C SER B 285 6.97 -16.34 12.46
N LYS B 286 5.81 -15.97 13.01
CA LYS B 286 4.78 -15.32 12.20
C LYS B 286 5.28 -13.98 11.68
N MET B 287 5.81 -13.15 12.58
CA MET B 287 6.37 -11.87 12.17
C MET B 287 7.56 -12.06 11.23
N ALA B 288 8.25 -13.20 11.35
CA ALA B 288 9.37 -13.47 10.44
C ALA B 288 8.90 -13.61 9.00
N ARG B 289 7.65 -14.04 8.79
CA ARG B 289 7.12 -14.21 7.44
C ARG B 289 6.76 -12.88 6.76
N ASP B 290 6.67 -11.79 7.51
CA ASP B 290 6.42 -10.45 6.95
C ASP B 290 7.11 -9.43 7.84
N PRO B 291 8.43 -9.30 7.71
CA PRO B 291 9.19 -8.40 8.59
C PRO B 291 8.87 -6.93 8.40
N GLN B 292 8.57 -6.52 7.17
CA GLN B 292 8.39 -5.10 6.90
C GLN B 292 7.17 -4.50 7.59
N ARG B 293 6.18 -5.30 8.01
CA ARG B 293 5.00 -4.73 8.66
C ARG B 293 5.14 -4.48 10.16
N TYR B 294 6.10 -5.12 10.83
CA TYR B 294 6.14 -5.06 12.29
C TYR B 294 7.31 -4.25 12.82
N LEU B 295 8.09 -3.62 11.94
CA LEU B 295 9.22 -2.77 12.31
C LEU B 295 9.27 -1.62 11.32
N VAL B 296 9.92 -0.52 11.71
CA VAL B 296 9.87 0.70 10.91
C VAL B 296 11.18 0.88 10.16
N ILE B 297 12.10 1.67 10.71
CA ILE B 297 13.45 1.85 10.19
C ILE B 297 13.42 2.55 8.84
N GLN B 298 13.57 1.77 7.76
CA GLN B 298 13.79 2.29 6.42
C GLN B 298 14.03 1.12 5.49
N GLY B 299 13.14 0.13 5.56
CA GLY B 299 13.30 -1.16 4.91
C GLY B 299 13.81 -1.15 3.49
N ASP B 300 15.13 -1.32 3.35
CA ASP B 300 15.80 -1.47 2.06
C ASP B 300 17.26 -1.84 2.28
N GLU B 301 17.52 -2.99 2.91
CA GLU B 301 18.88 -3.44 3.20
C GLU B 301 19.07 -4.94 2.99
N ARG B 302 19.90 -5.57 3.82
CA ARG B 302 20.24 -6.99 3.75
C ARG B 302 21.03 -7.29 2.47
N GLY C 9 4.96 44.15 -30.92
CA GLY C 9 5.05 42.83 -30.30
C GLY C 9 6.35 42.07 -30.49
N GLU C 10 6.33 40.94 -31.19
CA GLU C 10 7.54 40.20 -31.54
C GLU C 10 7.99 40.63 -32.94
N ALA C 11 8.34 39.71 -33.86
CA ALA C 11 8.99 39.89 -35.15
C ALA C 11 8.16 39.29 -36.30
N PRO C 12 8.02 40.04 -37.39
CA PRO C 12 7.42 39.50 -38.61
C PRO C 12 8.37 38.50 -39.28
N ASN C 13 7.86 37.33 -39.62
CA ASN C 13 8.66 36.33 -40.32
C ASN C 13 8.78 36.67 -41.81
N GLN C 14 9.09 37.94 -42.12
CA GLN C 14 9.16 38.49 -43.49
C GLN C 14 9.74 37.61 -44.61
N ALA C 15 9.88 36.30 -44.39
CA ALA C 15 10.18 35.40 -45.49
C ALA C 15 9.08 35.49 -46.55
N LEU C 16 9.45 35.49 -47.82
CA LEU C 16 8.41 35.57 -48.84
C LEU C 16 8.29 34.24 -49.57
N LEU C 17 7.15 34.02 -50.21
CA LEU C 17 6.98 32.83 -51.05
C LEU C 17 6.59 33.27 -52.45
N ARG C 18 7.38 32.84 -53.42
CA ARG C 18 7.06 33.11 -54.81
C ARG C 18 6.06 32.08 -55.30
N ILE C 19 5.26 32.49 -56.27
CA ILE C 19 4.31 31.59 -56.92
C ILE C 19 4.66 31.59 -58.40
N LEU C 20 4.46 30.45 -59.05
CA LEU C 20 4.92 30.25 -60.41
C LEU C 20 3.82 29.58 -61.22
N LYS C 21 3.97 29.66 -62.53
CA LYS C 21 2.94 29.15 -63.43
C LYS C 21 3.31 27.78 -63.96
N GLU C 22 2.28 26.95 -64.14
CA GLU C 22 2.43 25.64 -64.76
C GLU C 22 3.04 25.73 -66.16
N THR C 23 3.21 26.95 -66.66
CA THR C 23 3.90 27.15 -67.92
C THR C 23 5.38 27.51 -67.73
N GLU C 24 5.83 27.66 -66.49
CA GLU C 24 7.24 27.92 -66.22
C GLU C 24 8.05 26.65 -65.97
N PHE C 25 7.42 25.54 -65.62
CA PHE C 25 8.12 24.32 -65.21
C PHE C 25 7.67 23.15 -66.09
N LYS C 26 8.62 22.62 -66.87
CA LYS C 26 8.41 21.44 -67.71
C LYS C 26 8.92 20.18 -67.03
N LYS C 27 8.05 19.19 -66.88
CA LYS C 27 8.39 17.88 -66.31
C LYS C 27 9.14 16.99 -67.30
N ILE C 28 9.86 16.01 -66.76
CA ILE C 28 10.62 15.03 -67.56
C ILE C 28 10.20 13.62 -67.18
N LYS C 29 10.90 13.01 -66.21
CA LYS C 29 10.68 11.62 -65.84
C LYS C 29 10.18 11.54 -64.40
N VAL C 30 9.35 10.52 -64.15
CA VAL C 30 8.75 10.32 -62.84
C VAL C 30 9.76 9.57 -61.96
N LEU C 31 10.25 10.23 -60.92
CA LEU C 31 11.23 9.57 -60.05
C LEU C 31 10.58 8.93 -58.83
N GLY C 32 9.70 9.65 -58.16
CA GLY C 32 8.97 9.12 -57.03
C GLY C 32 7.61 8.62 -57.44
N SER C 33 6.89 8.09 -56.46
CA SER C 33 5.58 7.52 -56.71
C SER C 33 4.91 7.25 -55.38
N GLY C 34 3.72 6.64 -55.45
CA GLY C 34 3.00 6.24 -54.26
C GLY C 34 1.93 7.22 -53.82
N ALA C 35 0.67 6.77 -53.83
CA ALA C 35 -0.54 7.50 -53.44
C ALA C 35 -0.30 8.91 -52.93
N PHE C 36 0.48 9.04 -51.87
CA PHE C 36 0.77 10.32 -51.24
C PHE C 36 1.74 11.14 -52.08
N GLY C 37 1.26 11.69 -53.19
CA GLY C 37 2.20 12.51 -53.97
C GLY C 37 2.95 11.69 -55.00
N THR C 38 3.16 12.29 -56.17
CA THR C 38 3.88 11.62 -57.23
C THR C 38 5.36 11.97 -57.31
N VAL C 39 5.69 13.27 -57.35
CA VAL C 39 7.00 13.87 -57.59
C VAL C 39 7.73 13.30 -58.82
N TYR C 40 8.28 14.22 -59.63
CA TYR C 40 9.01 13.88 -60.85
C TYR C 40 10.17 14.85 -61.02
N LYS C 41 10.98 14.59 -62.04
CA LYS C 41 12.13 15.40 -62.41
C LYS C 41 11.77 16.37 -63.54
N GLY C 42 12.45 17.51 -63.57
CA GLY C 42 12.24 18.46 -64.64
C GLY C 42 13.16 19.66 -64.54
N LEU C 43 13.06 20.52 -65.56
CA LEU C 43 13.73 21.80 -65.63
C LEU C 43 12.73 22.94 -65.46
N TRP C 44 13.24 24.13 -65.17
CA TRP C 44 12.38 25.30 -64.98
C TRP C 44 13.06 26.54 -65.53
N ILE C 45 12.31 27.29 -66.34
CA ILE C 45 12.76 28.55 -66.92
C ILE C 45 12.07 29.69 -66.20
N PRO C 46 12.81 30.65 -65.61
CA PRO C 46 12.21 31.81 -64.93
C PRO C 46 11.58 32.82 -65.89
N VAL C 51 17.72 31.85 -68.83
CA VAL C 51 18.30 31.10 -67.72
C VAL C 51 17.53 29.80 -67.57
N LYS C 52 18.15 28.78 -66.95
CA LYS C 52 17.50 27.48 -66.82
C LYS C 52 18.13 26.72 -65.66
N ILE C 53 17.30 26.24 -64.75
CA ILE C 53 17.75 25.55 -63.53
C ILE C 53 16.91 24.29 -63.34
N PRO C 54 17.50 23.16 -62.96
CA PRO C 54 16.70 21.96 -62.74
C PRO C 54 16.04 21.93 -61.37
N VAL C 55 14.91 21.23 -61.30
CA VAL C 55 13.99 21.34 -60.18
C VAL C 55 13.19 20.04 -60.06
N ALA C 56 12.78 19.72 -58.83
CA ALA C 56 11.85 18.63 -58.54
C ALA C 56 10.47 19.19 -58.21
N ILE C 57 9.43 18.51 -58.67
CA ILE C 57 8.05 18.98 -58.59
C ILE C 57 7.22 17.96 -57.84
N LYS C 58 6.44 18.41 -56.86
CA LYS C 58 5.54 17.56 -56.10
C LYS C 58 4.10 18.00 -56.37
N GLU C 59 3.34 17.16 -57.04
CA GLU C 59 1.93 17.39 -57.31
C GLU C 59 1.13 16.26 -56.68
N LEU C 60 -0.02 16.60 -56.09
CA LEU C 60 -0.76 15.63 -55.30
C LEU C 60 -1.28 14.47 -56.13
N ARG C 61 -1.37 14.62 -57.45
CA ARG C 61 -1.89 13.62 -58.39
C ARG C 61 -3.34 13.24 -58.07
N GLU C 62 -3.99 13.98 -57.18
CA GLU C 62 -5.37 13.74 -56.79
C GLU C 62 -5.86 14.87 -55.89
N ALA C 63 -6.11 16.05 -56.48
CA ALA C 63 -6.68 17.19 -55.77
C ALA C 63 -8.19 17.11 -55.63
N THR C 64 -8.78 15.92 -55.60
CA THR C 64 -10.22 15.76 -55.46
C THR C 64 -10.72 16.08 -54.05
N SER C 65 -9.93 15.74 -53.03
CA SER C 65 -10.42 15.89 -51.67
C SER C 65 -9.90 17.16 -51.03
N PRO C 66 -10.77 17.97 -50.41
CA PRO C 66 -10.30 19.15 -49.68
C PRO C 66 -9.42 18.76 -48.51
N LYS C 67 -9.68 17.61 -47.88
CA LYS C 67 -8.78 17.10 -46.86
C LYS C 67 -7.42 16.77 -47.46
N ALA C 68 -7.42 16.24 -48.68
CA ALA C 68 -6.16 15.96 -49.37
C ALA C 68 -5.41 17.25 -49.67
N ASN C 69 -6.12 18.25 -50.21
CA ASN C 69 -5.47 19.51 -50.55
C ASN C 69 -5.10 20.31 -49.31
N LYS C 70 -5.88 20.20 -48.23
CA LYS C 70 -5.54 20.94 -47.01
C LYS C 70 -4.17 20.52 -46.48
N GLU C 71 -3.79 19.26 -46.69
CA GLU C 71 -2.52 18.78 -46.16
C GLU C 71 -1.33 19.22 -47.02
N ILE C 72 -1.48 19.15 -48.35
CA ILE C 72 -0.36 19.50 -49.23
C ILE C 72 -0.04 21.00 -49.14
N LEU C 73 -1.03 21.83 -48.82
CA LEU C 73 -0.79 23.27 -48.68
C LEU C 73 0.13 23.56 -47.49
N ASP C 74 -0.24 23.11 -46.30
CA ASP C 74 0.54 23.38 -45.11
C ASP C 74 1.94 22.79 -45.18
N GLU C 75 2.12 21.71 -45.96
CA GLU C 75 3.45 21.15 -46.15
C GLU C 75 4.42 22.20 -46.67
N ALA C 76 3.97 23.02 -47.63
CA ALA C 76 4.80 24.09 -48.18
C ALA C 76 4.80 25.34 -47.31
N TYR C 77 3.71 25.57 -46.57
CA TYR C 77 3.61 26.76 -45.72
C TYR C 77 4.80 26.83 -44.76
N VAL C 78 5.01 25.77 -43.98
CA VAL C 78 6.16 25.73 -43.07
C VAL C 78 7.47 25.85 -43.84
N MET C 79 7.56 25.19 -45.00
CA MET C 79 8.80 25.16 -45.76
C MET C 79 9.28 26.56 -46.16
N ALA C 80 8.35 27.51 -46.27
CA ALA C 80 8.71 28.88 -46.61
C ALA C 80 9.05 29.72 -45.39
N SER C 81 8.45 29.43 -44.24
CA SER C 81 8.74 30.17 -43.02
C SER C 81 10.18 30.02 -42.56
N VAL C 82 10.87 28.96 -42.97
CA VAL C 82 12.28 28.78 -42.65
C VAL C 82 13.17 29.23 -43.80
N ASP C 83 12.67 30.13 -44.64
CA ASP C 83 13.50 30.75 -45.66
C ASP C 83 14.28 31.93 -45.10
N ASN C 84 13.73 32.58 -44.06
CA ASN C 84 14.32 33.56 -43.14
C ASN C 84 15.68 34.05 -43.64
N PRO C 85 16.77 33.93 -42.85
CA PRO C 85 18.08 33.77 -43.52
C PRO C 85 18.12 32.55 -44.44
N GLY C 86 17.61 31.40 -43.98
CA GLY C 86 17.64 30.19 -44.78
C GLY C 86 18.93 29.41 -44.63
N ASN C 87 18.83 28.10 -44.46
CA ASN C 87 19.96 27.23 -44.20
C ASN C 87 20.42 26.50 -45.46
N PRO C 88 21.74 26.32 -45.61
CA PRO C 88 22.27 25.49 -46.71
C PRO C 88 22.14 23.99 -46.47
N HIS C 89 21.82 23.55 -45.26
CA HIS C 89 21.54 22.14 -44.97
C HIS C 89 20.05 21.87 -44.79
N VAL C 90 19.20 22.82 -45.19
CA VAL C 90 17.76 22.71 -45.08
C VAL C 90 17.16 23.06 -46.43
N CYS C 91 16.33 22.17 -46.98
CA CYS C 91 15.82 22.40 -48.32
C CYS C 91 14.95 23.64 -48.30
N ARG C 92 15.35 24.65 -49.06
CA ARG C 92 14.64 25.91 -49.08
C ARG C 92 13.51 25.82 -50.10
N LEU C 93 12.44 26.57 -49.86
CA LEU C 93 11.27 26.51 -50.72
C LEU C 93 11.43 27.47 -51.90
N LEU C 94 11.43 26.92 -53.11
CA LEU C 94 11.52 27.74 -54.32
C LEU C 94 10.18 28.42 -54.62
N GLY C 95 9.19 27.66 -55.07
CA GLY C 95 7.91 28.23 -55.42
C GLY C 95 6.77 27.23 -55.36
N ILE C 96 5.64 27.64 -55.90
CA ILE C 96 4.42 26.83 -55.90
C ILE C 96 3.55 27.26 -57.08
N CYS C 97 2.91 26.30 -57.71
CA CYS C 97 1.95 26.57 -58.76
C CYS C 97 0.58 26.06 -58.33
N LEU C 98 -0.45 26.87 -58.50
CA LEU C 98 -1.81 26.52 -58.08
C LEU C 98 -2.62 26.15 -59.31
N THR C 99 -2.55 24.89 -59.68
CA THR C 99 -3.45 24.33 -60.67
C THR C 99 -4.50 23.53 -59.90
N SER C 100 -5.14 22.57 -60.56
CA SER C 100 -6.03 21.68 -59.84
C SER C 100 -5.24 21.00 -58.74
N THR C 101 -4.34 20.12 -59.13
CA THR C 101 -3.33 19.59 -58.22
C THR C 101 -2.35 20.70 -57.84
N VAL C 102 -2.23 20.96 -56.55
CA VAL C 102 -1.26 21.95 -56.11
C VAL C 102 0.14 21.39 -56.35
N GLN C 103 1.04 22.25 -56.84
CA GLN C 103 2.35 21.82 -57.28
C GLN C 103 3.42 22.55 -56.49
N LEU C 104 4.38 21.80 -55.96
CA LEU C 104 5.45 22.32 -55.13
C LEU C 104 6.79 22.24 -55.86
N ILE C 105 7.55 23.34 -55.79
CA ILE C 105 8.78 23.50 -56.55
C ILE C 105 9.93 23.81 -55.59
N THR C 106 10.98 22.99 -55.62
CA THR C 106 12.21 23.25 -54.87
C THR C 106 13.39 22.90 -55.75
N GLN C 107 14.60 23.10 -55.21
CA GLN C 107 15.81 22.70 -55.91
C GLN C 107 15.89 21.18 -56.00
N LEU C 108 16.58 20.70 -57.05
CA LEU C 108 16.72 19.27 -57.30
C LEU C 108 18.04 18.76 -56.74
N MET C 109 17.99 17.60 -56.09
CA MET C 109 19.17 17.05 -55.47
C MET C 109 19.69 15.93 -56.35
N PRO C 110 20.79 16.15 -57.08
CA PRO C 110 21.11 15.25 -58.20
C PRO C 110 21.55 13.85 -57.79
N PHE C 111 22.12 13.68 -56.59
CA PHE C 111 22.73 12.41 -56.22
C PHE C 111 21.80 11.54 -55.38
N GLY C 112 20.50 11.84 -55.39
CA GLY C 112 19.55 11.02 -54.70
C GLY C 112 19.58 11.24 -53.19
N CYS C 113 18.90 10.34 -52.50
CA CYS C 113 18.84 10.48 -51.06
C CYS C 113 20.00 9.72 -50.43
N LEU C 114 20.30 10.10 -49.19
CA LEU C 114 21.47 9.57 -48.52
C LEU C 114 21.35 8.08 -48.25
N LEU C 115 20.15 7.64 -47.85
CA LEU C 115 19.92 6.22 -47.59
C LEU C 115 20.14 5.38 -48.84
N ASP C 116 19.59 5.82 -49.98
CA ASP C 116 19.79 5.10 -51.24
C ASP C 116 21.20 5.25 -51.81
N TYR C 117 22.01 6.16 -51.26
CA TYR C 117 23.40 6.28 -51.69
C TYR C 117 24.31 5.45 -50.80
N VAL C 118 24.08 5.47 -49.49
CA VAL C 118 24.88 4.70 -48.56
C VAL C 118 24.60 3.21 -48.71
N ARG C 119 23.34 2.84 -48.94
CA ARG C 119 23.02 1.43 -49.18
C ARG C 119 23.71 0.92 -50.44
N GLU C 120 23.91 1.80 -51.42
CA GLU C 120 24.55 1.42 -52.68
C GLU C 120 26.06 1.53 -52.59
N HIS C 121 26.57 2.57 -51.93
CA HIS C 121 28.00 2.67 -51.70
C HIS C 121 28.31 2.39 -50.24
N LYS C 122 27.85 1.23 -49.74
CA LYS C 122 28.25 0.81 -48.40
C LYS C 122 29.76 0.75 -48.32
N ASP C 123 30.38 0.09 -49.28
CA ASP C 123 31.81 0.19 -49.46
C ASP C 123 32.13 1.42 -50.30
N ASN C 124 33.41 1.74 -50.43
CA ASN C 124 33.89 2.90 -51.18
C ASN C 124 33.38 4.22 -50.61
N ILE C 125 32.94 4.24 -49.36
CA ILE C 125 32.51 5.46 -48.69
C ILE C 125 33.53 5.78 -47.62
N GLY C 126 33.74 7.08 -47.40
CA GLY C 126 34.80 7.54 -46.53
C GLY C 126 34.43 7.67 -45.05
N SER C 127 35.41 7.38 -44.21
CA SER C 127 35.28 7.64 -42.77
C SER C 127 35.11 9.13 -42.50
N GLN C 128 35.63 9.98 -43.39
CA GLN C 128 35.47 11.42 -43.25
C GLN C 128 34.03 11.83 -43.49
N TYR C 129 33.49 11.45 -44.65
CA TYR C 129 32.14 11.86 -45.04
C TYR C 129 31.12 11.58 -43.93
N LEU C 130 31.23 10.41 -43.30
CA LEU C 130 30.27 10.00 -42.27
C LEU C 130 30.18 11.01 -41.14
N LEU C 131 31.33 11.46 -40.62
CA LEU C 131 31.30 12.42 -39.52
C LEU C 131 30.88 13.80 -40.01
N ASN C 132 31.33 14.20 -41.19
CA ASN C 132 30.89 15.47 -41.77
C ASN C 132 29.38 15.51 -41.92
N TRP C 133 28.80 14.47 -42.53
CA TRP C 133 27.34 14.42 -42.71
C TRP C 133 26.62 14.56 -41.39
N CYS C 134 27.15 13.94 -40.33
CA CYS C 134 26.61 14.14 -39.00
C CYS C 134 26.69 15.61 -38.60
N VAL C 135 27.83 16.25 -38.86
CA VAL C 135 27.98 17.68 -38.56
C VAL C 135 26.94 18.49 -39.32
N GLN C 136 26.73 18.19 -40.61
CA GLN C 136 25.84 18.99 -41.43
C GLN C 136 24.40 18.90 -40.94
N ILE C 137 23.85 17.69 -40.88
CA ILE C 137 22.48 17.48 -40.43
C ILE C 137 22.26 18.11 -39.06
N ALA C 138 23.24 18.00 -38.17
CA ALA C 138 23.11 18.61 -36.85
C ALA C 138 23.03 20.13 -36.95
N LYS C 139 23.92 20.74 -37.73
CA LYS C 139 23.85 22.18 -37.93
C LYS C 139 22.50 22.57 -38.54
N GLY C 140 22.05 21.82 -39.55
CA GLY C 140 20.77 22.13 -40.17
C GLY C 140 19.59 21.94 -39.23
N MET C 141 19.56 20.80 -38.52
CA MET C 141 18.46 20.57 -37.58
C MET C 141 18.44 21.60 -36.47
N ASN C 142 19.60 22.15 -36.09
CA ASN C 142 19.61 23.24 -35.13
C ASN C 142 18.87 24.45 -35.68
N TYR C 143 19.01 24.71 -36.98
CA TYR C 143 18.22 25.77 -37.61
C TYR C 143 16.74 25.51 -37.42
N LEU C 144 16.32 24.26 -37.62
CA LEU C 144 14.92 23.90 -37.41
C LEU C 144 14.53 24.05 -35.93
N GLU C 145 15.38 23.58 -35.02
CA GLU C 145 15.11 23.75 -33.60
C GLU C 145 15.02 25.23 -33.23
N ASP C 146 15.83 26.07 -33.88
CA ASP C 146 15.84 27.49 -33.63
C ASP C 146 14.63 28.20 -34.24
N ARG C 147 14.13 27.68 -35.36
CA ARG C 147 12.96 28.27 -35.99
C ARG C 147 11.68 27.73 -35.36
N ARG C 148 11.76 27.28 -34.10
CA ARG C 148 10.60 26.81 -33.34
C ARG C 148 9.83 25.72 -34.09
N LEU C 149 10.56 24.86 -34.79
CA LEU C 149 9.95 23.86 -35.65
C LEU C 149 10.40 22.47 -35.22
N VAL C 150 9.45 21.55 -35.08
CA VAL C 150 9.78 20.15 -34.91
C VAL C 150 9.52 19.46 -36.23
N HIS C 151 10.18 18.33 -36.46
CA HIS C 151 10.18 17.70 -37.76
C HIS C 151 9.48 16.35 -37.78
N ARG C 152 9.46 15.65 -36.65
CA ARG C 152 8.73 14.39 -36.50
C ARG C 152 9.29 13.29 -37.39
N ASP C 153 9.32 13.53 -38.70
CA ASP C 153 9.76 12.54 -39.68
C ASP C 153 11.20 12.83 -40.13
N LEU C 154 12.14 12.56 -39.23
CA LEU C 154 13.55 12.70 -39.56
C LEU C 154 14.17 11.30 -39.67
N ALA C 155 14.77 11.03 -40.82
CA ALA C 155 15.41 9.75 -41.09
C ALA C 155 16.45 9.96 -42.18
N ALA C 156 17.21 8.90 -42.47
CA ALA C 156 18.20 8.99 -43.53
C ALA C 156 17.55 9.08 -44.90
N ARG C 157 16.43 8.38 -45.10
CA ARG C 157 15.70 8.45 -46.36
C ARG C 157 15.23 9.87 -46.66
N ASN C 158 14.93 10.66 -45.63
CA ASN C 158 14.43 12.02 -45.79
C ASN C 158 15.56 13.05 -45.77
N VAL C 159 16.77 12.65 -46.15
CA VAL C 159 17.91 13.54 -46.27
C VAL C 159 18.47 13.40 -47.69
N LEU C 160 18.70 14.53 -48.34
CA LEU C 160 19.08 14.58 -49.74
C LEU C 160 20.55 14.93 -49.90
N VAL C 161 21.08 14.67 -51.10
CA VAL C 161 22.52 14.77 -51.38
C VAL C 161 22.73 15.66 -52.59
N LYS C 162 23.17 16.91 -52.36
CA LYS C 162 23.54 17.79 -53.47
C LYS C 162 24.86 17.35 -54.10
N THR C 163 25.90 17.26 -53.30
CA THR C 163 27.21 16.74 -53.65
C THR C 163 27.57 15.69 -52.60
N PRO C 164 28.57 14.83 -52.87
CA PRO C 164 28.94 13.83 -51.86
C PRO C 164 29.29 14.43 -50.51
N GLN C 165 29.53 15.73 -50.43
CA GLN C 165 29.84 16.45 -49.19
C GLN C 165 28.81 17.53 -48.87
N HIS C 166 27.57 17.39 -49.34
CA HIS C 166 26.54 18.40 -49.08
C HIS C 166 25.18 17.74 -48.96
N VAL C 167 24.56 17.82 -47.79
CA VAL C 167 23.26 17.22 -47.54
C VAL C 167 22.26 18.26 -47.08
N LYS C 168 20.98 17.92 -47.21
CA LYS C 168 19.88 18.76 -46.78
C LYS C 168 18.75 17.86 -46.26
N ILE C 169 17.76 18.49 -45.63
CA ILE C 169 16.59 17.78 -45.09
C ILE C 169 15.37 18.18 -45.93
N THR C 170 14.41 17.26 -46.06
CA THR C 170 13.20 17.55 -46.82
C THR C 170 12.02 16.77 -46.27
N ASP C 171 10.94 16.72 -47.05
CA ASP C 171 9.66 16.12 -46.65
C ASP C 171 9.14 16.75 -45.36
N PHE C 172 8.88 18.05 -45.44
CA PHE C 172 8.33 18.80 -44.32
C PHE C 172 6.85 18.50 -44.09
N GLY C 173 6.36 17.38 -44.62
CA GLY C 173 4.94 17.08 -44.53
C GLY C 173 4.40 17.09 -43.11
N LEU C 174 5.16 16.53 -42.17
CA LEU C 174 4.74 16.43 -40.78
C LEU C 174 5.30 17.54 -39.89
N ALA C 175 5.86 18.59 -40.48
CA ALA C 175 6.43 19.69 -39.72
C ALA C 175 5.33 20.47 -38.98
N LYS C 176 5.76 21.34 -38.08
CA LYS C 176 4.82 22.15 -37.31
C LYS C 176 5.59 23.26 -36.61
N LEU C 177 5.04 24.48 -36.67
CA LEU C 177 5.66 25.69 -36.11
C LEU C 177 5.07 25.94 -34.73
N LEU C 178 5.90 25.83 -33.70
CA LEU C 178 5.50 26.07 -32.31
C LEU C 178 5.61 27.56 -31.98
N GLY C 179 4.52 28.15 -31.49
CA GLY C 179 4.48 29.55 -31.17
C GLY C 179 5.11 29.89 -29.83
N ALA C 180 4.91 31.16 -29.44
CA ALA C 180 5.38 31.62 -28.15
C ALA C 180 4.80 30.75 -27.04
N GLU C 181 5.58 30.58 -25.96
CA GLU C 181 5.28 29.62 -24.91
C GLU C 181 5.25 28.25 -25.58
N GLU C 182 4.07 27.65 -25.73
CA GLU C 182 3.83 26.34 -26.36
C GLU C 182 5.07 25.46 -26.42
N LYS C 183 5.24 24.60 -25.43
CA LYS C 183 6.48 23.82 -25.36
C LYS C 183 6.47 22.58 -26.23
N GLU C 184 5.37 22.26 -26.92
CA GLU C 184 5.32 21.05 -27.74
C GLU C 184 4.06 21.10 -28.60
N TYR C 185 3.87 20.03 -29.36
CA TYR C 185 2.67 19.82 -30.16
C TYR C 185 2.29 18.36 -29.95
N HIS C 186 1.16 17.94 -30.55
CA HIS C 186 0.69 16.57 -30.38
C HIS C 186 -0.59 16.29 -31.18
N ALA C 187 -0.43 15.89 -32.43
CA ALA C 187 -1.56 15.63 -33.30
C ALA C 187 -2.14 14.24 -33.02
N GLU C 188 -3.11 13.87 -33.86
CA GLU C 188 -3.53 12.49 -34.01
C GLU C 188 -3.30 12.01 -35.44
N GLY C 189 -2.58 12.79 -36.25
CA GLY C 189 -2.21 12.36 -37.59
C GLY C 189 -1.52 11.02 -37.54
N GLY C 190 -2.32 9.94 -37.58
CA GLY C 190 -1.81 8.60 -37.33
C GLY C 190 -0.69 8.16 -38.26
N LYS C 191 -0.52 8.84 -39.39
CA LYS C 191 0.58 8.52 -40.30
C LYS C 191 1.92 8.90 -39.66
N VAL C 192 2.57 7.93 -39.01
CA VAL C 192 3.85 8.17 -38.34
C VAL C 192 4.79 7.00 -38.58
N PRO C 193 6.11 7.26 -38.74
CA PRO C 193 7.13 6.19 -38.81
C PRO C 193 7.54 5.76 -37.41
N ILE C 194 7.05 4.59 -37.00
CA ILE C 194 7.18 4.19 -35.59
C ILE C 194 8.63 3.91 -35.22
N LYS C 195 9.40 3.33 -36.14
CA LYS C 195 10.76 2.94 -35.82
C LYS C 195 11.63 4.17 -35.53
N TRP C 196 11.47 5.23 -36.33
CA TRP C 196 12.25 6.45 -36.18
C TRP C 196 11.67 7.43 -35.16
N MET C 197 10.80 6.97 -34.28
CA MET C 197 10.10 7.87 -33.36
C MET C 197 10.54 7.62 -31.92
N ALA C 198 10.37 8.64 -31.08
CA ALA C 198 10.74 8.56 -29.68
C ALA C 198 9.60 7.96 -28.87
N LEU C 199 9.96 7.25 -27.80
CA LEU C 199 8.94 6.65 -26.94
C LEU C 199 8.08 7.71 -26.30
N GLU C 200 8.63 8.91 -26.12
CA GLU C 200 7.84 10.05 -25.70
C GLU C 200 6.65 10.26 -26.63
N SER C 201 6.78 9.85 -27.88
CA SER C 201 5.73 9.96 -28.90
C SER C 201 4.94 8.68 -29.12
N ILE C 202 5.60 7.53 -29.19
CA ILE C 202 4.90 6.28 -29.48
C ILE C 202 3.78 6.02 -28.48
N LEU C 203 3.95 6.44 -27.23
CA LEU C 203 2.96 6.15 -26.20
C LEU C 203 1.95 7.26 -25.97
N HIS C 204 2.34 8.53 -26.12
CA HIS C 204 1.48 9.65 -25.78
C HIS C 204 1.24 10.64 -26.92
N ARG C 205 1.74 10.34 -28.12
CA ARG C 205 1.46 11.13 -29.32
C ARG C 205 1.96 12.58 -29.21
N ILE C 206 2.97 12.83 -28.38
CA ILE C 206 3.56 14.15 -28.25
C ILE C 206 4.95 14.16 -28.90
N TYR C 207 5.30 15.30 -29.49
CA TYR C 207 6.55 15.45 -30.23
C TYR C 207 7.22 16.77 -29.89
N THR C 208 8.39 16.69 -29.29
CA THR C 208 9.23 17.85 -28.97
C THR C 208 10.48 17.83 -29.84
N HIS C 209 11.34 18.84 -29.65
CA HIS C 209 12.62 18.81 -30.33
C HIS C 209 13.42 17.58 -29.95
N GLN C 210 13.27 17.09 -28.72
CA GLN C 210 13.97 15.86 -28.31
C GLN C 210 13.34 14.62 -28.89
N SER C 211 12.09 14.70 -29.36
CA SER C 211 11.57 13.60 -30.15
C SER C 211 12.33 13.47 -31.46
N ASP C 212 12.79 14.60 -32.01
CA ASP C 212 13.66 14.58 -33.19
C ASP C 212 15.09 14.22 -32.83
N VAL C 213 15.54 14.61 -31.63
CA VAL C 213 16.86 14.17 -31.15
C VAL C 213 16.95 12.65 -31.18
N TRP C 214 15.89 11.99 -30.72
CA TRP C 214 15.82 10.53 -30.85
C TRP C 214 15.95 10.12 -32.31
N SER C 215 15.22 10.80 -33.20
CA SER C 215 15.28 10.46 -34.62
C SER C 215 16.70 10.63 -35.16
N TYR C 216 17.39 11.70 -34.76
CA TYR C 216 18.77 11.93 -35.18
C TYR C 216 19.65 10.71 -34.89
N GLY C 217 19.54 10.17 -33.67
CA GLY C 217 20.31 8.98 -33.33
C GLY C 217 20.00 7.81 -34.24
N VAL C 218 18.70 7.57 -34.47
CA VAL C 218 18.28 6.50 -35.38
C VAL C 218 18.80 6.77 -36.79
N THR C 219 18.83 8.04 -37.20
CA THR C 219 19.35 8.38 -38.52
C THR C 219 20.84 8.07 -38.62
N VAL C 220 21.63 8.51 -37.64
CA VAL C 220 23.06 8.19 -37.61
C VAL C 220 23.27 6.69 -37.70
N TRP C 221 22.47 5.92 -36.94
CA TRP C 221 22.51 4.46 -37.04
C TRP C 221 22.37 3.99 -38.48
N GLU C 222 21.46 4.59 -39.24
CA GLU C 222 21.31 4.24 -40.65
C GLU C 222 22.60 4.47 -41.41
N LEU C 223 23.25 5.63 -41.19
CA LEU C 223 24.51 5.92 -41.87
C LEU C 223 25.61 4.94 -41.50
N MET C 224 25.83 4.72 -40.20
CA MET C 224 26.95 3.88 -39.78
C MET C 224 26.74 2.41 -40.13
N THR C 225 25.51 1.91 -40.01
CA THR C 225 25.25 0.52 -40.40
C THR C 225 25.15 0.33 -41.89
N PHE C 226 25.41 1.37 -42.67
CA PHE C 226 25.35 1.32 -44.14
C PHE C 226 23.96 0.93 -44.62
N GLY C 227 23.00 1.77 -44.25
CA GLY C 227 21.65 1.57 -44.74
C GLY C 227 20.98 0.30 -44.27
N SER C 228 21.19 -0.10 -43.02
CA SER C 228 20.44 -1.23 -42.52
C SER C 228 19.16 -0.66 -41.90
N LYS C 229 18.10 -1.45 -41.94
CA LYS C 229 16.81 -0.93 -41.50
C LYS C 229 16.66 -1.21 -40.01
N PRO C 230 16.47 -0.17 -39.19
CA PRO C 230 16.34 -0.39 -37.75
C PRO C 230 15.17 -1.31 -37.44
N TYR C 231 15.38 -2.21 -36.47
CA TYR C 231 14.39 -3.19 -36.06
C TYR C 231 13.84 -3.96 -37.26
N ASP C 232 14.76 -4.55 -38.01
CA ASP C 232 14.41 -5.36 -39.18
C ASP C 232 13.45 -6.47 -38.82
N GLY C 233 12.31 -6.49 -39.51
CA GLY C 233 11.30 -7.51 -39.30
C GLY C 233 10.37 -7.28 -38.13
N ILE C 234 10.76 -6.47 -37.16
CA ILE C 234 9.92 -6.19 -36.00
C ILE C 234 8.67 -5.45 -36.43
N PRO C 235 7.48 -6.03 -36.23
CA PRO C 235 6.24 -5.34 -36.57
C PRO C 235 6.00 -4.15 -35.65
N ALA C 236 5.49 -3.07 -36.23
CA ALA C 236 5.34 -1.79 -35.55
C ALA C 236 4.61 -1.88 -34.21
N SER C 237 3.71 -2.85 -34.06
CA SER C 237 2.86 -2.92 -32.87
C SER C 237 3.64 -3.10 -31.57
N GLU C 238 4.90 -3.54 -31.62
CA GLU C 238 5.63 -3.86 -30.40
C GLU C 238 6.87 -3.03 -30.13
N ILE C 239 7.32 -2.19 -31.07
CA ILE C 239 8.51 -1.36 -30.83
C ILE C 239 8.32 -0.50 -29.58
N SER C 240 7.07 -0.09 -29.31
CA SER C 240 6.77 0.57 -28.05
C SER C 240 7.23 -0.27 -26.86
N SER C 241 7.03 -1.59 -26.94
CA SER C 241 7.37 -2.48 -25.83
C SER C 241 8.86 -2.74 -25.72
N ILE C 242 9.50 -3.16 -26.82
CA ILE C 242 10.92 -3.50 -26.78
C ILE C 242 11.75 -2.31 -26.32
N LEU C 243 11.26 -1.09 -26.50
CA LEU C 243 11.99 0.09 -26.05
C LEU C 243 11.97 0.22 -24.54
N GLU C 244 10.77 0.17 -23.94
CA GLU C 244 10.69 0.22 -22.48
C GLU C 244 11.30 -1.02 -21.83
N LYS C 245 11.30 -2.14 -22.55
CA LYS C 245 11.99 -3.33 -22.06
C LYS C 245 13.48 -3.08 -21.95
N GLY C 246 14.01 -2.12 -22.70
CA GLY C 246 15.38 -1.72 -22.55
C GLY C 246 16.19 -1.74 -23.81
N GLU C 247 15.89 -2.68 -24.70
CA GLU C 247 16.69 -2.86 -25.91
C GLU C 247 16.67 -1.62 -26.78
N ARG C 248 17.79 -1.39 -27.45
CA ARG C 248 17.95 -0.34 -28.45
C ARG C 248 18.74 -0.91 -29.61
N LEU C 249 18.85 -0.12 -30.67
CA LEU C 249 19.64 -0.55 -31.82
C LEU C 249 21.07 -0.85 -31.39
N PRO C 250 21.64 -1.96 -31.83
CA PRO C 250 22.99 -2.33 -31.37
C PRO C 250 24.06 -1.44 -31.97
N GLN C 251 25.27 -1.63 -31.47
CA GLN C 251 26.40 -0.82 -31.90
C GLN C 251 26.74 -1.11 -33.36
N PRO C 252 26.83 -0.10 -34.22
CA PRO C 252 27.27 -0.34 -35.59
C PRO C 252 28.71 -0.83 -35.60
N PRO C 253 29.06 -1.69 -36.57
CA PRO C 253 30.40 -2.28 -36.56
C PRO C 253 31.54 -1.26 -36.64
N ILE C 254 31.44 -0.28 -37.54
CA ILE C 254 32.52 0.69 -37.73
C ILE C 254 32.67 1.64 -36.56
N CYS C 255 31.73 1.64 -35.63
CA CYS C 255 31.70 2.64 -34.58
C CYS C 255 32.60 2.27 -33.41
N THR C 256 33.25 3.29 -32.86
CA THR C 256 33.91 3.19 -31.58
C THR C 256 32.89 3.44 -30.49
N ILE C 257 33.26 3.10 -29.25
CA ILE C 257 32.33 3.37 -28.15
C ILE C 257 32.06 4.87 -28.03
N ASP C 258 33.00 5.71 -28.47
CA ASP C 258 32.81 7.15 -28.42
C ASP C 258 31.61 7.59 -29.25
N VAL C 259 31.49 7.07 -30.47
CA VAL C 259 30.37 7.45 -31.35
C VAL C 259 29.07 6.85 -30.84
N TYR C 260 29.08 5.56 -30.54
CA TYR C 260 27.89 4.89 -30.02
C TYR C 260 27.38 5.56 -28.76
N MET C 261 28.29 6.16 -27.98
CA MET C 261 27.91 6.91 -26.79
C MET C 261 27.00 8.09 -27.14
N ILE C 262 27.24 8.75 -28.27
CA ILE C 262 26.37 9.84 -28.68
C ILE C 262 25.01 9.32 -29.10
N MET C 263 24.99 8.29 -29.95
CA MET C 263 23.73 7.70 -30.38
C MET C 263 22.88 7.25 -29.20
N VAL C 264 23.52 6.73 -28.15
CA VAL C 264 22.77 6.25 -27.00
C VAL C 264 22.20 7.41 -26.19
N LYS C 265 22.97 8.50 -26.03
CA LYS C 265 22.43 9.66 -25.32
C LYS C 265 21.17 10.19 -25.97
N CYS C 266 21.04 10.04 -27.29
CA CYS C 266 19.82 10.46 -27.97
C CYS C 266 18.65 9.55 -27.61
N TRP C 267 18.91 8.25 -27.43
CA TRP C 267 17.87 7.25 -27.19
C TRP C 267 17.49 7.12 -25.72
N MET C 268 17.72 8.14 -24.91
CA MET C 268 17.28 8.10 -23.51
C MET C 268 15.76 8.20 -23.42
N ILE C 269 15.20 7.58 -22.37
CA ILE C 269 13.77 7.62 -22.15
C ILE C 269 13.34 9.02 -21.76
N ASP C 270 13.94 9.56 -20.70
CA ASP C 270 13.68 10.93 -20.30
C ASP C 270 14.12 11.83 -21.44
N ALA C 271 13.18 12.49 -22.10
CA ALA C 271 13.52 13.37 -23.21
C ALA C 271 14.47 14.48 -22.80
N ASP C 272 14.58 14.75 -21.50
CA ASP C 272 15.43 15.81 -20.97
C ASP C 272 16.90 15.41 -20.85
N SER C 273 17.20 14.13 -20.65
CA SER C 273 18.58 13.70 -20.57
C SER C 273 19.23 13.51 -21.94
N ARG C 274 18.50 13.80 -23.01
CA ARG C 274 19.03 13.71 -24.36
C ARG C 274 19.88 14.94 -24.66
N PRO C 275 20.79 14.84 -25.63
CA PRO C 275 21.58 16.02 -26.00
C PRO C 275 20.77 16.96 -26.88
N LYS C 276 21.14 18.23 -26.84
CA LYS C 276 20.56 19.24 -27.71
C LYS C 276 21.35 19.28 -29.02
N PHE C 277 20.67 19.77 -30.07
CA PHE C 277 21.26 19.71 -31.41
C PHE C 277 22.59 20.45 -31.47
N ARG C 278 22.67 21.61 -30.81
CA ARG C 278 23.93 22.37 -30.79
C ARG C 278 25.07 21.54 -30.24
N GLU C 279 24.84 20.80 -29.15
CA GLU C 279 25.89 19.96 -28.58
C GLU C 279 26.35 18.91 -29.58
N LEU C 280 25.42 18.36 -30.36
CA LEU C 280 25.79 17.35 -31.33
C LEU C 280 26.69 17.93 -32.42
N ILE C 281 26.47 19.19 -32.80
CA ILE C 281 27.37 19.85 -33.75
C ILE C 281 28.79 19.90 -33.18
N ILE C 282 28.93 20.37 -31.95
CA ILE C 282 30.25 20.49 -31.34
C ILE C 282 30.87 19.10 -31.13
N GLU C 283 30.11 18.19 -30.53
CA GLU C 283 30.61 16.84 -30.27
C GLU C 283 31.07 16.18 -31.56
N PHE C 284 30.32 16.37 -32.65
CA PHE C 284 30.72 15.81 -33.93
C PHE C 284 31.77 16.65 -34.65
N SER C 285 31.80 17.97 -34.41
CA SER C 285 32.88 18.78 -35.00
C SER C 285 34.23 18.34 -34.47
N LYS C 286 34.28 17.94 -33.19
CA LYS C 286 35.48 17.32 -32.65
C LYS C 286 35.74 15.98 -33.33
N MET C 287 34.71 15.14 -33.43
CA MET C 287 34.87 13.84 -34.07
C MET C 287 35.25 13.97 -35.54
N ALA C 288 34.76 15.01 -36.22
CA ALA C 288 35.08 15.20 -37.62
C ALA C 288 36.56 15.46 -37.85
N ARG C 289 37.26 16.02 -36.87
CA ARG C 289 38.67 16.36 -37.05
C ARG C 289 39.57 15.14 -37.08
N ASP C 290 39.07 13.96 -36.71
CA ASP C 290 39.84 12.72 -36.77
C ASP C 290 38.88 11.59 -37.04
N PRO C 291 38.44 11.43 -38.29
CA PRO C 291 37.42 10.41 -38.59
C PRO C 291 37.92 8.99 -38.43
N GLN C 292 39.17 8.72 -38.82
CA GLN C 292 39.67 7.36 -38.72
C GLN C 292 39.87 6.92 -37.28
N ARG C 293 39.90 7.87 -36.34
CA ARG C 293 40.05 7.54 -34.92
C ARG C 293 38.73 7.09 -34.30
N TYR C 294 37.61 7.38 -34.94
CA TYR C 294 36.30 7.00 -34.43
C TYR C 294 35.53 6.10 -35.40
N LEU C 295 36.11 5.79 -36.56
CA LEU C 295 35.43 5.01 -37.58
C LEU C 295 36.42 4.14 -38.32
N VAL C 296 35.89 3.14 -39.02
CA VAL C 296 36.66 2.11 -39.70
C VAL C 296 36.65 2.34 -41.22
N GLY D 9 3.24 -6.17 3.43
CA GLY D 9 1.97 -6.87 3.43
C GLY D 9 0.77 -5.96 3.63
N GLU D 10 0.13 -6.07 4.79
CA GLU D 10 -1.00 -5.22 5.14
C GLU D 10 -0.49 -3.95 5.83
N ALA D 11 -1.10 -3.58 6.95
CA ALA D 11 -0.80 -2.29 7.54
C ALA D 11 -0.28 -2.46 8.96
N PRO D 12 0.83 -1.80 9.31
CA PRO D 12 1.28 -1.79 10.71
C PRO D 12 0.39 -0.91 11.57
N ASN D 13 -0.14 -1.49 12.64
CA ASN D 13 -0.93 -0.74 13.62
C ASN D 13 0.00 -0.05 14.62
N GLN D 14 0.92 0.78 14.10
CA GLN D 14 1.98 1.44 14.86
C GLN D 14 1.49 2.44 15.89
N ALA D 15 0.20 2.40 16.24
CA ALA D 15 -0.28 3.13 17.40
C ALA D 15 0.50 2.68 18.64
N LEU D 16 0.95 3.64 19.44
CA LEU D 16 1.80 3.34 20.59
C LEU D 16 1.05 3.50 21.91
N LEU D 17 1.59 2.84 22.94
CA LEU D 17 1.09 2.97 24.31
C LEU D 17 2.22 3.34 25.24
N ARG D 18 2.05 4.42 25.99
CA ARG D 18 3.00 4.85 27.01
C ARG D 18 2.77 4.07 28.32
N ILE D 19 3.83 3.97 29.13
CA ILE D 19 3.74 3.33 30.43
C ILE D 19 4.14 4.36 31.50
N LEU D 20 3.85 4.04 32.75
CA LEU D 20 3.99 5.01 33.84
C LEU D 20 3.86 4.30 35.19
N LYS D 21 4.23 5.02 36.25
CA LYS D 21 4.33 4.49 37.61
C LYS D 21 3.11 4.83 38.46
N GLU D 22 2.81 3.93 39.41
CA GLU D 22 1.80 4.15 40.45
C GLU D 22 2.18 5.29 41.37
N THR D 23 3.36 5.89 41.18
CA THR D 23 3.70 7.04 42.00
C THR D 23 3.35 8.37 41.33
N GLU D 24 2.88 8.33 40.09
CA GLU D 24 2.45 9.56 39.42
C GLU D 24 0.97 9.86 39.63
N PHE D 25 0.19 8.86 40.06
CA PHE D 25 -1.26 9.00 40.25
C PHE D 25 -1.65 8.46 41.61
N LYS D 26 -2.23 9.31 42.46
CA LYS D 26 -2.81 8.87 43.73
C LYS D 26 -4.32 8.72 43.58
N LYS D 27 -4.84 7.51 43.80
CA LYS D 27 -6.27 7.27 43.72
C LYS D 27 -7.00 7.96 44.87
N ILE D 28 -8.32 8.14 44.71
CA ILE D 28 -9.13 8.79 45.73
C ILE D 28 -10.29 7.90 46.15
N LYS D 29 -11.36 7.87 45.34
CA LYS D 29 -12.59 7.20 45.71
C LYS D 29 -12.90 6.04 44.78
N VAL D 30 -13.53 5.02 45.33
CA VAL D 30 -13.91 3.85 44.55
C VAL D 30 -15.23 4.14 43.84
N LEU D 31 -15.25 3.91 42.53
CA LEU D 31 -16.43 4.20 41.71
C LEU D 31 -17.03 2.92 41.16
N GLY D 32 -17.51 2.04 42.03
CA GLY D 32 -18.05 0.77 41.59
C GLY D 32 -16.96 -0.28 41.61
N SER D 33 -17.34 -1.49 41.20
CA SER D 33 -16.40 -2.60 41.25
C SER D 33 -16.90 -3.83 40.51
N GLY D 34 -17.46 -4.77 41.24
CA GLY D 34 -17.99 -5.97 40.61
C GLY D 34 -16.99 -7.12 40.71
N ALA D 35 -17.30 -8.18 39.98
CA ALA D 35 -16.47 -9.37 39.98
C ALA D 35 -15.05 -9.12 39.49
N PHE D 36 -14.91 -8.96 38.18
CA PHE D 36 -13.61 -8.83 37.50
C PHE D 36 -12.95 -7.47 37.74
N GLY D 37 -12.35 -7.31 38.91
CA GLY D 37 -11.58 -6.11 39.16
C GLY D 37 -12.39 -4.88 39.52
N THR D 38 -11.84 -4.05 40.40
CA THR D 38 -12.54 -2.84 40.81
C THR D 38 -12.06 -1.63 40.00
N VAL D 39 -12.68 -0.48 40.26
CA VAL D 39 -12.43 0.74 39.50
C VAL D 39 -12.42 1.94 40.45
N TYR D 40 -11.55 2.92 40.18
CA TYR D 40 -11.39 4.08 41.05
C TYR D 40 -11.32 5.37 40.24
N LYS D 41 -11.41 6.50 40.94
CA LYS D 41 -11.18 7.83 40.41
C LYS D 41 -9.86 8.38 40.93
N GLY D 42 -9.28 9.31 40.19
CA GLY D 42 -8.06 9.90 40.71
C GLY D 42 -7.52 11.04 39.87
N LEU D 43 -6.43 11.62 40.37
CA LEU D 43 -5.65 12.64 39.68
C LEU D 43 -4.34 12.04 39.19
N TRP D 44 -3.65 12.77 38.32
CA TRP D 44 -2.40 12.31 37.73
C TRP D 44 -1.42 13.47 37.59
N ILE D 45 -0.18 13.25 38.03
CA ILE D 45 0.89 14.25 37.95
C ILE D 45 1.84 13.85 36.83
N PRO D 46 2.04 14.68 35.81
CA PRO D 46 2.98 14.35 34.73
C PRO D 46 4.43 14.49 35.19
N GLU D 47 5.33 13.99 34.34
CA GLU D 47 6.78 14.03 34.55
C GLU D 47 7.19 13.24 35.79
N VAL D 51 1.38 20.42 35.49
CA VAL D 51 -0.06 20.41 35.24
C VAL D 51 -0.69 19.33 36.10
N LYS D 52 -2.00 19.42 36.31
CA LYS D 52 -2.71 18.47 37.13
C LYS D 52 -3.94 18.01 36.35
N ILE D 53 -4.09 16.70 36.21
CA ILE D 53 -5.14 16.13 35.38
C ILE D 53 -5.85 15.01 36.14
N PRO D 54 -7.17 14.96 36.11
CA PRO D 54 -7.91 13.85 36.73
C PRO D 54 -8.01 12.69 35.74
N VAL D 55 -8.19 11.49 36.31
CA VAL D 55 -8.13 10.25 35.56
C VAL D 55 -8.91 9.18 36.30
N ALA D 56 -9.38 8.18 35.57
CA ALA D 56 -10.02 6.99 36.13
C ALA D 56 -9.06 5.81 36.08
N ILE D 57 -9.09 4.97 37.13
CA ILE D 57 -8.10 3.91 37.32
C ILE D 57 -8.82 2.56 37.44
N LYS D 58 -8.38 1.59 36.64
CA LYS D 58 -8.91 0.23 36.66
C LYS D 58 -7.78 -0.72 37.01
N GLU D 59 -7.88 -1.37 38.17
CA GLU D 59 -6.90 -2.34 38.61
C GLU D 59 -7.60 -3.69 38.80
N LEU D 60 -6.96 -4.75 38.31
CA LEU D 60 -7.58 -6.07 38.31
C LEU D 60 -7.77 -6.55 39.75
N ARG D 61 -8.57 -7.61 39.90
CA ARG D 61 -8.85 -8.14 41.24
C ARG D 61 -7.54 -8.52 41.95
N GLU D 62 -6.69 -9.31 41.29
CA GLU D 62 -5.45 -9.81 41.88
C GLU D 62 -4.34 -9.89 40.83
N ALA D 63 -3.59 -11.00 40.81
CA ALA D 63 -2.57 -11.23 39.79
C ALA D 63 -2.31 -12.71 39.61
N THR D 64 -3.31 -13.54 39.89
CA THR D 64 -3.15 -14.98 40.01
C THR D 64 -3.67 -15.75 38.81
N SER D 65 -4.77 -15.30 38.20
CA SER D 65 -5.26 -16.20 37.17
C SER D 65 -4.72 -15.77 35.81
N PRO D 66 -4.17 -16.70 35.03
CA PRO D 66 -3.62 -16.33 33.72
C PRO D 66 -4.67 -15.79 32.77
N LYS D 67 -5.90 -16.29 32.85
CA LYS D 67 -6.97 -15.72 32.05
C LYS D 67 -7.24 -14.28 32.45
N ALA D 68 -7.12 -13.97 33.75
CA ALA D 68 -7.33 -12.60 34.21
C ALA D 68 -6.29 -11.65 33.62
N ASN D 69 -5.01 -12.03 33.72
CA ASN D 69 -3.96 -11.16 33.21
C ASN D 69 -3.94 -11.14 31.69
N LYS D 70 -4.25 -12.26 31.04
CA LYS D 70 -4.26 -12.29 29.57
C LYS D 70 -5.36 -11.40 28.99
N GLU D 71 -6.50 -11.30 29.68
CA GLU D 71 -7.64 -10.58 29.12
C GLU D 71 -7.46 -9.06 29.26
N ILE D 72 -6.94 -8.60 30.40
CA ILE D 72 -6.77 -7.16 30.59
C ILE D 72 -5.75 -6.60 29.61
N LEU D 73 -4.80 -7.43 29.15
CA LEU D 73 -3.81 -6.98 28.18
C LEU D 73 -4.45 -6.61 26.86
N ASP D 74 -5.22 -7.54 26.28
CA ASP D 74 -5.81 -7.31 24.96
C ASP D 74 -6.73 -6.11 24.98
N GLU D 75 -7.37 -5.83 26.12
CA GLU D 75 -8.16 -4.61 26.25
C GLU D 75 -7.33 -3.36 25.99
N ALA D 76 -6.10 -3.31 26.51
CA ALA D 76 -5.27 -2.15 26.28
C ALA D 76 -4.68 -2.15 24.87
N TYR D 77 -4.43 -3.33 24.31
CA TYR D 77 -3.96 -3.41 22.93
C TYR D 77 -4.97 -2.75 21.99
N VAL D 78 -6.20 -3.22 22.01
CA VAL D 78 -7.23 -2.65 21.14
C VAL D 78 -7.44 -1.18 21.46
N MET D 79 -7.51 -0.83 22.74
CA MET D 79 -7.79 0.55 23.12
C MET D 79 -6.69 1.49 22.67
N ALA D 80 -5.47 0.99 22.53
CA ALA D 80 -4.37 1.80 22.04
C ALA D 80 -4.24 1.74 20.53
N SER D 81 -4.55 0.60 19.90
CA SER D 81 -4.48 0.51 18.45
C SER D 81 -5.50 1.42 17.78
N VAL D 82 -6.59 1.74 18.46
CA VAL D 82 -7.58 2.68 17.95
C VAL D 82 -7.40 4.06 18.60
N ASP D 83 -6.19 4.36 19.07
CA ASP D 83 -5.92 5.72 19.54
C ASP D 83 -5.65 6.62 18.36
N ASN D 84 -5.12 6.04 17.27
CA ASN D 84 -5.04 6.54 15.90
C ASN D 84 -5.00 8.08 15.83
N PRO D 85 -5.69 8.72 14.87
CA PRO D 85 -6.16 10.09 15.14
C PRO D 85 -7.06 10.16 16.36
N GLY D 86 -8.01 9.24 16.49
CA GLY D 86 -8.92 9.28 17.62
C GLY D 86 -10.14 10.15 17.43
N ASN D 87 -11.30 9.64 17.88
CA ASN D 87 -12.63 10.19 17.79
C ASN D 87 -13.00 10.93 19.08
N PRO D 88 -13.76 12.01 18.97
CA PRO D 88 -14.25 12.68 20.18
C PRO D 88 -15.33 11.90 20.91
N HIS D 89 -15.93 10.91 20.27
CA HIS D 89 -16.91 10.03 20.88
C HIS D 89 -16.34 8.67 21.24
N VAL D 90 -15.02 8.53 21.27
CA VAL D 90 -14.35 7.29 21.64
C VAL D 90 -13.31 7.61 22.69
N CYS D 91 -13.45 6.98 23.86
CA CYS D 91 -12.55 7.26 24.97
C CYS D 91 -11.16 6.71 24.65
N ARG D 92 -10.15 7.58 24.63
CA ARG D 92 -8.81 7.15 24.30
C ARG D 92 -8.09 6.61 25.54
N LEU D 93 -7.14 5.71 25.31
CA LEU D 93 -6.34 5.12 26.38
C LEU D 93 -5.13 6.01 26.67
N LEU D 94 -5.02 6.49 27.90
CA LEU D 94 -3.90 7.33 28.28
C LEU D 94 -2.62 6.52 28.43
N GLY D 95 -2.56 5.68 29.45
CA GLY D 95 -1.37 4.91 29.77
C GLY D 95 -1.67 3.62 30.51
N ILE D 96 -0.63 3.02 31.09
CA ILE D 96 -0.75 1.74 31.77
C ILE D 96 0.34 1.64 32.82
N CYS D 97 0.02 1.04 33.94
CA CYS D 97 0.99 0.74 34.99
C CYS D 97 1.06 -0.76 35.19
N LEU D 98 2.28 -1.31 35.25
CA LEU D 98 2.51 -2.74 35.37
C LEU D 98 2.95 -3.11 36.78
N THR D 99 1.98 -3.32 37.66
CA THR D 99 2.25 -3.86 38.98
C THR D 99 1.83 -5.33 38.97
N SER D 100 1.88 -5.98 40.15
CA SER D 100 1.28 -7.29 40.33
C SER D 100 -0.10 -7.24 39.71
N THR D 101 -0.99 -6.47 40.34
CA THR D 101 -2.24 -6.07 39.72
C THR D 101 -1.98 -5.13 38.55
N VAL D 102 -2.33 -5.55 37.35
CA VAL D 102 -2.17 -4.71 36.17
C VAL D 102 -3.14 -3.54 36.24
N GLN D 103 -2.68 -2.36 35.83
CA GLN D 103 -3.43 -1.12 36.00
C GLN D 103 -3.65 -0.43 34.66
N LEU D 104 -4.91 -0.07 34.36
CA LEU D 104 -5.30 0.59 33.13
C LEU D 104 -5.77 2.02 33.41
N ILE D 105 -5.29 2.96 32.60
CA ILE D 105 -5.57 4.39 32.82
C ILE D 105 -6.11 5.00 31.53
N THR D 106 -7.29 5.64 31.62
CA THR D 106 -7.85 6.45 30.53
C THR D 106 -8.35 7.78 31.09
N GLN D 107 -8.88 8.61 30.20
CA GLN D 107 -9.51 9.88 30.59
C GLN D 107 -10.75 9.55 31.40
N LEU D 108 -11.05 10.37 32.39
CA LEU D 108 -12.21 10.09 33.24
C LEU D 108 -13.34 11.01 32.80
N MET D 109 -14.54 10.49 32.80
CA MET D 109 -15.69 11.25 32.35
C MET D 109 -16.48 11.64 33.59
N PRO D 110 -16.50 12.93 33.97
CA PRO D 110 -16.94 13.27 35.33
C PRO D 110 -18.42 13.06 35.61
N PHE D 111 -19.27 13.02 34.59
CA PHE D 111 -20.72 12.97 34.80
C PHE D 111 -21.26 11.55 34.79
N GLY D 112 -20.38 10.57 34.96
CA GLY D 112 -20.75 9.18 35.07
C GLY D 112 -21.08 8.49 33.76
N CYS D 113 -22.15 7.71 33.75
CA CYS D 113 -22.48 6.95 32.57
C CYS D 113 -23.94 7.17 32.16
N LEU D 114 -24.24 6.83 30.90
CA LEU D 114 -25.53 7.18 30.32
C LEU D 114 -26.69 6.48 31.02
N LEU D 115 -26.53 5.19 31.31
CA LEU D 115 -27.57 4.47 32.04
C LEU D 115 -27.81 5.07 33.41
N ASP D 116 -26.73 5.35 34.15
CA ASP D 116 -26.86 5.99 35.45
C ASP D 116 -27.25 7.45 35.36
N TYR D 117 -27.20 8.04 34.16
CA TYR D 117 -27.64 9.41 33.94
C TYR D 117 -29.09 9.44 33.48
N VAL D 118 -29.46 8.54 32.57
CA VAL D 118 -30.83 8.51 32.06
C VAL D 118 -31.79 8.06 33.16
N ARG D 119 -31.39 7.06 33.95
CA ARG D 119 -32.23 6.61 35.06
C ARG D 119 -32.36 7.68 36.15
N GLU D 120 -31.33 8.51 36.35
CA GLU D 120 -31.42 9.51 37.41
C GLU D 120 -31.99 10.84 36.93
N HIS D 121 -31.65 11.29 35.72
CA HIS D 121 -32.31 12.48 35.19
C HIS D 121 -33.27 12.16 34.06
N LYS D 122 -34.21 11.26 34.31
CA LYS D 122 -35.27 10.98 33.34
C LYS D 122 -36.06 12.25 33.02
N ASP D 123 -36.46 12.99 34.06
CA ASP D 123 -37.09 14.28 33.89
C ASP D 123 -36.03 15.37 33.70
N ASN D 124 -36.51 16.57 33.36
CA ASN D 124 -35.67 17.76 33.15
C ASN D 124 -34.66 17.57 32.02
N ILE D 125 -34.92 16.66 31.09
CA ILE D 125 -34.05 16.42 29.96
C ILE D 125 -34.71 16.92 28.68
N GLY D 126 -33.89 17.37 27.74
CA GLY D 126 -34.39 17.98 26.53
C GLY D 126 -34.68 16.95 25.44
N SER D 127 -35.71 17.25 24.64
CA SER D 127 -36.01 16.42 23.48
C SER D 127 -34.83 16.39 22.52
N GLN D 128 -33.98 17.42 22.54
CA GLN D 128 -32.79 17.46 21.70
C GLN D 128 -31.73 16.48 22.20
N TYR D 129 -31.38 16.57 23.49
CA TYR D 129 -30.30 15.75 24.05
C TYR D 129 -30.48 14.28 23.70
N LEU D 130 -31.71 13.77 23.77
CA LEU D 130 -31.96 12.37 23.43
C LEU D 130 -31.50 12.04 22.01
N LEU D 131 -31.84 12.91 21.06
CA LEU D 131 -31.48 12.65 19.66
C LEU D 131 -30.00 12.85 19.40
N ASN D 132 -29.40 13.91 19.96
CA ASN D 132 -27.97 14.15 19.76
C ASN D 132 -27.13 12.97 20.24
N TRP D 133 -27.42 12.46 21.44
CA TRP D 133 -26.65 11.33 21.98
C TRP D 133 -26.64 10.16 21.01
N CYS D 134 -27.77 9.89 20.35
CA CYS D 134 -27.80 8.86 19.33
C CYS D 134 -26.85 9.19 18.19
N VAL D 135 -26.83 10.45 17.74
CA VAL D 135 -25.93 10.85 16.67
C VAL D 135 -24.48 10.58 17.08
N GLN D 136 -24.11 11.02 18.28
CA GLN D 136 -22.73 10.88 18.71
C GLN D 136 -22.35 9.41 18.90
N ILE D 137 -23.15 8.66 19.68
CA ILE D 137 -22.89 7.25 19.89
C ILE D 137 -22.75 6.53 18.56
N ALA D 138 -23.59 6.90 17.58
CA ALA D 138 -23.49 6.28 16.26
C ALA D 138 -22.19 6.65 15.56
N LYS D 139 -21.84 7.96 15.52
CA LYS D 139 -20.58 8.37 14.89
C LYS D 139 -19.39 7.67 15.52
N GLY D 140 -19.38 7.53 16.85
CA GLY D 140 -18.28 6.84 17.49
C GLY D 140 -18.17 5.41 17.02
N MET D 141 -19.31 4.71 16.97
CA MET D 141 -19.32 3.36 16.43
C MET D 141 -18.89 3.31 14.97
N ASN D 142 -19.17 4.38 14.21
CA ASN D 142 -18.65 4.45 12.84
C ASN D 142 -17.13 4.47 12.83
N TYR D 143 -16.52 5.20 13.77
CA TYR D 143 -15.06 5.21 13.87
C TYR D 143 -14.51 3.82 14.16
N LEU D 144 -15.13 3.12 15.11
CA LEU D 144 -14.70 1.76 15.41
C LEU D 144 -14.90 0.85 14.21
N GLU D 145 -16.03 0.99 13.50
CA GLU D 145 -16.28 0.17 12.32
C GLU D 145 -15.19 0.35 11.26
N ASP D 146 -14.65 1.57 11.12
CA ASP D 146 -13.60 1.81 10.14
C ASP D 146 -12.27 1.22 10.57
N ARG D 147 -11.98 1.16 11.88
CA ARG D 147 -10.75 0.57 12.36
C ARG D 147 -10.85 -0.94 12.58
N ARG D 148 -11.75 -1.62 11.85
CA ARG D 148 -11.86 -3.08 11.88
C ARG D 148 -12.09 -3.61 13.30
N LEU D 149 -12.93 -2.93 14.07
CA LEU D 149 -13.15 -3.24 15.46
C LEU D 149 -14.60 -3.59 15.73
N VAL D 150 -14.84 -4.66 16.48
CA VAL D 150 -16.14 -4.93 17.05
C VAL D 150 -16.06 -4.59 18.53
N HIS D 151 -17.21 -4.29 19.13
CA HIS D 151 -17.25 -3.85 20.52
C HIS D 151 -17.97 -4.84 21.42
N ARG D 152 -18.93 -5.57 20.87
CA ARG D 152 -19.59 -6.67 21.56
C ARG D 152 -20.36 -6.20 22.79
N ASP D 153 -19.68 -5.53 23.71
CA ASP D 153 -20.30 -5.06 24.96
C ASP D 153 -20.72 -3.59 24.84
N LEU D 154 -21.78 -3.37 24.08
CA LEU D 154 -22.38 -2.04 23.93
C LEU D 154 -23.72 -1.95 24.65
N ALA D 155 -23.82 -1.00 25.56
CA ALA D 155 -25.04 -0.74 26.32
C ALA D 155 -24.95 0.69 26.85
N ALA D 156 -26.02 1.15 27.50
CA ALA D 156 -26.00 2.47 28.09
C ALA D 156 -25.01 2.52 29.26
N ARG D 157 -24.91 1.42 30.00
CA ARG D 157 -23.92 1.30 31.08
C ARG D 157 -22.50 1.51 30.56
N ASN D 158 -22.21 1.04 29.34
CA ASN D 158 -20.89 1.15 28.74
C ASN D 158 -20.75 2.39 27.86
N VAL D 159 -21.55 3.42 28.13
CA VAL D 159 -21.45 4.70 27.45
C VAL D 159 -21.25 5.77 28.51
N LEU D 160 -20.25 6.63 28.29
CA LEU D 160 -19.85 7.61 29.27
C LEU D 160 -20.29 9.00 28.81
N VAL D 161 -20.30 9.93 29.76
CA VAL D 161 -20.80 11.30 29.52
C VAL D 161 -19.70 12.25 29.96
N LYS D 162 -18.97 12.81 28.99
CA LYS D 162 -17.97 13.83 29.30
C LYS D 162 -18.64 15.14 29.70
N THR D 163 -19.50 15.66 28.84
CA THR D 163 -20.35 16.82 29.09
C THR D 163 -21.78 16.41 28.77
N PRO D 164 -22.77 17.18 29.24
CA PRO D 164 -24.18 16.80 29.00
C PRO D 164 -24.56 16.63 27.53
N GLN D 165 -23.82 17.19 26.58
CA GLN D 165 -24.08 16.98 25.16
C GLN D 165 -22.90 16.30 24.47
N HIS D 166 -22.13 15.52 25.22
CA HIS D 166 -20.95 14.83 24.66
C HIS D 166 -20.79 13.49 25.35
N VAL D 167 -20.90 12.41 24.57
CA VAL D 167 -20.75 11.06 25.08
C VAL D 167 -19.61 10.37 24.35
N LYS D 168 -19.10 9.29 24.96
CA LYS D 168 -18.00 8.53 24.42
C LYS D 168 -18.23 7.05 24.72
N ILE D 169 -17.40 6.19 24.12
CA ILE D 169 -17.51 4.74 24.29
C ILE D 169 -16.32 4.24 25.11
N THR D 170 -16.58 3.22 25.92
CA THR D 170 -15.53 2.58 26.73
C THR D 170 -15.94 1.13 26.98
N ASP D 171 -15.28 0.49 27.95
CA ASP D 171 -15.43 -0.95 28.23
C ASP D 171 -15.10 -1.78 27.00
N PHE D 172 -13.86 -1.61 26.52
CA PHE D 172 -13.31 -2.37 25.42
C PHE D 172 -12.89 -3.79 25.82
N GLY D 173 -13.37 -4.29 26.95
CA GLY D 173 -12.92 -5.59 27.42
C GLY D 173 -13.13 -6.68 26.38
N LEU D 174 -14.28 -6.66 25.71
CA LEU D 174 -14.62 -7.65 24.71
C LEU D 174 -14.31 -7.17 23.29
N ALA D 175 -13.53 -6.10 23.15
CA ALA D 175 -13.19 -5.67 21.80
C ALA D 175 -12.30 -6.72 21.13
N LYS D 176 -12.13 -6.56 19.82
CA LYS D 176 -11.32 -7.48 19.05
C LYS D 176 -11.02 -6.93 17.67
N LEU D 177 -9.76 -7.03 17.24
CA LEU D 177 -9.31 -6.45 15.98
C LEU D 177 -9.42 -7.49 14.87
N LEU D 178 -10.27 -7.22 13.89
CA LEU D 178 -10.40 -8.10 12.75
C LEU D 178 -9.31 -7.76 11.75
N GLY D 179 -8.53 -8.77 11.36
CA GLY D 179 -7.42 -8.55 10.46
C GLY D 179 -7.90 -8.38 9.04
N ALA D 180 -6.95 -8.38 8.12
CA ALA D 180 -7.31 -8.30 6.71
C ALA D 180 -8.25 -9.44 6.36
N GLU D 181 -9.20 -9.15 5.47
CA GLU D 181 -10.32 -10.02 5.11
C GLU D 181 -11.17 -10.31 6.35
N GLU D 182 -11.24 -11.56 6.83
CA GLU D 182 -12.07 -12.02 7.95
C GLU D 182 -13.17 -11.05 8.38
N LYS D 183 -14.39 -11.24 7.85
CA LYS D 183 -15.49 -10.32 8.10
C LYS D 183 -16.29 -10.67 9.36
N GLU D 184 -15.68 -11.34 10.34
CA GLU D 184 -16.39 -11.69 11.56
C GLU D 184 -15.38 -12.16 12.60
N TYR D 185 -15.87 -12.43 13.81
CA TYR D 185 -15.05 -12.93 14.90
C TYR D 185 -15.85 -14.03 15.60
N HIS D 186 -15.28 -14.60 16.66
CA HIS D 186 -15.87 -15.70 17.42
C HIS D 186 -14.98 -16.12 18.60
N ALA D 187 -15.50 -16.03 19.81
CA ALA D 187 -14.72 -16.37 21.00
C ALA D 187 -15.32 -17.54 21.76
N VAL D 192 -21.02 -13.66 28.11
CA VAL D 192 -21.51 -12.67 27.16
C VAL D 192 -22.92 -12.17 27.51
N PRO D 193 -23.20 -10.88 27.22
CA PRO D 193 -24.49 -10.28 27.60
C PRO D 193 -25.62 -10.58 26.62
N ILE D 194 -26.47 -11.54 26.97
CA ILE D 194 -27.44 -12.07 26.00
C ILE D 194 -28.52 -11.05 25.67
N LYS D 195 -28.96 -10.24 26.64
CA LYS D 195 -30.05 -9.31 26.36
C LYS D 195 -29.67 -8.30 25.29
N TRP D 196 -28.46 -7.73 25.37
CA TRP D 196 -27.98 -6.78 24.37
C TRP D 196 -27.33 -7.47 23.18
N MET D 197 -27.58 -8.76 22.97
CA MET D 197 -26.86 -9.53 21.98
C MET D 197 -27.79 -9.95 20.85
N ALA D 198 -27.19 -10.18 19.68
CA ALA D 198 -27.92 -10.58 18.50
C ALA D 198 -28.06 -12.10 18.49
N LEU D 199 -29.16 -12.58 17.91
CA LEU D 199 -29.43 -14.01 17.92
C LEU D 199 -28.39 -14.83 17.15
N GLU D 200 -27.81 -14.26 16.08
CA GLU D 200 -26.72 -14.97 15.41
C GLU D 200 -25.57 -15.26 16.36
N SER D 201 -25.44 -14.50 17.45
CA SER D 201 -24.37 -14.72 18.41
C SER D 201 -24.81 -15.64 19.53
N ILE D 202 -26.03 -15.47 20.06
CA ILE D 202 -26.49 -16.36 21.10
C ILE D 202 -26.53 -17.80 20.60
N LEU D 203 -26.84 -18.00 19.32
CA LEU D 203 -26.98 -19.34 18.74
C LEU D 203 -25.72 -19.82 18.03
N HIS D 204 -24.95 -18.93 17.40
CA HIS D 204 -23.79 -19.32 16.63
C HIS D 204 -22.51 -18.64 17.07
N ARG D 205 -22.56 -17.79 18.09
CA ARG D 205 -21.37 -17.19 18.72
C ARG D 205 -20.52 -16.39 17.74
N ILE D 206 -21.13 -15.82 16.70
CA ILE D 206 -20.42 -14.97 15.75
C ILE D 206 -20.79 -13.51 16.02
N TYR D 207 -19.82 -12.63 15.78
CA TYR D 207 -20.00 -11.20 16.03
C TYR D 207 -19.45 -10.41 14.86
N THR D 208 -20.33 -9.71 14.15
CA THR D 208 -19.99 -8.85 13.04
C THR D 208 -20.21 -7.38 13.42
N HIS D 209 -19.90 -6.48 12.47
CA HIS D 209 -20.25 -5.08 12.67
C HIS D 209 -21.74 -4.89 12.81
N GLN D 210 -22.54 -5.74 12.16
CA GLN D 210 -23.98 -5.71 12.31
C GLN D 210 -24.42 -6.33 13.63
N SER D 211 -23.55 -7.10 14.28
CA SER D 211 -23.84 -7.54 15.65
C SER D 211 -23.86 -6.36 16.62
N ASP D 212 -23.02 -5.35 16.38
CA ASP D 212 -23.07 -4.13 17.17
C ASP D 212 -24.26 -3.26 16.79
N VAL D 213 -24.70 -3.34 15.53
CA VAL D 213 -25.90 -2.62 15.11
C VAL D 213 -27.07 -2.99 16.01
N TRP D 214 -27.23 -4.29 16.29
CA TRP D 214 -28.27 -4.74 17.20
C TRP D 214 -28.18 -4.04 18.55
N SER D 215 -26.97 -3.97 19.13
CA SER D 215 -26.80 -3.31 20.43
C SER D 215 -27.22 -1.84 20.37
N TYR D 216 -26.89 -1.15 19.27
CA TYR D 216 -27.28 0.25 19.11
C TYR D 216 -28.77 0.44 19.36
N GLY D 217 -29.59 -0.43 18.79
CA GLY D 217 -31.03 -0.36 19.04
C GLY D 217 -31.35 -0.51 20.51
N VAL D 218 -30.73 -1.49 21.18
CA VAL D 218 -30.97 -1.71 22.60
C VAL D 218 -30.58 -0.49 23.43
N THR D 219 -29.46 0.16 23.08
CA THR D 219 -29.04 1.34 23.83
C THR D 219 -30.03 2.50 23.62
N VAL D 220 -30.32 2.81 22.36
CA VAL D 220 -31.32 3.83 22.06
C VAL D 220 -32.63 3.48 22.75
N TRP D 221 -33.02 2.22 22.68
CA TRP D 221 -34.20 1.76 23.42
C TRP D 221 -34.09 2.12 24.89
N GLU D 222 -32.93 1.85 25.50
CA GLU D 222 -32.71 2.24 26.90
C GLU D 222 -32.84 3.74 27.08
N LEU D 223 -32.21 4.53 26.22
CA LEU D 223 -32.35 5.98 26.31
C LEU D 223 -33.81 6.40 26.13
N MET D 224 -34.46 5.86 25.10
CA MET D 224 -35.83 6.24 24.84
C MET D 224 -36.79 5.74 25.92
N THR D 225 -36.56 4.53 26.45
CA THR D 225 -37.38 3.99 27.53
C THR D 225 -37.03 4.57 28.90
N PHE D 226 -36.14 5.54 28.96
CA PHE D 226 -35.70 6.17 30.21
C PHE D 226 -35.04 5.15 31.14
N GLY D 227 -33.99 4.52 30.60
CA GLY D 227 -33.16 3.65 31.40
C GLY D 227 -33.88 2.46 32.00
N SER D 228 -34.84 1.89 31.29
CA SER D 228 -35.45 0.70 31.83
C SER D 228 -34.68 -0.51 31.29
N LYS D 229 -34.75 -1.60 32.02
CA LYS D 229 -33.93 -2.75 31.68
C LYS D 229 -34.70 -3.61 30.69
N PRO D 230 -34.16 -3.84 29.50
CA PRO D 230 -34.87 -4.67 28.52
C PRO D 230 -35.09 -6.07 29.06
N TYR D 231 -36.30 -6.58 28.82
CA TYR D 231 -36.73 -7.90 29.29
C TYR D 231 -36.50 -8.05 30.79
N ASP D 232 -37.08 -7.12 31.56
CA ASP D 232 -36.99 -7.17 33.01
C ASP D 232 -37.49 -8.50 33.55
N GLY D 233 -36.64 -9.18 34.33
CA GLY D 233 -36.98 -10.45 34.91
C GLY D 233 -36.77 -11.64 34.01
N ILE D 234 -36.74 -11.43 32.69
CA ILE D 234 -36.54 -12.53 31.74
C ILE D 234 -35.15 -13.10 31.90
N PRO D 235 -35.01 -14.37 32.30
CA PRO D 235 -33.68 -14.98 32.34
C PRO D 235 -33.15 -15.22 30.94
N ALA D 236 -31.88 -14.90 30.75
CA ALA D 236 -31.25 -14.96 29.43
C ALA D 236 -31.39 -16.33 28.75
N SER D 237 -31.56 -17.40 29.53
CA SER D 237 -31.56 -18.76 28.99
C SER D 237 -32.65 -18.99 27.95
N GLU D 238 -33.67 -18.13 27.90
CA GLU D 238 -34.75 -18.32 26.95
C GLU D 238 -34.84 -17.22 25.91
N ILE D 239 -34.08 -16.13 26.08
CA ILE D 239 -34.02 -15.07 25.07
C ILE D 239 -33.62 -15.65 23.72
N SER D 240 -32.81 -16.71 23.73
CA SER D 240 -32.55 -17.46 22.51
C SER D 240 -33.85 -17.89 21.85
N SER D 241 -34.81 -18.35 22.64
CA SER D 241 -36.08 -18.82 22.09
C SER D 241 -37.07 -17.69 21.81
N ILE D 242 -37.35 -16.84 22.82
CA ILE D 242 -38.37 -15.80 22.65
C ILE D 242 -38.02 -14.85 21.51
N LEU D 243 -36.73 -14.67 21.23
CA LEU D 243 -36.34 -13.80 20.12
C LEU D 243 -36.59 -14.47 18.79
N GLU D 244 -36.17 -15.72 18.64
CA GLU D 244 -36.41 -16.45 17.39
C GLU D 244 -37.91 -16.64 17.16
N LYS D 245 -38.71 -16.66 18.23
CA LYS D 245 -40.16 -16.71 18.06
C LYS D 245 -40.69 -15.44 17.41
N GLY D 246 -39.99 -14.32 17.56
CA GLY D 246 -40.39 -13.09 16.90
C GLY D 246 -40.52 -11.86 17.78
N GLU D 247 -40.87 -12.03 19.06
CA GLU D 247 -41.09 -10.90 19.94
C GLU D 247 -39.82 -10.06 20.06
N ARG D 248 -40.01 -8.74 20.22
CA ARG D 248 -38.89 -7.82 20.38
C ARG D 248 -39.22 -6.81 21.47
N LEU D 249 -38.23 -6.00 21.80
CA LEU D 249 -38.43 -4.93 22.78
C LEU D 249 -39.55 -4.01 22.29
N PRO D 250 -40.49 -3.64 23.16
CA PRO D 250 -41.63 -2.83 22.71
C PRO D 250 -41.24 -1.40 22.37
N GLN D 251 -42.20 -0.70 21.79
CA GLN D 251 -41.99 0.69 21.37
C GLN D 251 -41.86 1.59 22.59
N PRO D 252 -40.80 2.40 22.69
CA PRO D 252 -40.72 3.34 23.79
C PRO D 252 -41.85 4.36 23.71
N PRO D 253 -42.37 4.80 24.86
CA PRO D 253 -43.56 5.67 24.82
C PRO D 253 -43.35 6.99 24.11
N ILE D 254 -42.27 7.70 24.42
CA ILE D 254 -42.01 9.02 23.83
C ILE D 254 -41.63 8.91 22.37
N CYS D 255 -41.39 7.70 21.87
CA CYS D 255 -40.87 7.50 20.53
C CYS D 255 -41.99 7.54 19.50
N THR D 256 -41.67 8.11 18.33
CA THR D 256 -42.55 7.99 17.18
C THR D 256 -42.27 6.69 16.45
N ILE D 257 -43.20 6.30 15.59
CA ILE D 257 -42.98 5.09 14.80
C ILE D 257 -41.74 5.27 13.93
N ASP D 258 -41.43 6.51 13.56
CA ASP D 258 -40.24 6.79 12.76
C ASP D 258 -38.97 6.32 13.47
N VAL D 259 -38.86 6.62 14.76
CA VAL D 259 -37.68 6.22 15.51
C VAL D 259 -37.68 4.71 15.74
N TYR D 260 -38.79 4.19 16.24
CA TYR D 260 -38.90 2.75 16.47
C TYR D 260 -38.73 1.95 15.19
N MET D 261 -39.11 2.53 14.05
CA MET D 261 -38.89 1.87 12.76
C MET D 261 -37.41 1.62 12.52
N ILE D 262 -36.55 2.53 12.97
CA ILE D 262 -35.11 2.28 12.91
C ILE D 262 -34.74 1.20 13.91
N MET D 263 -35.29 1.29 15.13
CA MET D 263 -35.01 0.30 16.17
C MET D 263 -35.33 -1.10 15.69
N VAL D 264 -36.44 -1.27 14.97
CA VAL D 264 -36.81 -2.59 14.47
C VAL D 264 -35.91 -2.99 13.30
N LYS D 265 -35.61 -2.04 12.42
CA LYS D 265 -34.71 -2.33 11.31
C LYS D 265 -33.35 -2.82 11.81
N CYS D 266 -32.89 -2.32 12.97
CA CYS D 266 -31.65 -2.80 13.55
C CYS D 266 -31.81 -4.22 14.08
N TRP D 267 -32.97 -4.55 14.63
CA TRP D 267 -33.22 -5.85 15.21
C TRP D 267 -33.67 -6.87 14.18
N MET D 268 -33.37 -6.64 12.90
CA MET D 268 -33.74 -7.61 11.88
C MET D 268 -32.87 -8.86 11.99
N ILE D 269 -33.43 -9.99 11.56
CA ILE D 269 -32.72 -11.26 11.65
C ILE D 269 -31.55 -11.27 10.67
N ASP D 270 -31.84 -11.04 9.39
CA ASP D 270 -30.81 -11.01 8.36
C ASP D 270 -29.81 -9.89 8.60
N ALA D 271 -28.55 -10.26 8.85
CA ALA D 271 -27.50 -9.25 9.02
C ALA D 271 -27.36 -8.37 7.79
N ASP D 272 -27.83 -8.84 6.62
CA ASP D 272 -27.78 -8.05 5.40
C ASP D 272 -28.90 -7.00 5.34
N SER D 273 -30.05 -7.28 5.96
CA SER D 273 -31.14 -6.32 6.03
C SER D 273 -30.97 -5.31 7.16
N ARG D 274 -29.88 -5.38 7.91
CA ARG D 274 -29.64 -4.44 8.98
C ARG D 274 -29.09 -3.13 8.43
N PRO D 275 -29.25 -2.04 9.18
CA PRO D 275 -28.67 -0.77 8.74
C PRO D 275 -27.18 -0.71 9.02
N LYS D 276 -26.48 0.07 8.20
CA LYS D 276 -25.07 0.34 8.43
C LYS D 276 -24.96 1.57 9.31
N PHE D 277 -23.85 1.65 10.06
CA PHE D 277 -23.72 2.74 11.03
C PHE D 277 -23.74 4.11 10.36
N ARG D 278 -23.14 4.22 9.17
CA ARG D 278 -23.16 5.49 8.45
C ARG D 278 -24.59 5.98 8.25
N GLU D 279 -25.51 5.07 7.88
CA GLU D 279 -26.90 5.45 7.69
C GLU D 279 -27.50 5.99 8.98
N LEU D 280 -27.14 5.38 10.12
CA LEU D 280 -27.67 5.84 11.40
C LEU D 280 -27.15 7.23 11.73
N ILE D 281 -25.91 7.54 11.33
CA ILE D 281 -25.38 8.90 11.52
C ILE D 281 -26.27 9.90 10.81
N ILE D 282 -26.55 9.65 9.53
CA ILE D 282 -27.34 10.56 8.71
C ILE D 282 -28.78 10.63 9.20
N GLU D 283 -29.41 9.46 9.41
CA GLU D 283 -30.82 9.42 9.80
C GLU D 283 -31.07 10.20 11.09
N PHE D 284 -30.18 10.08 12.07
CA PHE D 284 -30.35 10.83 13.32
C PHE D 284 -29.87 12.27 13.22
N SER D 285 -28.89 12.55 12.35
CA SER D 285 -28.49 13.94 12.16
C SER D 285 -29.62 14.76 11.55
N LYS D 286 -30.43 14.15 10.68
CA LYS D 286 -31.63 14.82 10.20
C LYS D 286 -32.62 15.04 11.34
N MET D 287 -32.93 13.97 12.09
CA MET D 287 -33.85 14.10 13.21
C MET D 287 -33.31 15.04 14.27
N ALA D 288 -32.00 15.19 14.37
CA ALA D 288 -31.42 16.12 15.33
C ALA D 288 -31.81 17.56 15.02
N ARG D 289 -32.08 17.86 13.75
CA ARG D 289 -32.44 19.22 13.35
C ARG D 289 -33.86 19.60 13.78
N ASP D 290 -34.68 18.64 14.18
CA ASP D 290 -36.03 18.91 14.67
C ASP D 290 -36.41 17.87 15.71
N PRO D 291 -35.91 18.01 16.94
CA PRO D 291 -36.19 16.99 17.95
C PRO D 291 -37.64 16.95 18.36
N GLN D 292 -38.32 18.09 18.38
CA GLN D 292 -39.70 18.15 18.82
C GLN D 292 -40.65 17.42 17.88
N ARG D 293 -40.22 17.08 16.67
CA ARG D 293 -41.03 16.27 15.78
C ARG D 293 -40.98 14.80 16.14
N TYR D 294 -40.01 14.39 16.98
CA TYR D 294 -39.84 12.98 17.34
C TYR D 294 -39.84 12.67 18.83
N LEU D 295 -40.13 13.65 19.70
CA LEU D 295 -40.07 13.43 21.15
C LEU D 295 -41.22 14.15 21.84
N VAL D 296 -41.55 13.65 23.03
CA VAL D 296 -42.74 14.05 23.79
C VAL D 296 -42.31 14.93 24.96
N ILE D 297 -43.14 15.95 25.26
CA ILE D 297 -42.90 16.97 26.28
C ILE D 297 -41.74 17.85 25.83
N GLN D 298 -41.81 19.15 26.13
CA GLN D 298 -40.86 20.10 25.59
C GLN D 298 -40.65 21.24 26.57
N GLY D 299 -39.72 22.13 26.23
CA GLY D 299 -39.44 23.29 27.06
C GLY D 299 -38.52 23.00 28.22
N ASP D 300 -37.26 22.67 27.94
CA ASP D 300 -36.27 22.37 28.99
C ASP D 300 -34.90 22.24 28.36
N GLU D 301 -33.89 22.16 29.22
CA GLU D 301 -32.50 21.88 28.85
C GLU D 301 -31.86 22.98 28.01
N ARG D 302 -30.53 22.96 27.93
CA ARG D 302 -29.77 23.99 27.22
C ARG D 302 -29.67 23.70 25.73
N MET D 303 -28.48 23.90 25.17
CA MET D 303 -28.25 23.71 23.74
C MET D 303 -28.42 22.25 23.35
N GLY E 9 -40.72 19.86 11.45
CA GLY E 9 -41.64 20.29 10.42
C GLY E 9 -43.08 20.06 10.80
N GLU E 10 -43.67 19.05 10.15
CA GLU E 10 -45.07 18.74 10.33
C GLU E 10 -45.26 17.83 11.55
N ALA E 11 -46.49 17.36 11.72
CA ALA E 11 -46.86 16.73 12.99
C ALA E 11 -46.27 15.33 13.11
N PRO E 12 -45.78 14.96 14.29
CA PRO E 12 -45.28 13.58 14.49
C PRO E 12 -46.41 12.57 14.44
N ASN E 13 -46.26 11.58 13.57
CA ASN E 13 -47.23 10.49 13.47
C ASN E 13 -46.94 9.48 14.58
N GLN E 14 -47.59 9.67 15.73
CA GLN E 14 -47.40 8.79 16.88
C GLN E 14 -48.15 7.46 16.72
N ALA E 15 -48.55 7.12 15.50
CA ALA E 15 -49.12 5.82 15.21
C ALA E 15 -48.20 4.69 15.67
N LEU E 16 -48.78 3.70 16.34
CA LEU E 16 -48.02 2.59 16.92
C LEU E 16 -48.25 1.32 16.11
N LEU E 17 -47.29 0.41 16.22
CA LEU E 17 -47.41 -0.92 15.62
C LEU E 17 -47.16 -1.96 16.70
N ARG E 18 -48.09 -2.89 16.84
CA ARG E 18 -47.88 -3.98 17.77
C ARG E 18 -46.92 -4.99 17.16
N ILE E 19 -46.29 -5.76 18.03
CA ILE E 19 -45.37 -6.78 17.54
C ILE E 19 -45.97 -8.15 17.84
N LEU E 20 -45.76 -8.66 19.05
CA LEU E 20 -46.18 -10.02 19.39
C LEU E 20 -45.61 -11.07 18.45
N LYS E 21 -45.71 -12.34 18.83
CA LYS E 21 -45.14 -13.42 18.03
C LYS E 21 -45.81 -14.76 18.36
N GLU E 22 -45.02 -15.67 18.93
CA GLU E 22 -45.50 -16.96 19.41
C GLU E 22 -46.12 -17.79 18.27
N THR E 23 -46.73 -18.91 18.63
CA THR E 23 -47.50 -19.71 17.69
C THR E 23 -48.99 -19.36 17.80
N GLU E 24 -49.30 -18.07 17.89
CA GLU E 24 -50.67 -17.61 17.93
C GLU E 24 -51.28 -17.61 16.54
N PHE E 25 -50.43 -17.76 15.53
CA PHE E 25 -50.80 -17.83 14.11
C PHE E 25 -50.21 -19.15 13.64
N LYS E 26 -50.98 -20.22 13.81
CA LYS E 26 -50.53 -21.54 13.41
C LYS E 26 -50.93 -21.88 11.97
N LYS E 27 -51.15 -20.86 11.14
CA LYS E 27 -51.52 -21.00 9.75
C LYS E 27 -52.74 -21.89 9.58
N ILE E 28 -52.53 -23.08 9.01
CA ILE E 28 -53.57 -24.09 8.78
C ILE E 28 -54.61 -23.60 7.78
N LYS E 29 -54.15 -23.03 6.66
CA LYS E 29 -55.00 -22.44 5.63
C LYS E 29 -54.18 -21.69 4.60
N VAL E 30 -53.68 -22.39 3.58
CA VAL E 30 -52.78 -21.80 2.58
C VAL E 30 -53.55 -20.97 1.56
N LEU E 31 -53.90 -19.75 1.95
CA LEU E 31 -54.69 -18.84 1.11
C LEU E 31 -54.03 -18.58 -0.25
N GLY E 32 -52.87 -17.90 -0.24
CA GLY E 32 -52.18 -17.54 -1.47
C GLY E 32 -50.70 -17.85 -1.46
N SER E 33 -50.07 -17.56 -2.61
CA SER E 33 -48.65 -17.79 -2.84
C SER E 33 -48.20 -17.15 -4.15
N GLY E 34 -47.84 -17.98 -5.12
CA GLY E 34 -47.49 -17.49 -6.45
C GLY E 34 -46.01 -17.30 -6.67
N ALA E 35 -45.38 -16.49 -5.81
CA ALA E 35 -43.95 -16.20 -5.89
C ALA E 35 -43.49 -15.48 -4.63
N PHE E 36 -43.09 -14.22 -4.77
CA PHE E 36 -42.58 -13.44 -3.65
C PHE E 36 -43.68 -13.03 -2.68
N GLY E 37 -44.70 -13.86 -2.54
CA GLY E 37 -45.77 -13.59 -1.59
C GLY E 37 -46.57 -14.82 -1.22
N THR E 38 -46.03 -15.65 -0.34
CA THR E 38 -46.70 -16.87 0.13
C THR E 38 -47.36 -16.53 1.45
N VAL E 39 -48.65 -16.22 1.40
CA VAL E 39 -49.37 -15.69 2.56
C VAL E 39 -50.63 -16.51 2.75
N TYR E 40 -51.00 -16.74 4.00
CA TYR E 40 -52.10 -17.64 4.32
C TYR E 40 -52.98 -17.07 5.43
N LYS E 41 -54.09 -17.77 5.67
CA LYS E 41 -55.07 -17.45 6.69
C LYS E 41 -54.87 -18.34 7.92
N GLY E 42 -55.34 -17.84 9.06
CA GLY E 42 -55.22 -18.57 10.31
C GLY E 42 -56.00 -17.87 11.40
N LEU E 43 -55.91 -18.42 12.60
CA LEU E 43 -56.50 -17.81 13.78
C LEU E 43 -55.41 -17.10 14.56
N TRP E 44 -55.82 -16.16 15.41
CA TRP E 44 -54.89 -15.40 16.23
C TRP E 44 -55.50 -15.13 17.58
N ILE E 45 -54.77 -15.46 18.63
CA ILE E 45 -55.19 -15.19 20.01
C ILE E 45 -54.34 -14.04 20.53
N PRO E 46 -54.95 -12.92 20.96
CA PRO E 46 -54.14 -11.79 21.45
C PRO E 46 -53.50 -12.03 22.82
N GLU E 47 -52.68 -11.06 23.25
CA GLU E 47 -51.90 -11.04 24.49
C GLU E 47 -52.04 -12.29 25.36
N GLY E 48 -52.73 -12.16 26.49
CA GLY E 48 -53.00 -13.29 27.35
C GLY E 48 -54.47 -13.66 27.39
N GLU E 49 -55.33 -12.66 27.17
CA GLU E 49 -56.78 -12.86 27.23
C GLU E 49 -57.21 -13.95 26.27
N LYS E 50 -57.85 -15.00 26.81
CA LYS E 50 -58.18 -16.18 26.02
C LYS E 50 -59.37 -15.94 25.10
N VAL E 51 -59.35 -14.84 24.36
CA VAL E 51 -60.30 -14.60 23.31
C VAL E 51 -59.61 -15.02 22.01
N LYS E 52 -60.42 -15.31 20.99
CA LYS E 52 -59.88 -15.80 19.73
C LYS E 52 -60.49 -15.04 18.55
N ILE E 53 -59.61 -14.55 17.68
CA ILE E 53 -60.04 -13.74 16.53
C ILE E 53 -59.29 -14.30 15.32
N PRO E 54 -59.95 -14.53 14.20
CA PRO E 54 -59.22 -15.00 13.01
C PRO E 54 -58.57 -13.85 12.25
N VAL E 55 -57.49 -14.19 11.55
CA VAL E 55 -56.57 -13.20 10.98
C VAL E 55 -55.91 -13.80 9.75
N ALA E 56 -55.57 -12.95 8.79
CA ALA E 56 -54.78 -13.35 7.64
C ALA E 56 -53.34 -12.88 7.83
N ILE E 57 -52.41 -13.72 7.42
CA ILE E 57 -50.99 -13.54 7.73
C ILE E 57 -50.19 -13.52 6.43
N LYS E 58 -49.25 -12.58 6.35
CA LYS E 58 -48.38 -12.44 5.18
C LYS E 58 -46.96 -12.78 5.60
N GLU E 59 -46.44 -13.89 5.08
CA GLU E 59 -45.07 -14.33 5.31
C GLU E 59 -44.31 -14.47 3.99
N LEU E 60 -43.06 -14.03 3.98
CA LEU E 60 -42.24 -14.03 2.77
C LEU E 60 -41.88 -15.47 2.37
N ARG E 61 -40.60 -15.82 2.54
CA ARG E 61 -40.06 -17.13 2.16
C ARG E 61 -38.56 -17.16 2.45
N GLU E 62 -37.94 -15.99 2.41
CA GLU E 62 -36.50 -15.88 2.68
C GLU E 62 -36.18 -14.42 2.95
N ALA E 63 -35.67 -14.13 4.16
CA ALA E 63 -35.19 -12.79 4.54
C ALA E 63 -33.87 -12.44 3.88
N THR E 64 -33.41 -13.30 2.97
CA THR E 64 -32.09 -13.13 2.36
C THR E 64 -32.00 -11.84 1.57
N SER E 65 -33.09 -11.43 0.93
CA SER E 65 -32.98 -10.26 0.05
C SER E 65 -33.16 -9.00 0.88
N PRO E 66 -32.23 -8.04 0.79
CA PRO E 66 -32.38 -6.80 1.56
C PRO E 66 -33.56 -5.96 1.13
N LYS E 67 -33.87 -5.93 -0.16
CA LYS E 67 -35.05 -5.22 -0.64
C LYS E 67 -36.34 -5.86 -0.14
N ALA E 68 -36.37 -7.19 -0.05
CA ALA E 68 -37.58 -7.89 0.38
C ALA E 68 -37.99 -7.46 1.79
N ASN E 69 -37.03 -7.45 2.72
CA ASN E 69 -37.36 -7.03 4.08
C ASN E 69 -37.64 -5.54 4.13
N LYS E 70 -36.91 -4.75 3.34
CA LYS E 70 -37.14 -3.31 3.31
C LYS E 70 -38.53 -2.99 2.78
N GLU E 71 -39.06 -3.80 1.86
CA GLU E 71 -40.35 -3.48 1.28
C GLU E 71 -41.48 -3.83 2.23
N ILE E 72 -41.40 -5.00 2.87
CA ILE E 72 -42.45 -5.39 3.81
C ILE E 72 -42.46 -4.50 5.04
N LEU E 73 -41.31 -3.94 5.43
CA LEU E 73 -41.29 -3.03 6.57
C LEU E 73 -42.08 -1.76 6.30
N ASP E 74 -41.69 -1.01 5.25
CA ASP E 74 -42.42 0.20 4.92
C ASP E 74 -43.84 -0.12 4.48
N GLU E 75 -44.06 -1.31 3.91
CA GLU E 75 -45.40 -1.76 3.61
C GLU E 75 -46.26 -1.74 4.87
N ALA E 76 -45.70 -2.20 5.99
CA ALA E 76 -46.41 -2.14 7.26
C ALA E 76 -46.34 -0.74 7.88
N TYR E 77 -45.26 -0.01 7.61
CA TYR E 77 -45.14 1.36 8.11
C TYR E 77 -46.34 2.19 7.68
N VAL E 78 -46.58 2.27 6.37
CA VAL E 78 -47.72 3.03 5.88
C VAL E 78 -49.01 2.47 6.45
N MET E 79 -49.13 1.14 6.51
CA MET E 79 -50.37 0.53 6.97
C MET E 79 -50.69 0.94 8.40
N ALA E 80 -49.67 1.19 9.22
CA ALA E 80 -49.85 1.65 10.58
C ALA E 80 -49.88 3.16 10.69
N SER E 81 -49.11 3.85 9.84
CA SER E 81 -49.12 5.31 9.87
C SER E 81 -50.48 5.86 9.46
N VAL E 82 -51.23 5.10 8.67
CA VAL E 82 -52.59 5.46 8.31
C VAL E 82 -53.61 4.66 9.11
N ASP E 83 -53.24 4.15 10.29
CA ASP E 83 -54.22 3.53 11.16
C ASP E 83 -54.96 4.61 11.95
N ASN E 84 -54.20 5.51 12.56
CA ASN E 84 -54.62 6.79 13.13
C ASN E 84 -56.08 6.75 13.61
N PRO E 85 -56.97 7.67 13.24
CA PRO E 85 -58.39 7.31 13.29
C PRO E 85 -58.76 6.07 12.48
N GLY E 86 -58.42 6.05 11.19
CA GLY E 86 -58.71 4.89 10.38
C GLY E 86 -60.15 4.81 9.93
N ASN E 87 -60.35 4.53 8.74
CA ASN E 87 -61.73 4.43 8.32
C ASN E 87 -62.13 2.95 8.25
N PRO E 88 -63.38 2.61 8.55
CA PRO E 88 -63.79 1.20 8.48
C PRO E 88 -63.80 0.60 7.08
N HIS E 89 -63.64 1.40 6.03
CA HIS E 89 -63.46 0.86 4.68
C HIS E 89 -61.98 0.77 4.31
N VAL E 90 -61.10 0.88 5.30
CA VAL E 90 -59.66 0.83 5.10
C VAL E 90 -59.07 -0.14 6.11
N CYS E 91 -58.36 -1.16 5.62
CA CYS E 91 -57.82 -2.20 6.47
C CYS E 91 -56.70 -1.64 7.34
N ARG E 92 -56.86 -1.77 8.65
CA ARG E 92 -55.89 -1.27 9.60
C ARG E 92 -54.80 -2.30 9.82
N LEU E 93 -53.63 -1.83 10.24
CA LEU E 93 -52.53 -2.73 10.54
C LEU E 93 -52.72 -3.23 11.97
N LEU E 94 -52.91 -4.54 12.12
CA LEU E 94 -53.07 -5.12 13.45
C LEU E 94 -51.71 -5.09 14.14
N GLY E 95 -50.80 -5.93 13.67
CA GLY E 95 -49.47 -6.00 14.25
C GLY E 95 -48.50 -6.54 13.23
N ILE E 96 -47.31 -6.88 13.70
CA ILE E 96 -46.25 -7.41 12.85
C ILE E 96 -45.35 -8.28 13.71
N CYS E 97 -44.94 -9.41 13.16
CA CYS E 97 -44.04 -10.32 13.86
C CYS E 97 -42.75 -10.46 13.05
N LEU E 98 -41.61 -10.42 13.76
CA LEU E 98 -40.29 -10.45 13.13
C LEU E 98 -39.70 -11.85 13.29
N THR E 99 -40.07 -12.75 12.38
CA THR E 99 -39.49 -14.07 12.27
C THR E 99 -38.60 -14.22 11.04
N SER E 100 -37.71 -13.26 10.78
CA SER E 100 -36.79 -13.39 9.64
C SER E 100 -37.58 -13.46 8.35
N THR E 101 -38.32 -14.55 8.16
CA THR E 101 -39.28 -14.64 7.08
C THR E 101 -40.37 -13.59 7.23
N VAL E 102 -40.49 -13.00 8.42
CA VAL E 102 -41.38 -11.90 8.75
C VAL E 102 -42.86 -12.26 8.61
N GLN E 103 -43.67 -11.88 9.58
CA GLN E 103 -45.09 -12.22 9.61
C GLN E 103 -45.88 -10.93 9.76
N LEU E 104 -46.86 -10.73 8.89
CA LEU E 104 -47.72 -9.56 8.97
C LEU E 104 -49.08 -9.99 9.44
N ILE E 105 -49.68 -9.23 10.34
CA ILE E 105 -50.91 -9.60 10.99
C ILE E 105 -51.96 -8.62 10.51
N THR E 106 -53.03 -9.16 9.92
CA THR E 106 -54.07 -8.39 9.26
C THR E 106 -55.43 -8.85 9.77
N GLN E 107 -56.49 -8.22 9.25
CA GLN E 107 -57.86 -8.62 9.53
C GLN E 107 -58.18 -9.95 8.85
N LEU E 108 -59.37 -10.45 9.14
CA LEU E 108 -59.90 -11.66 8.51
C LEU E 108 -60.85 -11.19 7.40
N MET E 109 -60.75 -11.82 6.23
CA MET E 109 -61.63 -11.43 5.12
C MET E 109 -62.23 -12.67 4.46
N PRO E 110 -63.47 -13.02 4.80
CA PRO E 110 -64.03 -14.30 4.35
C PRO E 110 -64.39 -14.33 2.87
N PHE E 111 -64.57 -13.17 2.25
CA PHE E 111 -65.15 -13.07 0.92
C PHE E 111 -64.11 -13.12 -0.19
N GLY E 112 -62.90 -13.60 0.13
CA GLY E 112 -61.87 -13.78 -0.87
C GLY E 112 -61.26 -12.46 -1.27
N CYS E 113 -62.06 -11.69 -2.01
CA CYS E 113 -61.73 -10.38 -2.55
C CYS E 113 -62.87 -9.97 -3.47
N LEU E 114 -62.97 -8.67 -3.75
CA LEU E 114 -64.12 -8.16 -4.48
C LEU E 114 -64.14 -8.66 -5.92
N LEU E 115 -62.99 -8.66 -6.61
CA LEU E 115 -62.96 -9.12 -8.00
C LEU E 115 -63.31 -10.60 -8.12
N ASP E 116 -62.76 -11.44 -7.25
CA ASP E 116 -63.09 -12.86 -7.29
C ASP E 116 -64.53 -13.14 -6.88
N TYR E 117 -65.23 -12.14 -6.37
CA TYR E 117 -66.65 -12.25 -6.10
C TYR E 117 -67.48 -11.80 -7.29
N VAL E 118 -67.05 -10.70 -7.93
CA VAL E 118 -67.77 -10.19 -9.09
C VAL E 118 -67.61 -11.13 -10.28
N ARG E 119 -66.40 -11.66 -10.50
CA ARG E 119 -66.21 -12.62 -11.57
C ARG E 119 -66.95 -13.93 -11.31
N GLU E 120 -67.12 -14.29 -10.03
CA GLU E 120 -67.79 -15.53 -9.63
C GLU E 120 -69.30 -15.39 -9.47
N HIS E 121 -69.77 -14.25 -8.95
CA HIS E 121 -71.21 -14.04 -8.75
C HIS E 121 -71.83 -13.06 -9.75
N LYS E 122 -71.74 -13.36 -11.04
CA LYS E 122 -72.39 -12.51 -12.04
C LYS E 122 -73.89 -12.40 -11.77
N ASP E 123 -74.58 -13.53 -11.65
CA ASP E 123 -75.96 -13.55 -11.21
C ASP E 123 -76.05 -13.58 -9.69
N ASN E 124 -77.28 -13.48 -9.20
CA ASN E 124 -77.58 -13.45 -7.76
C ASN E 124 -76.96 -12.24 -7.08
N ILE E 125 -76.66 -11.21 -7.86
CA ILE E 125 -76.14 -9.95 -7.34
C ILE E 125 -77.20 -8.88 -7.52
N GLY E 126 -77.24 -7.94 -6.58
CA GLY E 126 -78.27 -6.93 -6.57
C GLY E 126 -77.90 -5.73 -7.42
N SER E 127 -78.90 -5.13 -8.05
CA SER E 127 -78.68 -3.89 -8.79
C SER E 127 -78.24 -2.75 -7.87
N GLN E 128 -78.65 -2.80 -6.60
CA GLN E 128 -78.26 -1.78 -5.63
C GLN E 128 -76.82 -1.91 -5.15
N TYR E 129 -76.47 -3.11 -4.64
CA TYR E 129 -75.22 -3.33 -3.92
C TYR E 129 -74.00 -2.78 -4.65
N LEU E 130 -73.96 -2.95 -5.98
CA LEU E 130 -72.80 -2.51 -6.76
C LEU E 130 -72.47 -1.04 -6.50
N LEU E 131 -73.50 -0.20 -6.40
CA LEU E 131 -73.27 1.22 -6.16
C LEU E 131 -72.75 1.46 -4.76
N ASN E 132 -73.30 0.73 -3.77
CA ASN E 132 -72.81 0.85 -2.41
C ASN E 132 -71.31 0.54 -2.32
N TRP E 133 -70.87 -0.54 -2.98
CA TRP E 133 -69.45 -0.88 -2.99
C TRP E 133 -68.63 0.31 -3.46
N CYS E 134 -69.11 0.99 -4.50
CA CYS E 134 -68.47 2.22 -4.96
C CYS E 134 -68.49 3.31 -3.90
N VAL E 135 -69.61 3.43 -3.18
CA VAL E 135 -69.70 4.47 -2.13
C VAL E 135 -68.56 4.31 -1.15
N GLN E 136 -68.36 3.10 -0.65
CA GLN E 136 -67.31 2.88 0.35
C GLN E 136 -65.92 3.11 -0.24
N ILE E 137 -65.61 2.45 -1.36
CA ILE E 137 -64.29 2.55 -1.95
C ILE E 137 -63.89 4.00 -2.15
N ALA E 138 -64.83 4.84 -2.59
CA ALA E 138 -64.57 6.26 -2.75
C ALA E 138 -64.35 6.95 -1.42
N LYS E 139 -65.25 6.72 -0.45
CA LYS E 139 -65.11 7.34 0.86
C LYS E 139 -63.77 7.03 1.51
N GLY E 140 -63.32 5.78 1.41
CA GLY E 140 -62.07 5.39 2.05
C GLY E 140 -60.87 6.12 1.49
N MET E 141 -60.77 6.20 0.16
CA MET E 141 -59.66 6.91 -0.46
C MET E 141 -59.60 8.37 -0.02
N ASN E 142 -60.74 8.95 0.37
CA ASN E 142 -60.72 10.31 0.92
C ASN E 142 -59.85 10.37 2.17
N TYR E 143 -59.95 9.37 3.05
CA TYR E 143 -59.08 9.34 4.22
C TYR E 143 -57.62 9.24 3.79
N LEU E 144 -57.32 8.36 2.84
CA LEU E 144 -55.97 8.28 2.31
C LEU E 144 -55.57 9.57 1.61
N GLU E 145 -56.47 10.16 0.83
CA GLU E 145 -56.18 11.43 0.19
C GLU E 145 -55.89 12.52 1.22
N ASP E 146 -56.61 12.50 2.34
CA ASP E 146 -56.37 13.47 3.40
C ASP E 146 -55.10 13.14 4.20
N ARG E 147 -54.77 11.86 4.32
CA ARG E 147 -53.55 11.44 4.99
C ARG E 147 -52.35 11.43 4.06
N ARG E 148 -52.45 12.16 2.95
CA ARG E 148 -51.34 12.37 2.00
C ARG E 148 -50.71 11.05 1.59
N LEU E 149 -51.56 10.06 1.32
CA LEU E 149 -51.12 8.72 0.96
C LEU E 149 -51.64 8.38 -0.42
N VAL E 150 -50.77 7.87 -1.28
CA VAL E 150 -51.20 7.31 -2.55
C VAL E 150 -51.16 5.80 -2.45
N HIS E 151 -51.93 5.14 -3.30
CA HIS E 151 -52.06 3.70 -3.24
C HIS E 151 -51.54 3.00 -4.48
N ARG E 152 -51.59 3.67 -5.64
CA ARG E 152 -51.04 3.17 -6.90
C ARG E 152 -51.74 1.91 -7.39
N ASP E 153 -51.68 0.85 -6.58
CA ASP E 153 -52.24 -0.44 -6.96
C ASP E 153 -53.65 -0.55 -6.38
N LEU E 154 -54.53 0.26 -6.93
CA LEU E 154 -55.94 0.24 -6.54
C LEU E 154 -56.69 -0.44 -7.67
N ALA E 155 -57.36 -1.55 -7.35
CA ALA E 155 -58.05 -2.38 -8.33
C ALA E 155 -59.12 -3.18 -7.60
N ALA E 156 -59.89 -3.95 -8.37
CA ALA E 156 -60.96 -4.74 -7.77
C ALA E 156 -60.42 -5.87 -6.90
N ARG E 157 -59.33 -6.52 -7.32
CA ARG E 157 -58.75 -7.57 -6.48
C ARG E 157 -58.23 -7.01 -5.16
N ASN E 158 -57.72 -5.77 -5.15
CA ASN E 158 -57.13 -5.18 -3.95
C ASN E 158 -58.16 -4.45 -3.10
N VAL E 159 -59.42 -4.85 -3.26
CA VAL E 159 -60.51 -4.39 -2.42
C VAL E 159 -61.15 -5.64 -1.84
N LEU E 160 -61.27 -5.68 -0.53
CA LEU E 160 -61.76 -6.86 0.16
C LEU E 160 -63.14 -6.58 0.68
N VAL E 161 -63.85 -7.65 1.02
CA VAL E 161 -65.24 -7.59 1.40
C VAL E 161 -65.38 -8.25 2.76
N LYS E 162 -65.56 -7.45 3.81
CA LYS E 162 -65.82 -8.01 5.13
C LYS E 162 -67.18 -8.69 5.16
N THR E 163 -68.24 -7.96 4.83
CA THR E 163 -69.59 -8.47 4.59
C THR E 163 -70.05 -7.89 3.27
N PRO E 164 -71.07 -8.48 2.61
CA PRO E 164 -71.51 -7.94 1.30
C PRO E 164 -71.88 -6.47 1.33
N GLN E 165 -72.05 -5.87 2.52
CA GLN E 165 -72.35 -4.46 2.66
C GLN E 165 -71.18 -3.71 3.29
N HIS E 166 -69.98 -4.27 3.21
CA HIS E 166 -68.77 -3.65 3.75
C HIS E 166 -67.57 -4.12 2.95
N VAL E 167 -66.89 -3.18 2.27
CA VAL E 167 -65.69 -3.47 1.51
C VAL E 167 -64.56 -2.63 2.08
N LYS E 168 -63.32 -3.06 1.82
CA LYS E 168 -62.16 -2.35 2.34
C LYS E 168 -61.04 -2.38 1.30
N ILE E 169 -60.01 -1.55 1.53
CA ILE E 169 -58.85 -1.44 0.66
C ILE E 169 -57.66 -2.05 1.38
N THR E 170 -56.76 -2.67 0.61
CA THR E 170 -55.58 -3.28 1.20
C THR E 170 -54.49 -3.26 0.12
N ASP E 171 -53.42 -4.03 0.33
CA ASP E 171 -52.22 -4.04 -0.52
C ASP E 171 -51.62 -2.65 -0.60
N PHE E 172 -51.30 -2.09 0.56
CA PHE E 172 -50.59 -0.83 0.63
C PHE E 172 -49.10 -0.98 0.33
N GLY E 173 -48.73 -2.11 -0.30
CA GLY E 173 -47.32 -2.40 -0.57
C GLY E 173 -46.65 -1.37 -1.45
N LEU E 174 -47.34 -0.95 -2.51
CA LEU E 174 -46.80 0.03 -3.43
C LEU E 174 -47.19 1.42 -3.03
N ALA E 175 -47.72 1.58 -1.82
CA ALA E 175 -48.10 2.88 -1.31
C ALA E 175 -46.87 3.73 -1.07
N LYS E 176 -47.12 5.00 -0.77
CA LYS E 176 -46.08 5.96 -0.44
C LYS E 176 -46.73 7.18 0.19
N LEU E 177 -46.16 7.66 1.30
CA LEU E 177 -46.76 8.75 2.06
C LEU E 177 -46.08 10.05 1.65
N LEU E 178 -46.86 10.96 1.07
CA LEU E 178 -46.34 12.24 0.63
C LEU E 178 -46.24 13.22 1.79
N GLY E 179 -45.10 13.91 1.88
CA GLY E 179 -44.88 14.92 2.90
C GLY E 179 -45.44 16.26 2.51
N ALA E 180 -45.17 17.26 3.36
CA ALA E 180 -45.57 18.63 3.07
C ALA E 180 -44.93 19.09 1.76
N GLU E 181 -45.66 19.92 1.01
CA GLU E 181 -45.28 20.32 -0.34
C GLU E 181 -45.16 19.06 -1.18
N GLU E 182 -44.45 19.15 -2.31
CA GLU E 182 -44.22 18.04 -3.24
C GLU E 182 -45.36 17.03 -3.32
N LYS E 183 -46.45 17.38 -4.01
CA LYS E 183 -47.62 16.50 -4.12
C LYS E 183 -47.45 15.53 -5.30
N GLU E 184 -46.43 14.71 -5.21
CA GLU E 184 -46.11 13.76 -6.27
C GLU E 184 -45.16 12.73 -5.69
N TYR E 185 -44.79 11.75 -6.53
CA TYR E 185 -43.90 10.66 -6.10
C TYR E 185 -42.66 10.61 -6.98
N HIS E 186 -42.78 10.22 -8.26
CA HIS E 186 -41.64 10.17 -9.18
C HIS E 186 -40.58 9.16 -8.78
N ALA E 187 -39.71 8.80 -9.73
CA ALA E 187 -38.63 7.83 -9.52
C ALA E 187 -39.15 6.43 -9.28
N GLU E 188 -38.25 5.54 -8.82
CA GLU E 188 -38.52 4.13 -8.60
C GLU E 188 -38.86 3.42 -9.92
N GLY E 189 -38.18 2.31 -10.18
CA GLY E 189 -38.44 1.52 -11.37
C GLY E 189 -39.63 0.59 -11.22
N GLY E 190 -39.42 -0.59 -10.64
CA GLY E 190 -40.46 -1.57 -10.47
C GLY E 190 -41.13 -1.94 -11.77
N LYS E 191 -42.39 -2.34 -11.64
CA LYS E 191 -43.27 -2.62 -12.76
C LYS E 191 -44.69 -2.65 -12.20
N VAL E 192 -45.64 -3.10 -13.03
CA VAL E 192 -47.05 -3.33 -12.73
C VAL E 192 -47.73 -2.07 -12.18
N PRO E 193 -49.07 -1.98 -12.19
CA PRO E 193 -50.11 -2.81 -12.82
C PRO E 193 -50.49 -2.42 -14.25
N ILE E 194 -49.59 -1.72 -14.93
CA ILE E 194 -49.80 -1.06 -16.23
C ILE E 194 -51.23 -0.56 -16.47
N LYS E 195 -52.22 -1.47 -16.47
CA LYS E 195 -53.58 -1.10 -16.88
C LYS E 195 -54.22 -0.09 -15.93
N TRP E 196 -54.09 -0.31 -14.62
CA TRP E 196 -54.72 0.58 -13.64
C TRP E 196 -53.93 1.86 -13.42
N MET E 197 -53.05 2.21 -14.36
CA MET E 197 -52.21 3.39 -14.26
C MET E 197 -52.61 4.38 -15.33
N ALA E 198 -52.37 5.66 -15.05
CA ALA E 198 -52.72 6.75 -15.94
C ALA E 198 -51.53 7.11 -16.83
N LEU E 199 -51.82 7.67 -18.02
CA LEU E 199 -50.75 8.06 -18.93
C LEU E 199 -49.84 9.11 -18.32
N GLU E 200 -50.38 9.94 -17.42
CA GLU E 200 -49.54 10.88 -16.67
C GLU E 200 -48.42 10.16 -15.94
N SER E 201 -48.62 8.90 -15.58
CA SER E 201 -47.63 8.12 -14.84
C SER E 201 -46.75 7.27 -15.74
N ILE E 202 -47.33 6.59 -16.74
CA ILE E 202 -46.58 5.73 -17.65
C ILE E 202 -45.49 6.51 -18.37
N LEU E 203 -45.74 7.80 -18.63
CA LEU E 203 -44.83 8.62 -19.43
C LEU E 203 -43.83 9.41 -18.59
N HIS E 204 -44.18 9.83 -17.38
CA HIS E 204 -43.29 10.66 -16.58
C HIS E 204 -42.99 10.08 -15.21
N ARG E 205 -43.48 8.87 -14.92
CA ARG E 205 -43.19 8.16 -13.68
C ARG E 205 -43.62 8.95 -12.45
N ILE E 206 -44.60 9.85 -12.60
CA ILE E 206 -45.09 10.65 -11.48
C ILE E 206 -46.41 10.06 -11.01
N TYR E 207 -46.65 10.14 -9.70
CA TYR E 207 -47.84 9.54 -9.11
C TYR E 207 -48.42 10.55 -8.12
N THR E 208 -49.61 11.05 -8.41
CA THR E 208 -50.34 11.97 -7.55
C THR E 208 -51.55 11.27 -6.94
N HIS E 209 -52.28 12.03 -6.13
CA HIS E 209 -53.55 11.52 -5.61
C HIS E 209 -54.50 11.17 -6.74
N GLN E 210 -54.41 11.90 -7.84
CA GLN E 210 -55.24 11.65 -9.02
C GLN E 210 -54.80 10.44 -9.82
N SER E 211 -53.59 9.94 -9.59
CA SER E 211 -53.18 8.69 -10.22
C SER E 211 -54.06 7.53 -9.77
N ASP E 212 -54.56 7.59 -8.53
CA ASP E 212 -55.51 6.58 -8.07
C ASP E 212 -56.90 6.81 -8.68
N VAL E 213 -57.24 8.07 -8.95
CA VAL E 213 -58.52 8.37 -9.59
C VAL E 213 -58.67 7.61 -10.90
N TRP E 214 -57.63 7.66 -11.74
CA TRP E 214 -57.63 6.87 -12.96
C TRP E 214 -57.86 5.40 -12.63
N SER E 215 -57.12 4.88 -11.65
CA SER E 215 -57.29 3.49 -11.23
C SER E 215 -58.71 3.24 -10.71
N TYR E 216 -59.26 4.18 -9.94
CA TYR E 216 -60.62 4.04 -9.43
C TYR E 216 -61.60 3.73 -10.56
N GLY E 217 -61.51 4.50 -11.65
CA GLY E 217 -62.36 4.22 -12.80
C GLY E 217 -62.15 2.84 -13.37
N VAL E 218 -60.89 2.46 -13.57
CA VAL E 218 -60.59 1.14 -14.11
C VAL E 218 -61.09 0.05 -13.17
N THR E 219 -61.03 0.32 -11.86
CA THR E 219 -61.53 -0.63 -10.88
C THR E 219 -63.02 -0.83 -11.04
N VAL E 220 -63.78 0.27 -10.98
CA VAL E 220 -65.22 0.18 -11.15
C VAL E 220 -65.58 -0.44 -12.49
N TRP E 221 -64.89 -0.03 -13.56
CA TRP E 221 -65.14 -0.59 -14.89
C TRP E 221 -65.08 -2.12 -14.84
N GLU E 222 -64.08 -2.67 -14.17
CA GLU E 222 -63.99 -4.11 -13.97
C GLU E 222 -65.22 -4.63 -13.23
N LEU E 223 -65.63 -3.92 -12.18
CA LEU E 223 -66.82 -4.34 -11.43
C LEU E 223 -68.05 -4.35 -12.34
N MET E 224 -68.26 -3.27 -13.09
CA MET E 224 -69.45 -3.19 -13.94
C MET E 224 -69.37 -4.20 -15.09
N THR E 225 -68.18 -4.39 -15.66
CA THR E 225 -68.03 -5.38 -16.72
C THR E 225 -67.99 -6.81 -16.19
N PHE E 226 -68.21 -6.98 -14.88
CA PHE E 226 -68.32 -8.29 -14.25
C PHE E 226 -67.06 -9.17 -14.32
N GLY E 227 -66.01 -8.79 -13.58
CA GLY E 227 -64.82 -9.60 -13.51
C GLY E 227 -64.13 -9.72 -14.85
N SER E 228 -64.15 -8.63 -15.62
CA SER E 228 -63.48 -8.58 -16.90
C SER E 228 -62.11 -7.93 -16.77
N LYS E 229 -61.23 -8.27 -17.70
CA LYS E 229 -59.87 -7.78 -17.62
C LYS E 229 -59.75 -6.53 -18.46
N PRO E 230 -59.36 -5.40 -17.89
CA PRO E 230 -59.22 -4.17 -18.67
C PRO E 230 -58.21 -4.34 -19.80
N TYR E 231 -58.54 -3.79 -20.96
CA TYR E 231 -57.70 -3.88 -22.14
C TYR E 231 -57.33 -5.34 -22.44
N ASP E 232 -58.38 -6.15 -22.61
CA ASP E 232 -58.22 -7.58 -22.88
C ASP E 232 -57.31 -7.82 -24.06
N GLY E 233 -56.20 -8.53 -23.80
CA GLY E 233 -55.29 -8.86 -24.86
C GLY E 233 -54.35 -7.75 -25.27
N ILE E 234 -54.67 -6.49 -24.93
CA ILE E 234 -53.91 -5.33 -25.35
C ILE E 234 -52.49 -5.48 -24.81
N PRO E 235 -51.47 -5.48 -25.67
CA PRO E 235 -50.11 -5.63 -25.17
C PRO E 235 -49.75 -4.42 -24.31
N ALA E 236 -49.25 -4.70 -23.09
CA ALA E 236 -49.04 -3.62 -22.13
C ALA E 236 -48.11 -2.54 -22.68
N SER E 237 -47.18 -2.92 -23.56
CA SER E 237 -46.24 -1.97 -24.15
C SER E 237 -46.94 -0.91 -25.00
N GLU E 238 -48.22 -1.13 -25.36
CA GLU E 238 -48.97 -0.26 -26.24
C GLU E 238 -50.08 0.50 -25.53
N ILE E 239 -50.33 0.20 -24.25
CA ILE E 239 -51.35 0.91 -23.48
C ILE E 239 -51.10 2.40 -23.54
N SER E 240 -49.81 2.79 -23.58
CA SER E 240 -49.48 4.19 -23.79
C SER E 240 -50.11 4.70 -25.08
N SER E 241 -50.04 3.90 -26.16
CA SER E 241 -50.55 4.35 -27.45
C SER E 241 -52.07 4.37 -27.43
N ILE E 242 -52.68 3.26 -26.98
CA ILE E 242 -54.14 3.14 -26.98
C ILE E 242 -54.76 4.30 -26.22
N LEU E 243 -54.06 4.82 -25.21
CA LEU E 243 -54.58 5.93 -24.43
C LEU E 243 -54.44 7.27 -25.16
N GLU E 244 -53.23 7.58 -25.64
CA GLU E 244 -53.03 8.85 -26.34
C GLU E 244 -53.78 8.90 -27.66
N LYS E 245 -54.00 7.74 -28.29
CA LYS E 245 -54.79 7.73 -29.51
C LYS E 245 -56.23 8.13 -29.24
N GLY E 246 -56.70 7.96 -28.01
CA GLY E 246 -58.04 8.38 -27.66
C GLY E 246 -58.84 7.26 -27.03
N GLU E 247 -58.52 6.03 -27.43
CA GLU E 247 -59.27 4.87 -26.97
C GLU E 247 -59.25 4.78 -25.45
N ARG E 248 -60.37 4.35 -24.89
CA ARG E 248 -60.45 4.09 -23.48
C ARG E 248 -61.31 2.85 -23.32
N LEU E 249 -61.42 2.36 -22.09
CA LEU E 249 -62.24 1.20 -21.82
C LEU E 249 -63.67 1.47 -22.30
N PRO E 250 -64.31 0.52 -22.97
CA PRO E 250 -65.63 0.80 -23.56
C PRO E 250 -66.69 0.98 -22.49
N GLN E 251 -67.86 1.43 -22.92
CA GLN E 251 -68.93 1.66 -21.96
C GLN E 251 -69.37 0.31 -21.41
N PRO E 252 -69.40 0.12 -20.09
CA PRO E 252 -69.91 -1.15 -19.55
C PRO E 252 -71.37 -1.30 -19.92
N PRO E 253 -71.80 -2.51 -20.30
CA PRO E 253 -73.16 -2.64 -20.84
C PRO E 253 -74.23 -2.30 -19.82
N ILE E 254 -74.12 -2.82 -18.59
CA ILE E 254 -75.13 -2.60 -17.58
C ILE E 254 -75.18 -1.15 -17.09
N CYS E 255 -74.20 -0.34 -17.46
CA CYS E 255 -74.07 1.04 -17.00
C CYS E 255 -74.83 2.01 -17.90
N THR E 256 -75.45 3.03 -17.30
CA THR E 256 -76.08 4.16 -17.97
C THR E 256 -75.03 5.26 -18.25
N ILE E 257 -75.39 6.25 -19.11
CA ILE E 257 -74.40 7.26 -19.52
C ILE E 257 -73.81 7.96 -18.33
N ASP E 258 -74.68 8.36 -17.39
CA ASP E 258 -74.26 9.22 -16.27
C ASP E 258 -73.12 8.61 -15.47
N VAL E 259 -73.18 7.30 -15.21
CA VAL E 259 -72.08 6.63 -14.51
C VAL E 259 -70.86 6.53 -15.44
N TYR E 260 -71.06 6.06 -16.68
CA TYR E 260 -69.96 6.01 -17.64
C TYR E 260 -69.35 7.38 -17.88
N MET E 261 -70.16 8.43 -17.82
CA MET E 261 -69.63 9.79 -17.90
C MET E 261 -68.65 10.06 -16.76
N ILE E 262 -68.92 9.50 -15.58
CA ILE E 262 -67.97 9.63 -14.48
C ILE E 262 -66.69 8.86 -14.77
N MET E 263 -66.84 7.58 -15.16
CA MET E 263 -65.68 6.75 -15.46
C MET E 263 -64.80 7.39 -16.54
N VAL E 264 -65.43 7.99 -17.55
CA VAL E 264 -64.66 8.59 -18.63
C VAL E 264 -63.98 9.87 -18.17
N LYS E 265 -64.69 10.68 -17.38
CA LYS E 265 -64.11 11.92 -16.86
C LYS E 265 -62.84 11.67 -16.05
N CYS E 266 -62.79 10.55 -15.31
CA CYS E 266 -61.56 10.24 -14.59
C CYS E 266 -60.46 9.83 -15.55
N TRP E 267 -60.81 9.12 -16.63
CA TRP E 267 -59.81 8.63 -17.56
C TRP E 267 -59.37 9.70 -18.56
N MET E 268 -59.68 10.96 -18.25
CA MET E 268 -59.19 12.10 -19.00
C MET E 268 -57.72 12.33 -18.66
N ILE E 269 -57.02 13.00 -19.58
CA ILE E 269 -55.61 13.30 -19.34
C ILE E 269 -55.47 14.29 -18.18
N ASP E 270 -55.29 15.59 -18.51
CA ASP E 270 -55.10 16.67 -17.54
C ASP E 270 -55.71 16.29 -16.19
N ALA E 271 -54.84 15.92 -15.23
CA ALA E 271 -55.29 15.40 -13.94
C ALA E 271 -56.10 16.40 -13.14
N ASP E 272 -55.96 17.69 -13.44
CA ASP E 272 -56.74 18.71 -12.76
C ASP E 272 -58.18 18.72 -13.27
N SER E 273 -58.38 18.30 -14.52
CA SER E 273 -59.72 18.17 -15.09
C SER E 273 -60.41 16.87 -14.69
N ARG E 274 -59.74 16.04 -13.89
CA ARG E 274 -60.30 14.82 -13.33
C ARG E 274 -61.10 15.10 -12.06
N PRO E 275 -61.99 14.20 -11.68
CA PRO E 275 -62.74 14.40 -10.44
C PRO E 275 -61.91 14.09 -9.21
N LYS E 276 -62.29 14.73 -8.11
CA LYS E 276 -61.68 14.48 -6.81
C LYS E 276 -62.47 13.39 -6.10
N PHE E 277 -61.79 12.64 -5.23
CA PHE E 277 -62.45 11.52 -4.57
C PHE E 277 -63.63 11.99 -3.72
N ARG E 278 -63.48 13.13 -3.05
CA ARG E 278 -64.58 13.69 -2.26
C ARG E 278 -65.86 13.89 -3.09
N GLU E 279 -65.76 14.56 -4.24
CA GLU E 279 -66.95 14.77 -5.08
C GLU E 279 -67.51 13.45 -5.59
N LEU E 280 -66.65 12.46 -5.80
CA LEU E 280 -67.11 11.17 -6.28
C LEU E 280 -68.08 10.54 -5.30
N ILE E 281 -67.84 10.75 -3.99
CA ILE E 281 -68.76 10.28 -2.98
C ILE E 281 -70.15 10.87 -3.17
N ILE E 282 -70.23 12.20 -3.30
CA ILE E 282 -71.52 12.88 -3.34
C ILE E 282 -72.32 12.43 -4.56
N GLU E 283 -71.71 12.50 -5.74
CA GLU E 283 -72.40 12.09 -6.96
C GLU E 283 -72.83 10.64 -6.88
N PHE E 284 -71.98 9.77 -6.33
CA PHE E 284 -72.35 8.37 -6.20
C PHE E 284 -73.30 8.14 -5.01
N SER E 285 -73.21 8.97 -3.98
CA SER E 285 -74.17 8.85 -2.87
C SER E 285 -75.57 9.21 -3.33
N LYS E 286 -75.68 10.20 -4.22
CA LYS E 286 -76.95 10.51 -4.85
C LYS E 286 -77.41 9.37 -5.75
N MET E 287 -76.50 8.87 -6.61
CA MET E 287 -76.86 7.79 -7.53
C MET E 287 -77.31 6.53 -6.80
N ALA E 288 -76.79 6.30 -5.58
CA ALA E 288 -77.20 5.13 -4.81
C ALA E 288 -78.68 5.17 -4.44
N ARG E 289 -79.26 6.37 -4.35
CA ARG E 289 -80.65 6.50 -3.95
C ARG E 289 -81.61 6.02 -5.03
N ASP E 290 -81.12 5.76 -6.25
CA ASP E 290 -81.94 5.17 -7.32
C ASP E 290 -81.07 4.27 -8.20
N PRO E 291 -80.72 3.08 -7.72
CA PRO E 291 -79.87 2.20 -8.54
C PRO E 291 -80.59 1.66 -9.76
N GLN E 292 -81.91 1.42 -9.66
CA GLN E 292 -82.64 0.82 -10.77
C GLN E 292 -82.71 1.72 -11.99
N ARG E 293 -82.52 3.02 -11.82
CA ARG E 293 -82.47 3.93 -12.95
C ARG E 293 -81.08 3.97 -13.58
N TYR E 294 -80.07 3.42 -12.88
CA TYR E 294 -78.70 3.41 -13.37
C TYR E 294 -78.14 2.01 -13.59
N LEU E 295 -78.88 0.94 -13.29
CA LEU E 295 -78.39 -0.42 -13.46
C LEU E 295 -79.52 -1.36 -13.87
N VAL E 296 -79.14 -2.46 -14.53
CA VAL E 296 -80.06 -3.41 -15.16
C VAL E 296 -80.06 -4.74 -14.40
N ILE E 297 -80.59 -5.79 -15.05
CA ILE E 297 -80.42 -7.21 -14.71
C ILE E 297 -81.55 -7.71 -13.82
N GLN E 298 -81.62 -7.23 -12.59
CA GLN E 298 -82.65 -7.68 -11.65
C GLN E 298 -82.86 -6.66 -10.55
C02 A1L8T F . 26.65 -3.83 -9.80
C03 A1L8T F . 27.72 -3.90 -8.91
C04 A1L8T F . 28.94 -3.26 -9.17
C05 A1L8T F . 30.13 -3.34 -8.17
C06 A1L8T F . 30.33 -1.85 -7.54
C07 A1L8T F . 29.34 -1.72 -6.68
C10 A1L8T F . 29.88 -5.56 -7.16
C11 A1L8T F . 29.90 -6.29 -5.97
C12 A1L8T F . 29.92 -7.69 -6.10
C14 A1L8T F . 29.35 -8.38 -3.61
C15 A1L8T F . 28.30 -9.20 -3.19
C17 A1L8T F . 27.78 -11.47 -3.45
C18 A1L8T F . 27.73 -9.01 -1.91
C19 A1L8T F . 28.24 -8.01 -1.06
C21 A1L8T F . 26.87 -6.51 0.60
C22 A1L8T F . 25.95 -6.68 1.81
C23 A1L8T F . 26.68 -7.14 3.00
C25 A1L8T F . 25.60 -8.19 4.68
C26 A1L8T F . 24.84 -7.93 6.01
C28 A1L8T F . 24.27 -6.08 7.10
C29 A1L8T F . 24.06 -6.19 8.61
C30 A1L8T F . 22.85 -6.17 7.67
C31 A1L8T F . 26.19 -6.04 6.02
C32 A1L8T F . 25.78 -5.89 4.54
C33 A1L8T F . 27.39 -8.41 2.78
C34 A1L8T F . 28.35 -8.29 1.57
C35 A1L8T F . 29.31 -7.19 -1.47
C37 A1L8T F . 30.18 -4.76 -0.97
C38 A1L8T F . 30.69 -3.75 0.08
C39 A1L8T F . 32.21 -3.67 0.08
C41 A1L8T F . 29.86 -7.38 -2.75
C43 A1L8T F . 29.94 -7.50 -8.39
C45 A1L8T F . 29.08 -2.53 -10.34
C46 A1L8T F . 28.01 -2.45 -11.22
C48 A1L8T F . 26.79 -3.10 -10.95
F01 A1L8T F . 25.46 -4.45 -9.55
F47 A1L8T F . 28.12 -1.74 -12.37
N09 A1L8T F . 29.85 -4.10 -7.16
N13 A1L8T F . 29.95 -8.60 -4.94
N20 A1L8T F . 27.65 -7.80 0.28
N24 A1L8T F . 25.71 -7.09 3.87
N27 A1L8T F . 25.27 -6.81 6.71
N36 A1L8T F . 29.81 -6.13 -0.55
N42 A1L8T F . 29.95 -8.24 -7.29
N44 A1L8T F . 29.91 -6.18 -8.33
O08 A1L8T F . 29.06 -3.14 -6.19
O16 A1L8T F . 27.81 -10.20 -4.05
O40 A1L8T F . 30.10 -4.40 -2.10
C02 A1L8T G . 35.63 -18.01 25.84
C03 A1L8T G . 34.89 -16.83 25.69
C04 A1L8T G . 33.51 -16.83 25.83
C05 A1L8T G . 32.71 -15.49 25.65
C06 A1L8T G . 32.87 -14.52 26.95
C07 A1L8T G . 32.86 -13.29 26.53
C10 A1L8T G . 33.35 -15.38 23.25
C11 A1L8T G . 33.60 -14.50 22.22
C12 A1L8T G . 33.74 -14.99 20.92
C14 A1L8T G . 34.20 -12.63 20.01
C15 A1L8T G . 35.39 -12.04 19.55
C17 A1L8T G . 36.30 -12.73 17.47
C18 A1L8T G . 35.61 -10.66 19.76
C19 A1L8T G . 34.64 -9.90 20.44
C21 A1L8T G . 35.87 -7.77 19.72
C22 A1L8T G . 35.75 -6.24 19.80
C23 A1L8T G . 35.96 -5.76 21.17
C25 A1L8T G . 35.33 -3.70 21.95
C26 A1L8T G . 36.15 -2.59 22.66
C28 A1L8T G . 37.14 -1.39 21.07
C29 A1L8T G . 36.74 0.00 21.58
C30 A1L8T G . 36.04 -0.59 20.36
C31 A1L8T G . 38.03 -3.31 21.61
C32 A1L8T G . 37.20 -4.05 20.54
C33 A1L8T G . 34.99 -6.35 22.11
C34 A1L8T G . 35.11 -7.89 22.07
C35 A1L8T G . 33.45 -10.48 20.89
C37 A1L8T G . 32.35 -9.57 23.07
C38 A1L8T G . 31.25 -8.72 23.74
C39 A1L8T G . 29.97 -8.70 22.88
C41 A1L8T G . 33.25 -11.84 20.67
C43 A1L8T G . 33.42 -17.13 21.74
C45 A1L8T G . 32.84 -18.02 26.13
C46 A1L8T G . 33.57 -19.19 26.27
C48 A1L8T G . 34.96 -19.19 26.13
F01 A1L8T G . 36.98 -17.96 25.69
F47 A1L8T G . 32.89 -20.34 26.57
N09 A1L8T G . 33.20 -14.86 24.63
N13 A1L8T G . 33.98 -14.09 19.79
N20 A1L8T G . 34.87 -8.45 20.65
N24 A1L8T G . 35.96 -4.46 20.97
N27 A1L8T G . 37.33 -2.21 22.05
N36 A1L8T G . 32.41 -9.66 21.60
N42 A1L8T G . 33.65 -16.30 20.73
N44 A1L8T G . 33.27 -16.68 22.99
O08 A1L8T G . 32.99 -13.34 25.00
O16 A1L8T G . 36.35 -12.84 18.88
O40 A1L8T G . 33.15 -10.14 23.73
C02 A1L8T H . 9.47 17.70 -54.22
C03 A1L8T H . 10.12 16.63 -53.60
C04 A1L8T H . 10.82 16.83 -52.42
C05 A1L8T H . 11.57 15.65 -51.72
C06 A1L8T H . 10.53 14.53 -51.15
C07 A1L8T H . 10.55 13.50 -51.94
C10 A1L8T H . 13.46 15.72 -53.32
C11 A1L8T H . 14.39 14.92 -53.96
C12 A1L8T H . 15.45 15.52 -54.65
C14 A1L8T H . 16.28 13.26 -55.60
C15 A1L8T H . 16.36 12.75 -56.92
C17 A1L8T H . 17.72 13.26 -58.78
C18 A1L8T H . 16.19 11.38 -57.15
C19 A1L8T H . 15.96 10.50 -56.09
C21 A1L8T H . 14.40 8.42 -56.17
C22 A1L8T H . 14.31 7.25 -57.16
C23 A1L8T H . 15.28 6.17 -56.91
C25 A1L8T H . 16.63 4.83 -58.08
C26 A1L8T H . 16.18 3.35 -58.27
C28 A1L8T H . 14.59 2.11 -59.19
C29 A1L8T H . 13.35 1.32 -58.77
C30 A1L8T H . 14.57 0.58 -59.33
C31 A1L8T H . 13.96 4.10 -58.52
C32 A1L8T H . 14.62 5.43 -58.96
C33 A1L8T H . 16.40 6.52 -56.00
C34 A1L8T H . 16.78 8.00 -55.80
C35 A1L8T H . 15.87 10.99 -54.77
C37 A1L8T H . 14.27 9.92 -53.07
C38 A1L8T H . 14.08 8.93 -51.88
C39 A1L8T H . 15.36 8.15 -51.56
C41 A1L8T H . 16.05 12.36 -54.53
C43 A1L8T H . 14.62 17.59 -54.04
C45 A1L8T H . 10.88 18.09 -51.85
C46 A1L8T H . 10.22 19.15 -52.46
C48 A1L8T H . 9.52 18.96 -53.65
F01 A1L8T H . 8.77 17.53 -55.38
F47 A1L8T H . 10.29 20.39 -51.90
N09 A1L8T H . 12.35 15.09 -52.59
N13 A1L8T H . 16.45 14.71 -55.35
N20 A1L8T H . 15.78 9.04 -56.33
N24 A1L8T H . 15.65 5.80 -58.12
N27 A1L8T H . 14.84 3.05 -58.33
N36 A1L8T H . 15.63 10.07 -53.63
N42 A1L8T H . 15.52 16.85 -54.68
N44 A1L8T H . 13.61 17.04 -53.37
O08 A1L8T H . 11.71 13.69 -52.91
O16 A1L8T H . 16.61 13.63 -58.00
O40 A1L8T H . 13.35 10.53 -53.51
C02 A1L8T I . -11.05 3.08 34.50
C03 A1L8T I . -12.33 2.89 34.02
C04 A1L8T I . -12.53 2.63 32.66
C05 A1L8T I . -14.00 2.45 32.17
C06 A1L8T I . -14.52 0.94 32.51
C07 A1L8T I . -15.76 1.03 32.92
C10 A1L8T I . -14.56 4.77 32.88
C11 A1L8T I . -15.52 5.62 33.48
C12 A1L8T I . -15.24 6.99 33.50
C14 A1L8T I . -16.99 7.72 35.25
C15 A1L8T I . -16.68 8.36 36.47
C17 A1L8T I . -14.31 8.62 36.54
C18 A1L8T I . -17.48 8.11 37.60
C19 A1L8T I . -18.58 7.23 37.51
C21 A1L8T I . -20.87 7.44 38.72
C22 A1L8T I . -21.86 6.37 39.21
C23 A1L8T I . -21.50 5.96 40.58
C25 A1L8T I . -22.16 4.60 42.17
C26 A1L8T I . -22.48 5.58 43.31
C28 A1L8T I . -24.26 4.68 44.14
C29 A1L8T I . -24.36 5.05 45.63
C30 A1L8T I . -23.79 3.70 45.23
C31 A1L8T I . -24.54 5.80 42.26
C32 A1L8T I . -23.72 5.77 40.95
C33 A1L8T I . -20.17 5.34 40.61
C34 A1L8T I . -19.30 5.58 39.36
C35 A1L8T I . -18.89 6.60 36.29
C37 A1L8T I . -19.92 4.22 36.21
C38 A1L8T I . -21.19 3.35 36.07
C39 A1L8T I . -22.28 4.04 35.24
C41 A1L8T I . -18.09 6.84 35.17
C43 A1L8T I . -13.24 6.61 32.42
C45 A1L8T I . -11.45 2.57 31.79
C46 A1L8T I . -10.17 2.77 32.30
C48 A1L8T I . -9.96 3.01 33.66
F01 A1L8T I . -10.89 3.33 35.84
F47 A1L8T I . -9.08 2.70 31.48
N09 A1L8T I . -14.75 3.30 32.81
N13 A1L8T I . -16.17 7.98 34.06
N20 A1L8T I . -19.40 6.99 38.72
N24 A1L8T I . -22.48 5.17 40.96
N27 A1L8T I . -23.84 5.68 43.45
N36 A1L8T I . -20.05 5.68 36.17
N42 A1L8T I . -14.11 7.44 32.96
N44 A1L8T I . -13.46 5.31 32.38
O08 A1L8T I . -15.97 2.47 33.38
O16 A1L8T I . -15.57 9.23 36.55
O40 A1L8T I . -18.87 3.71 36.33
#